data_4H8L
# 
_entry.id   4H8L 
# 
_audit_conform.dict_name       mmcif_pdbx.dic 
_audit_conform.dict_version    5.397 
_audit_conform.dict_location   http://mmcif.pdb.org/dictionaries/ascii/mmcif_pdbx.dic 
# 
loop_
_database_2.database_id 
_database_2.database_code 
_database_2.pdbx_database_accession 
_database_2.pdbx_DOI 
PDB   4H8L         pdb_00004h8l 10.2210/pdb4h8l/pdb 
RCSB  RCSB075155   ?            ?                   
WWPDB D_1000075155 ?            ?                   
# 
loop_
_pdbx_audit_revision_history.ordinal 
_pdbx_audit_revision_history.data_content_type 
_pdbx_audit_revision_history.major_revision 
_pdbx_audit_revision_history.minor_revision 
_pdbx_audit_revision_history.revision_date 
1 'Structure model' 1 0 2014-02-05 
2 'Structure model' 1 1 2023-09-20 
3 'Structure model' 1 2 2024-10-16 
# 
_pdbx_audit_revision_details.ordinal             1 
_pdbx_audit_revision_details.revision_ordinal    1 
_pdbx_audit_revision_details.data_content_type   'Structure model' 
_pdbx_audit_revision_details.provider            repository 
_pdbx_audit_revision_details.type                'Initial release' 
_pdbx_audit_revision_details.description         ? 
_pdbx_audit_revision_details.details             ? 
# 
loop_
_pdbx_audit_revision_group.ordinal 
_pdbx_audit_revision_group.revision_ordinal 
_pdbx_audit_revision_group.data_content_type 
_pdbx_audit_revision_group.group 
1 2 'Structure model' 'Data collection'        
2 2 'Structure model' 'Database references'    
3 2 'Structure model' 'Derived calculations'   
4 2 'Structure model' 'Refinement description' 
5 3 'Structure model' 'Structure summary'      
# 
loop_
_pdbx_audit_revision_category.ordinal 
_pdbx_audit_revision_category.revision_ordinal 
_pdbx_audit_revision_category.data_content_type 
_pdbx_audit_revision_category.category 
1 2 'Structure model' chem_comp_atom                
2 2 'Structure model' chem_comp_bond                
3 2 'Structure model' database_2                    
4 2 'Structure model' pdbx_initial_refinement_model 
5 2 'Structure model' struct_conn                   
6 3 'Structure model' pdbx_entry_details            
7 3 'Structure model' pdbx_modification_feature     
# 
loop_
_pdbx_audit_revision_item.ordinal 
_pdbx_audit_revision_item.revision_ordinal 
_pdbx_audit_revision_item.data_content_type 
_pdbx_audit_revision_item.item 
1 2 'Structure model' '_database_2.pdbx_DOI'                
2 2 'Structure model' '_database_2.pdbx_database_accession' 
3 2 'Structure model' '_struct_conn.pdbx_leaving_atom_flag' 
# 
_pdbx_database_status.status_code                     REL 
_pdbx_database_status.entry_id                        4H8L 
_pdbx_database_status.recvd_initial_deposition_date   2012-09-23 
_pdbx_database_status.deposit_site                    RCSB 
_pdbx_database_status.process_site                    RCSB 
_pdbx_database_status.status_code_sf                  REL 
_pdbx_database_status.status_code_mr                  ? 
_pdbx_database_status.SG_entry                        ? 
_pdbx_database_status.status_code_cs                  ? 
_pdbx_database_status.methods_development_category    ? 
_pdbx_database_status.pdb_format_compatible           Y 
_pdbx_database_status.status_code_nmr_data            ? 
# 
loop_
_pdbx_database_related.db_name 
_pdbx_database_related.db_id 
_pdbx_database_related.details 
_pdbx_database_related.content_type 
PDB 3R3K . unspecified 
PDB 3R4A . unspecified 
PDB 4H7R . unspecified 
PDB 4H8F . unspecified 
PDB 4H8G . unspecified 
PDB 4H8M . unspecified 
PDB 4H8O . unspecified 
# 
loop_
_audit_author.name 
_audit_author.pdbx_ordinal 
'Chi, B.'        1 
'Zaccai, N.R.'   2 
'Brady, R.L.'    3 
'Woolfson, D.N.' 4 
# 
_citation.id                        primary 
_citation.title                     TBA 
_citation.journal_abbrev            J.Am.Chem.Soc. 
_citation.journal_volume            ? 
_citation.page_first                ? 
_citation.page_last                 ? 
_citation.year                      ? 
_citation.journal_id_ASTM           JACSAT 
_citation.country                   US 
_citation.journal_id_ISSN           1520-5126 
_citation.journal_id_CSD            ? 
_citation.book_publisher            ? 
_citation.pdbx_database_id_PubMed   ? 
_citation.pdbx_database_id_DOI      ? 
# 
loop_
_citation_author.citation_id 
_citation_author.name 
_citation_author.ordinal 
_citation_author.identifier_ORCID 
primary 'Chi, B.'        1 ? 
primary 'Zaccai, N.R.'   2 ? 
primary 'Brady, R.L.'    3 ? 
primary 'Woolfson, D.N.' 4 ? 
# 
loop_
_entity.id 
_entity.type 
_entity.src_method 
_entity.pdbx_description 
_entity.formula_weight 
_entity.pdbx_number_of_molecules 
_entity.pdbx_ec 
_entity.pdbx_mutation 
_entity.pdbx_fragment 
_entity.details 
1 polymer syn CC-Hex-D24-A5/7C 3429.061 6   ? ? ? ? 
2 water   nat water            18.015   110 ? ? ? ? 
# 
_entity_poly.entity_id                      1 
_entity_poly.type                           'polypeptide(L)' 
_entity_poly.nstd_linkage                   no 
_entity_poly.nstd_monomer                   yes 
_entity_poly.pdbx_seq_one_letter_code       '(ACE)GELKCICQELKAIAWELKAIAKEDKAIAQGAG(NH2)' 
_entity_poly.pdbx_seq_one_letter_code_can   XGELKCICQELKAIAWELKAIAKEDKAIAQGAGX 
_entity_poly.pdbx_strand_id                 A,B,C,D,E,F 
_entity_poly.pdbx_target_identifier         ? 
# 
_pdbx_entity_nonpoly.entity_id   2 
_pdbx_entity_nonpoly.name        water 
_pdbx_entity_nonpoly.comp_id     HOH 
# 
loop_
_entity_poly_seq.entity_id 
_entity_poly_seq.num 
_entity_poly_seq.mon_id 
_entity_poly_seq.hetero 
1 1  ACE n 
1 2  GLY n 
1 3  GLU n 
1 4  LEU n 
1 5  LYS n 
1 6  CYS n 
1 7  ILE n 
1 8  CYS n 
1 9  GLN n 
1 10 GLU n 
1 11 LEU n 
1 12 LYS n 
1 13 ALA n 
1 14 ILE n 
1 15 ALA n 
1 16 TRP n 
1 17 GLU n 
1 18 LEU n 
1 19 LYS n 
1 20 ALA n 
1 21 ILE n 
1 22 ALA n 
1 23 LYS n 
1 24 GLU n 
1 25 ASP n 
1 26 LYS n 
1 27 ALA n 
1 28 ILE n 
1 29 ALA n 
1 30 GLN n 
1 31 GLY n 
1 32 ALA n 
1 33 GLY n 
1 34 NH2 n 
# 
_pdbx_entity_src_syn.entity_id              1 
_pdbx_entity_src_syn.pdbx_src_id            1 
_pdbx_entity_src_syn.pdbx_alt_source_flag   sample 
_pdbx_entity_src_syn.pdbx_beg_seq_num       ? 
_pdbx_entity_src_syn.pdbx_end_seq_num       ? 
_pdbx_entity_src_syn.organism_scientific    'Synthetic construct' 
_pdbx_entity_src_syn.organism_common_name   ? 
_pdbx_entity_src_syn.ncbi_taxonomy_id       32630 
_pdbx_entity_src_syn.details                'standard F-moc solid phase peptide synthesis' 
# 
loop_
_chem_comp.id 
_chem_comp.type 
_chem_comp.mon_nstd_flag 
_chem_comp.name 
_chem_comp.pdbx_synonyms 
_chem_comp.formula 
_chem_comp.formula_weight 
ACE non-polymer         . 'ACETYL GROUP'  ? 'C2 H4 O'        44.053  
ALA 'L-peptide linking' y ALANINE         ? 'C3 H7 N O2'     89.093  
ASP 'L-peptide linking' y 'ASPARTIC ACID' ? 'C4 H7 N O4'     133.103 
CYS 'L-peptide linking' y CYSTEINE        ? 'C3 H7 N O2 S'   121.158 
GLN 'L-peptide linking' y GLUTAMINE       ? 'C5 H10 N2 O3'   146.144 
GLU 'L-peptide linking' y 'GLUTAMIC ACID' ? 'C5 H9 N O4'     147.129 
GLY 'peptide linking'   y GLYCINE         ? 'C2 H5 N O2'     75.067  
HOH non-polymer         . WATER           ? 'H2 O'           18.015  
ILE 'L-peptide linking' y ISOLEUCINE      ? 'C6 H13 N O2'    131.173 
LEU 'L-peptide linking' y LEUCINE         ? 'C6 H13 N O2'    131.173 
LYS 'L-peptide linking' y LYSINE          ? 'C6 H15 N2 O2 1' 147.195 
NH2 non-polymer         . 'AMINO GROUP'   ? 'H2 N'           16.023  
TRP 'L-peptide linking' y TRYPTOPHAN      ? 'C11 H12 N2 O2'  204.225 
# 
loop_
_pdbx_poly_seq_scheme.asym_id 
_pdbx_poly_seq_scheme.entity_id 
_pdbx_poly_seq_scheme.seq_id 
_pdbx_poly_seq_scheme.mon_id 
_pdbx_poly_seq_scheme.ndb_seq_num 
_pdbx_poly_seq_scheme.pdb_seq_num 
_pdbx_poly_seq_scheme.auth_seq_num 
_pdbx_poly_seq_scheme.pdb_mon_id 
_pdbx_poly_seq_scheme.auth_mon_id 
_pdbx_poly_seq_scheme.pdb_strand_id 
_pdbx_poly_seq_scheme.pdb_ins_code 
_pdbx_poly_seq_scheme.hetero 
A 1 1  ACE 1  0  0  ACE ACE A . n 
A 1 2  GLY 2  1  1  GLY GLY A . n 
A 1 3  GLU 3  2  2  GLU GLU A . n 
A 1 4  LEU 4  3  3  LEU LEU A . n 
A 1 5  LYS 5  4  4  LYS LYS A . n 
A 1 6  CYS 6  5  5  CYS CYS A . n 
A 1 7  ILE 7  6  6  ILE ILE A . n 
A 1 8  CYS 8  7  7  CYS CYS A . n 
A 1 9  GLN 9  8  8  GLN GLN A . n 
A 1 10 GLU 10 9  9  GLU GLU A . n 
A 1 11 LEU 11 10 10 LEU LEU A . n 
A 1 12 LYS 12 11 11 LYS LYS A . n 
A 1 13 ALA 13 12 12 ALA ALA A . n 
A 1 14 ILE 14 13 13 ILE ILE A . n 
A 1 15 ALA 15 14 14 ALA ALA A . n 
A 1 16 TRP 16 15 15 TRP TRP A . n 
A 1 17 GLU 17 16 16 GLU GLU A . n 
A 1 18 LEU 18 17 17 LEU LEU A . n 
A 1 19 LYS 19 18 18 LYS LYS A . n 
A 1 20 ALA 20 19 19 ALA ALA A . n 
A 1 21 ILE 21 20 20 ILE ILE A . n 
A 1 22 ALA 22 21 21 ALA ALA A . n 
A 1 23 LYS 23 22 22 LYS LYS A . n 
A 1 24 GLU 24 23 23 GLU GLU A . n 
A 1 25 ASP 25 24 24 ASP ASP A . n 
A 1 26 LYS 26 25 25 LYS LYS A . n 
A 1 27 ALA 27 26 26 ALA ALA A . n 
A 1 28 ILE 28 27 ?  ?   ?   A . n 
A 1 29 ALA 29 28 ?  ?   ?   A . n 
A 1 30 GLN 30 29 ?  ?   ?   A . n 
A 1 31 GLY 31 30 ?  ?   ?   A . n 
A 1 32 ALA 32 31 ?  ?   ?   A . n 
A 1 33 GLY 33 32 ?  ?   ?   A . n 
A 1 34 NH2 34 33 ?  ?   ?   A . n 
B 1 1  ACE 1  0  0  ACE ACE B . n 
B 1 2  GLY 2  1  1  GLY GLY B . n 
B 1 3  GLU 3  2  2  GLU GLU B . n 
B 1 4  LEU 4  3  3  LEU LEU B . n 
B 1 5  LYS 5  4  4  LYS LYS B . n 
B 1 6  CYS 6  5  5  CYS CYS B . n 
B 1 7  ILE 7  6  6  ILE ILE B . n 
B 1 8  CYS 8  7  7  CYS CYS B . n 
B 1 9  GLN 9  8  8  GLN GLN B . n 
B 1 10 GLU 10 9  9  GLU GLU B . n 
B 1 11 LEU 11 10 10 LEU LEU B . n 
B 1 12 LYS 12 11 11 LYS LYS B . n 
B 1 13 ALA 13 12 12 ALA ALA B . n 
B 1 14 ILE 14 13 13 ILE ILE B . n 
B 1 15 ALA 15 14 14 ALA ALA B . n 
B 1 16 TRP 16 15 15 TRP TRP B . n 
B 1 17 GLU 17 16 16 GLU GLU B . n 
B 1 18 LEU 18 17 17 LEU LEU B . n 
B 1 19 LYS 19 18 18 LYS LYS B . n 
B 1 20 ALA 20 19 19 ALA ALA B . n 
B 1 21 ILE 21 20 20 ILE ILE B . n 
B 1 22 ALA 22 21 21 ALA ALA B . n 
B 1 23 LYS 23 22 22 LYS LYS B . n 
B 1 24 GLU 24 23 23 GLU GLU B . n 
B 1 25 ASP 25 24 24 ASP ASP B . n 
B 1 26 LYS 26 25 25 LYS LYS B . n 
B 1 27 ALA 27 26 26 ALA ALA B . n 
B 1 28 ILE 28 27 ?  ?   ?   B . n 
B 1 29 ALA 29 28 ?  ?   ?   B . n 
B 1 30 GLN 30 29 ?  ?   ?   B . n 
B 1 31 GLY 31 30 ?  ?   ?   B . n 
B 1 32 ALA 32 31 ?  ?   ?   B . n 
B 1 33 GLY 33 32 ?  ?   ?   B . n 
B 1 34 NH2 34 33 ?  ?   ?   B . n 
C 1 1  ACE 1  0  0  ACE ACE C . n 
C 1 2  GLY 2  1  1  GLY GLY C . n 
C 1 3  GLU 3  2  2  GLU GLU C . n 
C 1 4  LEU 4  3  3  LEU LEU C . n 
C 1 5  LYS 5  4  4  LYS LYS C . n 
C 1 6  CYS 6  5  5  CYS CYS C . n 
C 1 7  ILE 7  6  6  ILE ILE C . n 
C 1 8  CYS 8  7  7  CYS CYS C . n 
C 1 9  GLN 9  8  8  GLN GLN C . n 
C 1 10 GLU 10 9  9  GLU GLU C . n 
C 1 11 LEU 11 10 10 LEU LEU C . n 
C 1 12 LYS 12 11 11 LYS LYS C . n 
C 1 13 ALA 13 12 12 ALA ALA C . n 
C 1 14 ILE 14 13 13 ILE ILE C . n 
C 1 15 ALA 15 14 14 ALA ALA C . n 
C 1 16 TRP 16 15 15 TRP TRP C . n 
C 1 17 GLU 17 16 16 GLU GLU C . n 
C 1 18 LEU 18 17 17 LEU LEU C . n 
C 1 19 LYS 19 18 18 LYS LYS C . n 
C 1 20 ALA 20 19 19 ALA ALA C . n 
C 1 21 ILE 21 20 20 ILE ILE C . n 
C 1 22 ALA 22 21 21 ALA ALA C . n 
C 1 23 LYS 23 22 22 LYS LYS C . n 
C 1 24 GLU 24 23 23 GLU GLU C . n 
C 1 25 ASP 25 24 24 ASP ASP C . n 
C 1 26 LYS 26 25 25 LYS LYS C . n 
C 1 27 ALA 27 26 26 ALA ALA C . n 
C 1 28 ILE 28 27 ?  ?   ?   C . n 
C 1 29 ALA 29 28 ?  ?   ?   C . n 
C 1 30 GLN 30 29 ?  ?   ?   C . n 
C 1 31 GLY 31 30 ?  ?   ?   C . n 
C 1 32 ALA 32 31 ?  ?   ?   C . n 
C 1 33 GLY 33 32 ?  ?   ?   C . n 
C 1 34 NH2 34 33 ?  ?   ?   C . n 
D 1 1  ACE 1  0  0  ACE ACE D . n 
D 1 2  GLY 2  1  1  GLY GLY D . n 
D 1 3  GLU 3  2  2  GLU GLU D . n 
D 1 4  LEU 4  3  3  LEU LEU D . n 
D 1 5  LYS 5  4  4  LYS LYS D . n 
D 1 6  CYS 6  5  5  CYS CYS D . n 
D 1 7  ILE 7  6  6  ILE ILE D . n 
D 1 8  CYS 8  7  7  CYS CYS D . n 
D 1 9  GLN 9  8  8  GLN GLN D . n 
D 1 10 GLU 10 9  9  GLU GLU D . n 
D 1 11 LEU 11 10 10 LEU LEU D . n 
D 1 12 LYS 12 11 11 LYS LYS D . n 
D 1 13 ALA 13 12 12 ALA ALA D . n 
D 1 14 ILE 14 13 13 ILE ILE D . n 
D 1 15 ALA 15 14 14 ALA ALA D . n 
D 1 16 TRP 16 15 15 TRP TRP D . n 
D 1 17 GLU 17 16 16 GLU GLU D . n 
D 1 18 LEU 18 17 17 LEU LEU D . n 
D 1 19 LYS 19 18 18 LYS LYS D . n 
D 1 20 ALA 20 19 19 ALA ALA D . n 
D 1 21 ILE 21 20 20 ILE ILE D . n 
D 1 22 ALA 22 21 21 ALA ALA D . n 
D 1 23 LYS 23 22 22 LYS LYS D . n 
D 1 24 GLU 24 23 23 GLU GLU D . n 
D 1 25 ASP 25 24 24 ASP ASP D . n 
D 1 26 LYS 26 25 25 LYS LYS D . n 
D 1 27 ALA 27 26 26 ALA ALA D . n 
D 1 28 ILE 28 27 ?  ?   ?   D . n 
D 1 29 ALA 29 28 ?  ?   ?   D . n 
D 1 30 GLN 30 29 ?  ?   ?   D . n 
D 1 31 GLY 31 30 ?  ?   ?   D . n 
D 1 32 ALA 32 31 ?  ?   ?   D . n 
D 1 33 GLY 33 32 ?  ?   ?   D . n 
D 1 34 NH2 34 33 ?  ?   ?   D . n 
E 1 1  ACE 1  0  0  ACE ACE E . n 
E 1 2  GLY 2  1  1  GLY GLY E . n 
E 1 3  GLU 3  2  2  GLU GLU E . n 
E 1 4  LEU 4  3  3  LEU LEU E . n 
E 1 5  LYS 5  4  4  LYS LYS E . n 
E 1 6  CYS 6  5  5  CYS CYS E . n 
E 1 7  ILE 7  6  6  ILE ILE E . n 
E 1 8  CYS 8  7  7  CYS CYS E . n 
E 1 9  GLN 9  8  8  GLN GLN E . n 
E 1 10 GLU 10 9  9  GLU GLU E . n 
E 1 11 LEU 11 10 10 LEU LEU E . n 
E 1 12 LYS 12 11 11 LYS LYS E . n 
E 1 13 ALA 13 12 12 ALA ALA E . n 
E 1 14 ILE 14 13 13 ILE ILE E . n 
E 1 15 ALA 15 14 14 ALA ALA E . n 
E 1 16 TRP 16 15 15 TRP TRP E . n 
E 1 17 GLU 17 16 16 GLU GLU E . n 
E 1 18 LEU 18 17 17 LEU LEU E . n 
E 1 19 LYS 19 18 18 LYS LYS E . n 
E 1 20 ALA 20 19 19 ALA ALA E . n 
E 1 21 ILE 21 20 20 ILE ILE E . n 
E 1 22 ALA 22 21 21 ALA ALA E . n 
E 1 23 LYS 23 22 22 LYS LYS E . n 
E 1 24 GLU 24 23 23 GLU GLU E . n 
E 1 25 ASP 25 24 24 ASP ASP E . n 
E 1 26 LYS 26 25 ?  ?   ?   E . n 
E 1 27 ALA 27 26 ?  ?   ?   E . n 
E 1 28 ILE 28 27 ?  ?   ?   E . n 
E 1 29 ALA 29 28 ?  ?   ?   E . n 
E 1 30 GLN 30 29 ?  ?   ?   E . n 
E 1 31 GLY 31 30 ?  ?   ?   E . n 
E 1 32 ALA 32 31 ?  ?   ?   E . n 
E 1 33 GLY 33 32 ?  ?   ?   E . n 
E 1 34 NH2 34 33 ?  ?   ?   E . n 
F 1 1  ACE 1  0  0  ACE ACE F . n 
F 1 2  GLY 2  1  1  GLY GLY F . n 
F 1 3  GLU 3  2  2  GLU GLU F . n 
F 1 4  LEU 4  3  3  LEU LEU F . n 
F 1 5  LYS 5  4  4  LYS LYS F . n 
F 1 6  CYS 6  5  5  CYS CYS F . n 
F 1 7  ILE 7  6  6  ILE ILE F . n 
F 1 8  CYS 8  7  7  CYS CYS F . n 
F 1 9  GLN 9  8  8  GLN GLN F . n 
F 1 10 GLU 10 9  9  GLU GLU F . n 
F 1 11 LEU 11 10 10 LEU LEU F . n 
F 1 12 LYS 12 11 11 LYS LYS F . n 
F 1 13 ALA 13 12 12 ALA ALA F . n 
F 1 14 ILE 14 13 13 ILE ILE F . n 
F 1 15 ALA 15 14 14 ALA ALA F . n 
F 1 16 TRP 16 15 15 TRP TRP F . n 
F 1 17 GLU 17 16 16 GLU GLU F . n 
F 1 18 LEU 18 17 17 LEU LEU F . n 
F 1 19 LYS 19 18 18 LYS LYS F . n 
F 1 20 ALA 20 19 19 ALA ALA F . n 
F 1 21 ILE 21 20 20 ILE ILE F . n 
F 1 22 ALA 22 21 21 ALA ALA F . n 
F 1 23 LYS 23 22 22 LYS LYS F . n 
F 1 24 GLU 24 23 23 GLU GLU F . n 
F 1 25 ASP 25 24 24 ASP ASP F . n 
F 1 26 LYS 26 25 ?  ?   ?   F . n 
F 1 27 ALA 27 26 ?  ?   ?   F . n 
F 1 28 ILE 28 27 ?  ?   ?   F . n 
F 1 29 ALA 29 28 ?  ?   ?   F . n 
F 1 30 GLN 30 29 ?  ?   ?   F . n 
F 1 31 GLY 31 30 ?  ?   ?   F . n 
F 1 32 ALA 32 31 ?  ?   ?   F . n 
F 1 33 GLY 33 32 ?  ?   ?   F . n 
F 1 34 NH2 34 33 ?  ?   ?   F . n 
# 
loop_
_pdbx_nonpoly_scheme.asym_id 
_pdbx_nonpoly_scheme.entity_id 
_pdbx_nonpoly_scheme.mon_id 
_pdbx_nonpoly_scheme.ndb_seq_num 
_pdbx_nonpoly_scheme.pdb_seq_num 
_pdbx_nonpoly_scheme.auth_seq_num 
_pdbx_nonpoly_scheme.pdb_mon_id 
_pdbx_nonpoly_scheme.auth_mon_id 
_pdbx_nonpoly_scheme.pdb_strand_id 
_pdbx_nonpoly_scheme.pdb_ins_code 
G 2 HOH 1  101 3   HOH HOH A . 
G 2 HOH 2  102 4   HOH HOH A . 
G 2 HOH 3  103 5   HOH HOH A . 
G 2 HOH 4  104 8   HOH HOH A . 
G 2 HOH 5  105 18  HOH HOH A . 
G 2 HOH 6  106 20  HOH HOH A . 
G 2 HOH 7  107 22  HOH HOH A . 
G 2 HOH 8  108 34  HOH HOH A . 
G 2 HOH 9  109 36  HOH HOH A . 
G 2 HOH 10 110 46  HOH HOH A . 
G 2 HOH 11 111 49  HOH HOH A . 
G 2 HOH 12 112 50  HOH HOH A . 
G 2 HOH 13 113 80  HOH HOH A . 
G 2 HOH 14 114 82  HOH HOH A . 
G 2 HOH 15 115 84  HOH HOH A . 
G 2 HOH 16 116 89  HOH HOH A . 
G 2 HOH 17 117 104 HOH HOH A . 
G 2 HOH 18 118 107 HOH HOH A . 
H 2 HOH 1  101 2   HOH HOH B . 
H 2 HOH 2  102 12  HOH HOH B . 
H 2 HOH 3  103 16  HOH HOH B . 
H 2 HOH 4  104 17  HOH HOH B . 
H 2 HOH 5  105 19  HOH HOH B . 
H 2 HOH 6  106 21  HOH HOH B . 
H 2 HOH 7  107 25  HOH HOH B . 
H 2 HOH 8  108 33  HOH HOH B . 
H 2 HOH 9  109 38  HOH HOH B . 
H 2 HOH 10 110 45  HOH HOH B . 
H 2 HOH 11 111 48  HOH HOH B . 
H 2 HOH 12 112 52  HOH HOH B . 
H 2 HOH 13 113 60  HOH HOH B . 
H 2 HOH 14 114 67  HOH HOH B . 
H 2 HOH 15 115 91  HOH HOH B . 
H 2 HOH 16 116 92  HOH HOH B . 
H 2 HOH 17 117 96  HOH HOH B . 
H 2 HOH 18 118 105 HOH HOH B . 
H 2 HOH 19 119 111 HOH HOH B . 
I 2 HOH 1  101 7   HOH HOH C . 
I 2 HOH 2  102 11  HOH HOH C . 
I 2 HOH 3  103 13  HOH HOH C . 
I 2 HOH 4  104 24  HOH HOH C . 
I 2 HOH 5  105 27  HOH HOH C . 
I 2 HOH 6  106 29  HOH HOH C . 
I 2 HOH 7  107 32  HOH HOH C . 
I 2 HOH 8  108 47  HOH HOH C . 
I 2 HOH 9  109 54  HOH HOH C . 
I 2 HOH 10 110 56  HOH HOH C . 
I 2 HOH 11 111 65  HOH HOH C . 
I 2 HOH 12 112 66  HOH HOH C . 
I 2 HOH 13 113 68  HOH HOH C . 
I 2 HOH 14 114 71  HOH HOH C . 
I 2 HOH 15 115 75  HOH HOH C . 
I 2 HOH 16 116 79  HOH HOH C . 
I 2 HOH 17 117 85  HOH HOH C . 
I 2 HOH 18 118 90  HOH HOH C . 
I 2 HOH 19 119 97  HOH HOH C . 
I 2 HOH 20 120 101 HOH HOH C . 
I 2 HOH 21 121 102 HOH HOH C . 
I 2 HOH 22 122 114 HOH HOH C . 
J 2 HOH 1  101 1   HOH HOH D . 
J 2 HOH 2  102 15  HOH HOH D . 
J 2 HOH 3  103 23  HOH HOH D . 
J 2 HOH 4  104 37  HOH HOH D . 
J 2 HOH 5  105 39  HOH HOH D . 
J 2 HOH 6  106 53  HOH HOH D . 
J 2 HOH 7  107 59  HOH HOH D . 
J 2 HOH 8  108 63  HOH HOH D . 
J 2 HOH 9  109 64  HOH HOH D . 
J 2 HOH 10 110 74  HOH HOH D . 
J 2 HOH 11 111 77  HOH HOH D . 
J 2 HOH 12 112 78  HOH HOH D . 
J 2 HOH 13 113 86  HOH HOH D . 
J 2 HOH 14 114 94  HOH HOH D . 
J 2 HOH 15 115 95  HOH HOH D . 
J 2 HOH 16 116 98  HOH HOH D . 
J 2 HOH 17 117 100 HOH HOH D . 
J 2 HOH 18 118 103 HOH HOH D . 
J 2 HOH 19 119 112 HOH HOH D . 
J 2 HOH 20 120 113 HOH HOH D . 
K 2 HOH 1  101 58  HOH HOH E . 
K 2 HOH 2  102 62  HOH HOH E . 
K 2 HOH 3  103 14  HOH HOH E . 
K 2 HOH 4  104 40  HOH HOH E . 
K 2 HOH 5  105 42  HOH HOH E . 
K 2 HOH 6  106 43  HOH HOH E . 
K 2 HOH 7  107 51  HOH HOH E . 
K 2 HOH 8  108 55  HOH HOH E . 
K 2 HOH 9  109 57  HOH HOH E . 
K 2 HOH 10 110 61  HOH HOH E . 
K 2 HOH 11 111 70  HOH HOH E . 
K 2 HOH 12 112 72  HOH HOH E . 
K 2 HOH 13 113 83  HOH HOH E . 
K 2 HOH 14 114 87  HOH HOH E . 
K 2 HOH 15 115 108 HOH HOH E . 
K 2 HOH 16 116 109 HOH HOH E . 
K 2 HOH 17 117 110 HOH HOH E . 
L 2 HOH 1  101 44  HOH HOH F . 
L 2 HOH 2  102 6   HOH HOH F . 
L 2 HOH 3  103 9   HOH HOH F . 
L 2 HOH 4  104 10  HOH HOH F . 
L 2 HOH 5  105 26  HOH HOH F . 
L 2 HOH 6  106 28  HOH HOH F . 
L 2 HOH 7  107 31  HOH HOH F . 
L 2 HOH 8  108 35  HOH HOH F . 
L 2 HOH 9  109 41  HOH HOH F . 
L 2 HOH 10 110 69  HOH HOH F . 
L 2 HOH 11 111 76  HOH HOH F . 
L 2 HOH 12 112 81  HOH HOH F . 
L 2 HOH 13 113 88  HOH HOH F . 
L 2 HOH 14 114 93  HOH HOH F . 
# 
_software.name             PHENIX 
_software.classification   refinement 
_software.version          '(phenix.refine: 1.7_650)' 
_software.citation_id      ? 
_software.pdbx_ordinal     1 
# 
_cell.entry_id           4H8L 
_cell.length_a           31.540 
_cell.length_b           54.330 
_cell.length_c           98.280 
_cell.angle_alpha        90.00 
_cell.angle_beta         90.00 
_cell.angle_gamma        90.00 
_cell.Z_PDB              24 
_cell.pdbx_unique_axis   ? 
_cell.length_a_esd       ? 
_cell.length_b_esd       ? 
_cell.length_c_esd       ? 
_cell.angle_alpha_esd    ? 
_cell.angle_beta_esd     ? 
_cell.angle_gamma_esd    ? 
# 
_symmetry.entry_id                         4H8L 
_symmetry.space_group_name_H-M             'P 21 2 21' 
_symmetry.pdbx_full_space_group_name_H-M   ? 
_symmetry.cell_setting                     ? 
_symmetry.Int_Tables_number                18 
_symmetry.space_group_name_Hall            ? 
# 
_exptl.entry_id          4H8L 
_exptl.method            'X-RAY DIFFRACTION' 
_exptl.crystals_number   1 
# 
_exptl_crystal.id                    1 
_exptl_crystal.density_meas          ? 
_exptl_crystal.density_Matthews      2.05 
_exptl_crystal.density_percent_sol   39.89 
_exptl_crystal.description           ? 
_exptl_crystal.F_000                 ? 
_exptl_crystal.preparation           ? 
# 
_exptl_crystal_grow.crystal_id      1 
_exptl_crystal_grow.method          'VAPOR DIFFUSION, SITTING DROP' 
_exptl_crystal_grow.temp            291 
_exptl_crystal_grow.temp_details    ? 
_exptl_crystal_grow.pH              8.5 
_exptl_crystal_grow.pdbx_details    
;30 mM sodium nitrate, 30 mM disodium hydrogen phosphate, 30 mM ammonium sulfate, 100 mM bicine/Trizma base pH 8.5, 12.5 % PEG 1K, 12.5 % PEG 3350, 12.5 % MPD, VAPOR DIFFUSION, SITTING DROP, temperature 291K
;
_exptl_crystal_grow.pdbx_pH_range   ? 
# 
_diffrn.id                     1 
_diffrn.ambient_temp           ? 
_diffrn.ambient_temp_details   ? 
_diffrn.crystal_id             1 
# 
_diffrn_detector.diffrn_id              1 
_diffrn_detector.detector               CCD 
_diffrn_detector.type                   'ADSC QUANTUM 315' 
_diffrn_detector.pdbx_collection_date   ? 
_diffrn_detector.details                ? 
# 
_diffrn_radiation.diffrn_id                        1 
_diffrn_radiation.wavelength_id                    1 
_diffrn_radiation.pdbx_monochromatic_or_laue_m_l   M 
_diffrn_radiation.monochromator                    ? 
_diffrn_radiation.pdbx_diffrn_protocol             'SINGLE WAVELENGTH' 
_diffrn_radiation.pdbx_scattering_type             x-ray 
# 
_diffrn_radiation_wavelength.id           1 
_diffrn_radiation_wavelength.wavelength   0.97 
_diffrn_radiation_wavelength.wt           1.0 
# 
_diffrn_source.diffrn_id                   1 
_diffrn_source.source                      SYNCHROTRON 
_diffrn_source.type                        'DIAMOND BEAMLINE I02' 
_diffrn_source.pdbx_synchrotron_site       Diamond 
_diffrn_source.pdbx_synchrotron_beamline   I02 
_diffrn_source.pdbx_wavelength             ? 
_diffrn_source.pdbx_wavelength_list        0.97 
# 
_reflns.entry_id                     4H8L 
_reflns.observed_criterion_sigma_I   ? 
_reflns.observed_criterion_sigma_F   ? 
_reflns.d_resolution_low             36.4 
_reflns.d_resolution_high            1.75 
_reflns.number_obs                   16619 
_reflns.number_all                   17439 
_reflns.percent_possible_obs         ? 
_reflns.pdbx_Rmerge_I_obs            ? 
_reflns.pdbx_Rsym_value              ? 
_reflns.pdbx_netI_over_sigmaI        ? 
_reflns.B_iso_Wilson_estimate        ? 
_reflns.pdbx_redundancy              ? 
_reflns.R_free_details               ? 
_reflns.limit_h_max                  ? 
_reflns.limit_h_min                  ? 
_reflns.limit_k_max                  ? 
_reflns.limit_k_min                  ? 
_reflns.limit_l_max                  ? 
_reflns.limit_l_min                  ? 
_reflns.observed_criterion_F_max     ? 
_reflns.observed_criterion_F_min     ? 
_reflns.pdbx_chi_squared             ? 
_reflns.pdbx_scaling_rejects         ? 
_reflns.pdbx_ordinal                 1 
_reflns.pdbx_diffrn_id               1 
# 
_refine.entry_id                                 4H8L 
_refine.ls_number_reflns_obs                     16306 
_refine.ls_number_reflns_all                     17110 
_refine.pdbx_ls_sigma_I                          ? 
_refine.pdbx_ls_sigma_F                          0.00 
_refine.pdbx_data_cutoff_high_absF               ? 
_refine.pdbx_data_cutoff_low_absF                ? 
_refine.pdbx_data_cutoff_high_rms_absF           ? 
_refine.ls_d_res_low                             30.031 
_refine.ls_d_res_high                            1.7501 
_refine.ls_percent_reflns_obs                    91.97 
_refine.ls_R_factor_obs                          0.2030 
_refine.ls_R_factor_all                          ? 
_refine.ls_R_factor_R_work                       0.2004 
_refine.ls_R_factor_R_free                       0.2544 
_refine.ls_R_factor_R_free_error                 ? 
_refine.ls_R_factor_R_free_error_details         ? 
_refine.ls_percent_reflns_R_free                 5.00 
_refine.ls_number_reflns_R_free                  816 
_refine.ls_number_parameters                     ? 
_refine.ls_number_restraints                     ? 
_refine.occupancy_min                            ? 
_refine.occupancy_max                            ? 
_refine.correlation_coeff_Fo_to_Fc               ? 
_refine.correlation_coeff_Fo_to_Fc_free          ? 
_refine.B_iso_mean                               ? 
_refine.aniso_B[1][1]                            -0.4062 
_refine.aniso_B[2][2]                            -3.0157 
_refine.aniso_B[3][3]                            3.4219 
_refine.aniso_B[1][2]                            -0.0000 
_refine.aniso_B[1][3]                            -0.0000 
_refine.aniso_B[2][3]                            0.0000 
_refine.solvent_model_details                    'FLAT BULK SOLVENT MODEL' 
_refine.solvent_model_param_ksol                 0.423 
_refine.solvent_model_param_bsol                 80.000 
_refine.pdbx_solvent_vdw_probe_radii             1.00 
_refine.pdbx_solvent_ion_probe_radii             ? 
_refine.pdbx_solvent_shrinkage_radii             0.72 
_refine.pdbx_ls_cross_valid_method               ? 
_refine.details                                  ? 
_refine.pdbx_starting_model                      'PDB ENTRY 3R46' 
_refine.pdbx_method_to_determine_struct          'MOLECULAR REPLACEMENT' 
_refine.pdbx_isotropic_thermal_model             ? 
_refine.pdbx_stereochemistry_target_values       ML 
_refine.pdbx_stereochem_target_val_spec_case     ? 
_refine.pdbx_R_Free_selection_details            ? 
_refine.pdbx_overall_ESU_R                       ? 
_refine.pdbx_overall_ESU_R_Free                  ? 
_refine.overall_SU_ML                            0.21 
_refine.pdbx_overall_phase_error                 25.48 
_refine.overall_SU_B                             ? 
_refine.overall_SU_R_Cruickshank_DPI             ? 
_refine.ls_redundancy_reflns_obs                 ? 
_refine.B_iso_min                                ? 
_refine.B_iso_max                                ? 
_refine.overall_SU_R_free                        ? 
_refine.ls_wR_factor_R_free                      ? 
_refine.ls_wR_factor_R_work                      ? 
_refine.overall_FOM_free_R_set                   ? 
_refine.overall_FOM_work_R_set                   ? 
_refine.pdbx_diffrn_id                           1 
_refine.pdbx_refine_id                           'X-RAY DIFFRACTION' 
_refine.pdbx_TLS_residual_ADP_flag               ? 
_refine.pdbx_overall_SU_R_free_Cruickshank_DPI   ? 
_refine.pdbx_overall_SU_R_Blow_DPI               ? 
_refine.pdbx_overall_SU_R_free_Blow_DPI          ? 
# 
_refine_hist.pdbx_refine_id                   'X-RAY DIFFRACTION' 
_refine_hist.cycle_id                         LAST 
_refine_hist.pdbx_number_atoms_protein        1196 
_refine_hist.pdbx_number_atoms_nucleic_acid   0 
_refine_hist.pdbx_number_atoms_ligand         0 
_refine_hist.number_atoms_solvent             110 
_refine_hist.number_atoms_total               1306 
_refine_hist.d_res_high                       1.7501 
_refine_hist.d_res_low                        30.031 
# 
loop_
_refine_ls_restr.type 
_refine_ls_restr.dev_ideal 
_refine_ls_restr.dev_ideal_target 
_refine_ls_restr.weight 
_refine_ls_restr.number 
_refine_ls_restr.pdbx_restraint_function 
_refine_ls_restr.pdbx_refine_id 
f_bond_d           0.015  ? ? 1222 ? 'X-RAY DIFFRACTION' 
f_angle_d          1.385  ? ? 1618 ? 'X-RAY DIFFRACTION' 
f_dihedral_angle_d 16.997 ? ? 472  ? 'X-RAY DIFFRACTION' 
f_chiral_restr     0.101  ? ? 184  ? 'X-RAY DIFFRACTION' 
f_plane_restr      0.005  ? ? 198  ? 'X-RAY DIFFRACTION' 
# 
loop_
_refine_ls_shell.pdbx_total_number_of_bins_used 
_refine_ls_shell.d_res_high 
_refine_ls_shell.d_res_low 
_refine_ls_shell.number_reflns_R_work 
_refine_ls_shell.R_factor_R_work 
_refine_ls_shell.percent_reflns_obs 
_refine_ls_shell.R_factor_R_free 
_refine_ls_shell.R_factor_R_free_error 
_refine_ls_shell.percent_reflns_R_free 
_refine_ls_shell.number_reflns_R_free 
_refine_ls_shell.number_reflns_all 
_refine_ls_shell.R_factor_all 
_refine_ls_shell.number_reflns_obs 
_refine_ls_shell.redundancy_reflns_obs 
_refine_ls_shell.pdbx_refine_id 
. 1.7501 1.8597  1832 0.2730 67.00  0.3121 . . 103 . . . . 'X-RAY DIFFRACTION' 
. 1.8597 2.0033  2431 0.2257 89.00  0.2673 . . 135 . . . . 'X-RAY DIFFRACTION' 
. 2.0033 2.2048  2690 0.1824 98.00  0.2784 . . 147 . . . . 'X-RAY DIFFRACTION' 
. 2.2048 2.5237  2761 0.1812 99.00  0.2345 . . 148 . . . . 'X-RAY DIFFRACTION' 
. 2.5237 3.1791  2825 0.1766 100.00 0.2556 . . 140 . . . . 'X-RAY DIFFRACTION' 
. 3.1791 30.0358 2951 0.2143 99.00  0.2453 . . 143 . . . . 'X-RAY DIFFRACTION' 
# 
_struct.entry_id                  4H8L 
_struct.title                     'Crystal structure of a parallel 6-helix coiled coil CC-Hex-D24-A5/7C' 
_struct.pdbx_model_details        ? 
_struct.pdbx_CASP_flag            ? 
_struct.pdbx_model_type_details   ? 
# 
_struct_keywords.entry_id        4H8L 
_struct_keywords.pdbx_keywords   'DE NOVO PROTEIN' 
_struct_keywords.text            
'CC-Hex, hexameric coiled coil, parallel, N-terminal acetylation, C-terminal amidation, DE NOVO PROTEIN' 
# 
loop_
_struct_asym.id 
_struct_asym.pdbx_blank_PDB_chainid_flag 
_struct_asym.pdbx_modified 
_struct_asym.entity_id 
_struct_asym.details 
A N N 1 ? 
B N N 1 ? 
C N N 1 ? 
D N N 1 ? 
E N N 1 ? 
F N N 1 ? 
G N N 2 ? 
H N N 2 ? 
I N N 2 ? 
J N N 2 ? 
K N N 2 ? 
L N N 2 ? 
# 
_struct_ref.id                         1 
_struct_ref.db_name                    PDB 
_struct_ref.db_code                    4H8L 
_struct_ref.pdbx_db_accession          4H8L 
_struct_ref.entity_id                  1 
_struct_ref.pdbx_align_begin           ? 
_struct_ref.pdbx_seq_one_letter_code   ? 
_struct_ref.pdbx_db_isoform            ? 
# 
loop_
_struct_ref_seq.align_id 
_struct_ref_seq.ref_id 
_struct_ref_seq.pdbx_PDB_id_code 
_struct_ref_seq.pdbx_strand_id 
_struct_ref_seq.seq_align_beg 
_struct_ref_seq.pdbx_seq_align_beg_ins_code 
_struct_ref_seq.seq_align_end 
_struct_ref_seq.pdbx_seq_align_end_ins_code 
_struct_ref_seq.pdbx_db_accession 
_struct_ref_seq.db_align_beg 
_struct_ref_seq.pdbx_db_align_beg_ins_code 
_struct_ref_seq.db_align_end 
_struct_ref_seq.pdbx_db_align_end_ins_code 
_struct_ref_seq.pdbx_auth_seq_align_beg 
_struct_ref_seq.pdbx_auth_seq_align_end 
1 1 4H8L A 1 ? 34 ? 4H8L 0 ? 33 ? 0 33 
2 1 4H8L B 1 ? 34 ? 4H8L 0 ? 33 ? 0 33 
3 1 4H8L C 1 ? 34 ? 4H8L 0 ? 33 ? 0 33 
4 1 4H8L D 1 ? 34 ? 4H8L 0 ? 33 ? 0 33 
5 1 4H8L E 1 ? 34 ? 4H8L 0 ? 33 ? 0 33 
6 1 4H8L F 1 ? 34 ? 4H8L 0 ? 33 ? 0 33 
# 
loop_
_pdbx_struct_assembly.id 
_pdbx_struct_assembly.details 
_pdbx_struct_assembly.method_details 
_pdbx_struct_assembly.oligomeric_details 
_pdbx_struct_assembly.oligomeric_count 
1 author_and_software_defined_assembly PISA hexameric   6  
2 software_defined_assembly            PISA dodecameric 12 
# 
loop_
_pdbx_struct_assembly_prop.biol_id 
_pdbx_struct_assembly_prop.type 
_pdbx_struct_assembly_prop.value 
_pdbx_struct_assembly_prop.details 
1 'ABSA (A^2)' 8140  ? 
1 MORE         -86   ? 
1 'SSA (A^2)'  8560  ? 
2 'ABSA (A^2)' 19220 ? 
2 MORE         -189  ? 
2 'SSA (A^2)'  14180 ? 
# 
loop_
_pdbx_struct_assembly_gen.assembly_id 
_pdbx_struct_assembly_gen.oper_expression 
_pdbx_struct_assembly_gen.asym_id_list 
1 1   A,B,C,D,E,F,G,H,I,J,K,L 
2 1,2 A,B,C,D,E,F,G,H,I,J,K,L 
# 
loop_
_pdbx_struct_oper_list.id 
_pdbx_struct_oper_list.type 
_pdbx_struct_oper_list.name 
_pdbx_struct_oper_list.symmetry_operation 
_pdbx_struct_oper_list.matrix[1][1] 
_pdbx_struct_oper_list.matrix[1][2] 
_pdbx_struct_oper_list.matrix[1][3] 
_pdbx_struct_oper_list.vector[1] 
_pdbx_struct_oper_list.matrix[2][1] 
_pdbx_struct_oper_list.matrix[2][2] 
_pdbx_struct_oper_list.matrix[2][3] 
_pdbx_struct_oper_list.vector[2] 
_pdbx_struct_oper_list.matrix[3][1] 
_pdbx_struct_oper_list.matrix[3][2] 
_pdbx_struct_oper_list.matrix[3][3] 
_pdbx_struct_oper_list.vector[3] 
1 'identity operation'         1_555 x,y,z   1.0000000000 0.0000000000  0.0000000000  0.0000000000  0.0000000000  1.0000000000  0.0000000000 0.0000000000   0.0000000000  0.0000000000 1.0000000000  0.0000000000 
2 'crystal symmetry operation' 2_555 -x,y,-z 0.7315329840 -0.2836615708 -0.6199964569 -5.8184685340 -0.2836615708 -0.9535302605 0.1015684775 -37.9654654712 -0.6199964569 0.1015684775 -0.7780027235 1.1201247706 
# 
_struct_biol.id        1 
_struct_biol.details   
;Self-assembling. Disulfides form under redox conditions, Cys 5 - Cys 7' inter-chain linkage
;
# 
loop_
_struct_conf.conf_type_id 
_struct_conf.id 
_struct_conf.pdbx_PDB_helix_id 
_struct_conf.beg_label_comp_id 
_struct_conf.beg_label_asym_id 
_struct_conf.beg_label_seq_id 
_struct_conf.pdbx_beg_PDB_ins_code 
_struct_conf.end_label_comp_id 
_struct_conf.end_label_asym_id 
_struct_conf.end_label_seq_id 
_struct_conf.pdbx_end_PDB_ins_code 
_struct_conf.beg_auth_comp_id 
_struct_conf.beg_auth_asym_id 
_struct_conf.beg_auth_seq_id 
_struct_conf.end_auth_comp_id 
_struct_conf.end_auth_asym_id 
_struct_conf.end_auth_seq_id 
_struct_conf.pdbx_PDB_helix_class 
_struct_conf.details 
_struct_conf.pdbx_PDB_helix_length 
HELX_P HELX_P1 1 GLY A 2 ? ALA A 27 ? GLY A 1 ALA A 26 1 ? 26 
HELX_P HELX_P2 2 GLY B 2 ? ASP B 25 ? GLY B 1 ASP B 24 1 ? 24 
HELX_P HELX_P3 3 GLY C 2 ? ASP C 25 ? GLY C 1 ASP C 24 1 ? 24 
HELX_P HELX_P4 4 GLY D 2 ? ALA D 27 ? GLY D 1 ALA D 26 1 ? 26 
HELX_P HELX_P5 5 GLY E 2 ? ASP E 25 ? GLY E 1 ASP E 24 1 ? 24 
HELX_P HELX_P6 6 GLY F 2 ? ASP F 25 ? GLY F 1 ASP F 24 1 ? 24 
# 
_struct_conf_type.id          HELX_P 
_struct_conf_type.criteria    ? 
_struct_conf_type.reference   ? 
# 
loop_
_struct_conn.id 
_struct_conn.conn_type_id 
_struct_conn.pdbx_leaving_atom_flag 
_struct_conn.pdbx_PDB_id 
_struct_conn.ptnr1_label_asym_id 
_struct_conn.ptnr1_label_comp_id 
_struct_conn.ptnr1_label_seq_id 
_struct_conn.ptnr1_label_atom_id 
_struct_conn.pdbx_ptnr1_label_alt_id 
_struct_conn.pdbx_ptnr1_PDB_ins_code 
_struct_conn.pdbx_ptnr1_standard_comp_id 
_struct_conn.ptnr1_symmetry 
_struct_conn.ptnr2_label_asym_id 
_struct_conn.ptnr2_label_comp_id 
_struct_conn.ptnr2_label_seq_id 
_struct_conn.ptnr2_label_atom_id 
_struct_conn.pdbx_ptnr2_label_alt_id 
_struct_conn.pdbx_ptnr2_PDB_ins_code 
_struct_conn.ptnr1_auth_asym_id 
_struct_conn.ptnr1_auth_comp_id 
_struct_conn.ptnr1_auth_seq_id 
_struct_conn.ptnr2_auth_asym_id 
_struct_conn.ptnr2_auth_comp_id 
_struct_conn.ptnr2_auth_seq_id 
_struct_conn.ptnr2_symmetry 
_struct_conn.pdbx_ptnr3_label_atom_id 
_struct_conn.pdbx_ptnr3_label_seq_id 
_struct_conn.pdbx_ptnr3_label_comp_id 
_struct_conn.pdbx_ptnr3_label_asym_id 
_struct_conn.pdbx_ptnr3_label_alt_id 
_struct_conn.pdbx_ptnr3_PDB_ins_code 
_struct_conn.details 
_struct_conn.pdbx_dist_value 
_struct_conn.pdbx_value_order 
_struct_conn.pdbx_role 
disulf1 disulf ?    ? A CYS 6 SG ? ? ? 1_555 D CYS 8 SG ? ? A CYS 5 D CYS 7 1_555 ? ? ? ? ? ? ? 2.027 ? ? 
disulf2 disulf ?    ? A CYS 8 SG ? ? ? 1_555 B CYS 6 SG ? ? A CYS 7 B CYS 5 1_555 ? ? ? ? ? ? ? 1.975 ? ? 
disulf3 disulf ?    ? B CYS 8 SG ? ? ? 1_555 E CYS 6 SG ? ? B CYS 7 E CYS 5 1_555 ? ? ? ? ? ? ? 2.012 ? ? 
disulf4 disulf ?    ? C CYS 6 SG ? ? ? 1_555 F CYS 8 SG ? ? C CYS 5 F CYS 7 1_555 ? ? ? ? ? ? ? 2.025 ? ? 
disulf5 disulf ?    ? C CYS 8 SG ? ? ? 1_555 D CYS 6 SG ? ? C CYS 7 D CYS 5 1_555 ? ? ? ? ? ? ? 2.002 ? ? 
disulf6 disulf ?    ? E CYS 8 SG ? ? ? 1_555 F CYS 6 SG ? ? E CYS 7 F CYS 5 1_555 ? ? ? ? ? ? ? 2.013 ? ? 
covale1 covale both ? A ACE 1 C  ? ? ? 1_555 A GLY 2 N  ? ? A ACE 0 A GLY 1 1_555 ? ? ? ? ? ? ? 1.337 ? ? 
covale2 covale both ? B ACE 1 C  ? ? ? 1_555 B GLY 2 N  ? ? B ACE 0 B GLY 1 1_555 ? ? ? ? ? ? ? 1.330 ? ? 
covale3 covale both ? C ACE 1 C  ? ? ? 1_555 C GLY 2 N  ? ? C ACE 0 C GLY 1 1_555 ? ? ? ? ? ? ? 1.330 ? ? 
covale4 covale both ? D ACE 1 C  ? ? ? 1_555 D GLY 2 N  ? ? D ACE 0 D GLY 1 1_555 ? ? ? ? ? ? ? 1.323 ? ? 
covale5 covale both ? E ACE 1 C  ? ? ? 1_555 E GLY 2 N  ? ? E ACE 0 E GLY 1 1_555 ? ? ? ? ? ? ? 1.331 ? ? 
covale6 covale both ? F ACE 1 C  ? ? ? 1_555 F GLY 2 N  ? ? F ACE 0 F GLY 1 1_555 ? ? ? ? ? ? ? 1.333 ? ? 
# 
loop_
_struct_conn_type.id 
_struct_conn_type.criteria 
_struct_conn_type.reference 
disulf ? ? 
covale ? ? 
# 
loop_
_pdbx_modification_feature.ordinal 
_pdbx_modification_feature.label_comp_id 
_pdbx_modification_feature.label_asym_id 
_pdbx_modification_feature.label_seq_id 
_pdbx_modification_feature.label_alt_id 
_pdbx_modification_feature.modified_residue_label_comp_id 
_pdbx_modification_feature.modified_residue_label_asym_id 
_pdbx_modification_feature.modified_residue_label_seq_id 
_pdbx_modification_feature.modified_residue_label_alt_id 
_pdbx_modification_feature.auth_comp_id 
_pdbx_modification_feature.auth_asym_id 
_pdbx_modification_feature.auth_seq_id 
_pdbx_modification_feature.PDB_ins_code 
_pdbx_modification_feature.symmetry 
_pdbx_modification_feature.modified_residue_auth_comp_id 
_pdbx_modification_feature.modified_residue_auth_asym_id 
_pdbx_modification_feature.modified_residue_auth_seq_id 
_pdbx_modification_feature.modified_residue_PDB_ins_code 
_pdbx_modification_feature.modified_residue_symmetry 
_pdbx_modification_feature.comp_id_linking_atom 
_pdbx_modification_feature.modified_residue_id_linking_atom 
_pdbx_modification_feature.modified_residue_id 
_pdbx_modification_feature.ref_pcm_id 
_pdbx_modification_feature.ref_comp_id 
_pdbx_modification_feature.type 
_pdbx_modification_feature.category 
1  ACE A 1 ? GLY A 2 ? ACE A 0 ? 1_555 GLY A 1 ? 1_555 .  .  GLY 12 ACE None 'Terminal acetylation' 
2  ACE B 1 ? GLY B 2 ? ACE B 0 ? 1_555 GLY B 1 ? 1_555 .  .  GLY 12 ACE None 'Terminal acetylation' 
3  ACE C 1 ? GLY C 2 ? ACE C 0 ? 1_555 GLY C 1 ? 1_555 .  .  GLY 12 ACE None 'Terminal acetylation' 
4  ACE D 1 ? GLY D 2 ? ACE D 0 ? 1_555 GLY D 1 ? 1_555 .  .  GLY 12 ACE None 'Terminal acetylation' 
5  ACE E 1 ? GLY E 2 ? ACE E 0 ? 1_555 GLY E 1 ? 1_555 .  .  GLY 12 ACE None 'Terminal acetylation' 
6  ACE F 1 ? GLY F 2 ? ACE F 0 ? 1_555 GLY F 1 ? 1_555 .  .  GLY 12 ACE None 'Terminal acetylation' 
7  CYS A 6 ? CYS D 8 ? CYS A 5 ? 1_555 CYS D 7 ? 1_555 SG SG .   .  .   None 'Disulfide bridge'     
8  CYS A 8 ? CYS B 6 ? CYS A 7 ? 1_555 CYS B 5 ? 1_555 SG SG .   .  .   None 'Disulfide bridge'     
9  CYS B 8 ? CYS E 6 ? CYS B 7 ? 1_555 CYS E 5 ? 1_555 SG SG .   .  .   None 'Disulfide bridge'     
10 CYS C 6 ? CYS F 8 ? CYS C 5 ? 1_555 CYS F 7 ? 1_555 SG SG .   .  .   None 'Disulfide bridge'     
11 CYS C 8 ? CYS D 6 ? CYS C 7 ? 1_555 CYS D 5 ? 1_555 SG SG .   .  .   None 'Disulfide bridge'     
12 CYS E 8 ? CYS F 6 ? CYS E 7 ? 1_555 CYS F 5 ? 1_555 SG SG .   .  .   None 'Disulfide bridge'     
# 
_pdbx_entry_details.entry_id                   4H8L 
_pdbx_entry_details.compound_details           ? 
_pdbx_entry_details.source_details             ? 
_pdbx_entry_details.nonpolymer_details         ? 
_pdbx_entry_details.sequence_details           ? 
_pdbx_entry_details.has_ligand_of_interest     ? 
_pdbx_entry_details.has_protein_modification   Y 
# 
_pdbx_validate_close_contact.id               1 
_pdbx_validate_close_contact.PDB_model_num    1 
_pdbx_validate_close_contact.auth_atom_id_1   O 
_pdbx_validate_close_contact.auth_asym_id_1   A 
_pdbx_validate_close_contact.auth_comp_id_1   HOH 
_pdbx_validate_close_contact.auth_seq_id_1    107 
_pdbx_validate_close_contact.PDB_ins_code_1   ? 
_pdbx_validate_close_contact.label_alt_id_1   ? 
_pdbx_validate_close_contact.auth_atom_id_2   O 
_pdbx_validate_close_contact.auth_asym_id_2   A 
_pdbx_validate_close_contact.auth_comp_id_2   HOH 
_pdbx_validate_close_contact.auth_seq_id_2    114 
_pdbx_validate_close_contact.PDB_ins_code_2   ? 
_pdbx_validate_close_contact.label_alt_id_2   ? 
_pdbx_validate_close_contact.dist             2.15 
# 
_pdbx_validate_symm_contact.id                1 
_pdbx_validate_symm_contact.PDB_model_num     1 
_pdbx_validate_symm_contact.auth_atom_id_1    O 
_pdbx_validate_symm_contact.auth_asym_id_1    D 
_pdbx_validate_symm_contact.auth_comp_id_1    HOH 
_pdbx_validate_symm_contact.auth_seq_id_1     116 
_pdbx_validate_symm_contact.PDB_ins_code_1    ? 
_pdbx_validate_symm_contact.label_alt_id_1    ? 
_pdbx_validate_symm_contact.site_symmetry_1   1_555 
_pdbx_validate_symm_contact.auth_atom_id_2    O 
_pdbx_validate_symm_contact.auth_asym_id_2    F 
_pdbx_validate_symm_contact.auth_comp_id_2    HOH 
_pdbx_validate_symm_contact.auth_seq_id_2     112 
_pdbx_validate_symm_contact.PDB_ins_code_2    ? 
_pdbx_validate_symm_contact.label_alt_id_2    ? 
_pdbx_validate_symm_contact.site_symmetry_2   2_555 
_pdbx_validate_symm_contact.dist              2.18 
# 
_pdbx_validate_torsion.id              1 
_pdbx_validate_torsion.PDB_model_num   1 
_pdbx_validate_torsion.auth_comp_id    GLU 
_pdbx_validate_torsion.auth_asym_id    E 
_pdbx_validate_torsion.auth_seq_id     23 
_pdbx_validate_torsion.PDB_ins_code    ? 
_pdbx_validate_torsion.label_alt_id    ? 
_pdbx_validate_torsion.phi             -103.90 
_pdbx_validate_torsion.psi             -65.16 
# 
_pdbx_struct_special_symmetry.id              1 
_pdbx_struct_special_symmetry.PDB_model_num   1 
_pdbx_struct_special_symmetry.auth_asym_id    F 
_pdbx_struct_special_symmetry.auth_comp_id    HOH 
_pdbx_struct_special_symmetry.auth_seq_id     110 
_pdbx_struct_special_symmetry.PDB_ins_code    ? 
_pdbx_struct_special_symmetry.label_asym_id   L 
_pdbx_struct_special_symmetry.label_comp_id   HOH 
_pdbx_struct_special_symmetry.label_seq_id    . 
# 
loop_
_pdbx_unobs_or_zero_occ_residues.id 
_pdbx_unobs_or_zero_occ_residues.PDB_model_num 
_pdbx_unobs_or_zero_occ_residues.polymer_flag 
_pdbx_unobs_or_zero_occ_residues.occupancy_flag 
_pdbx_unobs_or_zero_occ_residues.auth_asym_id 
_pdbx_unobs_or_zero_occ_residues.auth_comp_id 
_pdbx_unobs_or_zero_occ_residues.auth_seq_id 
_pdbx_unobs_or_zero_occ_residues.PDB_ins_code 
_pdbx_unobs_or_zero_occ_residues.label_asym_id 
_pdbx_unobs_or_zero_occ_residues.label_comp_id 
_pdbx_unobs_or_zero_occ_residues.label_seq_id 
1  1 Y 1 A ILE 27 ? A ILE 28 
2  1 Y 1 A ALA 28 ? A ALA 29 
3  1 Y 1 A GLN 29 ? A GLN 30 
4  1 Y 1 A GLY 30 ? A GLY 31 
5  1 Y 1 A ALA 31 ? A ALA 32 
6  1 Y 1 A GLY 32 ? A GLY 33 
7  1 Y 1 A NH2 33 ? A NH2 34 
8  1 Y 1 B ILE 27 ? B ILE 28 
9  1 Y 1 B ALA 28 ? B ALA 29 
10 1 Y 1 B GLN 29 ? B GLN 30 
11 1 Y 1 B GLY 30 ? B GLY 31 
12 1 Y 1 B ALA 31 ? B ALA 32 
13 1 Y 1 B GLY 32 ? B GLY 33 
14 1 Y 1 B NH2 33 ? B NH2 34 
15 1 Y 1 C ILE 27 ? C ILE 28 
16 1 Y 1 C ALA 28 ? C ALA 29 
17 1 Y 1 C GLN 29 ? C GLN 30 
18 1 Y 1 C GLY 30 ? C GLY 31 
19 1 Y 1 C ALA 31 ? C ALA 32 
20 1 Y 1 C GLY 32 ? C GLY 33 
21 1 Y 1 C NH2 33 ? C NH2 34 
22 1 Y 1 D ILE 27 ? D ILE 28 
23 1 Y 1 D ALA 28 ? D ALA 29 
24 1 Y 1 D GLN 29 ? D GLN 30 
25 1 Y 1 D GLY 30 ? D GLY 31 
26 1 Y 1 D ALA 31 ? D ALA 32 
27 1 Y 1 D GLY 32 ? D GLY 33 
28 1 Y 1 D NH2 33 ? D NH2 34 
29 1 Y 1 E LYS 25 ? E LYS 26 
30 1 Y 1 E ALA 26 ? E ALA 27 
31 1 Y 1 E ILE 27 ? E ILE 28 
32 1 Y 1 E ALA 28 ? E ALA 29 
33 1 Y 1 E GLN 29 ? E GLN 30 
34 1 Y 1 E GLY 30 ? E GLY 31 
35 1 Y 1 E ALA 31 ? E ALA 32 
36 1 Y 1 E GLY 32 ? E GLY 33 
37 1 Y 1 E NH2 33 ? E NH2 34 
38 1 Y 1 F LYS 25 ? F LYS 26 
39 1 Y 1 F ALA 26 ? F ALA 27 
40 1 Y 1 F ILE 27 ? F ILE 28 
41 1 Y 1 F ALA 28 ? F ALA 29 
42 1 Y 1 F GLN 29 ? F GLN 30 
43 1 Y 1 F GLY 30 ? F GLY 31 
44 1 Y 1 F ALA 31 ? F ALA 32 
45 1 Y 1 F GLY 32 ? F GLY 33 
46 1 Y 1 F NH2 33 ? F NH2 34 
# 
loop_
_chem_comp_atom.comp_id 
_chem_comp_atom.atom_id 
_chem_comp_atom.type_symbol 
_chem_comp_atom.pdbx_aromatic_flag 
_chem_comp_atom.pdbx_stereo_config 
_chem_comp_atom.pdbx_ordinal 
ACE C    C N N 1   
ACE O    O N N 2   
ACE CH3  C N N 3   
ACE H    H N N 4   
ACE H1   H N N 5   
ACE H2   H N N 6   
ACE H3   H N N 7   
ALA N    N N N 8   
ALA CA   C N S 9   
ALA C    C N N 10  
ALA O    O N N 11  
ALA CB   C N N 12  
ALA OXT  O N N 13  
ALA H    H N N 14  
ALA H2   H N N 15  
ALA HA   H N N 16  
ALA HB1  H N N 17  
ALA HB2  H N N 18  
ALA HB3  H N N 19  
ALA HXT  H N N 20  
ASP N    N N N 21  
ASP CA   C N S 22  
ASP C    C N N 23  
ASP O    O N N 24  
ASP CB   C N N 25  
ASP CG   C N N 26  
ASP OD1  O N N 27  
ASP OD2  O N N 28  
ASP OXT  O N N 29  
ASP H    H N N 30  
ASP H2   H N N 31  
ASP HA   H N N 32  
ASP HB2  H N N 33  
ASP HB3  H N N 34  
ASP HD2  H N N 35  
ASP HXT  H N N 36  
CYS N    N N N 37  
CYS CA   C N R 38  
CYS C    C N N 39  
CYS O    O N N 40  
CYS CB   C N N 41  
CYS SG   S N N 42  
CYS OXT  O N N 43  
CYS H    H N N 44  
CYS H2   H N N 45  
CYS HA   H N N 46  
CYS HB2  H N N 47  
CYS HB3  H N N 48  
CYS HG   H N N 49  
CYS HXT  H N N 50  
GLN N    N N N 51  
GLN CA   C N S 52  
GLN C    C N N 53  
GLN O    O N N 54  
GLN CB   C N N 55  
GLN CG   C N N 56  
GLN CD   C N N 57  
GLN OE1  O N N 58  
GLN NE2  N N N 59  
GLN OXT  O N N 60  
GLN H    H N N 61  
GLN H2   H N N 62  
GLN HA   H N N 63  
GLN HB2  H N N 64  
GLN HB3  H N N 65  
GLN HG2  H N N 66  
GLN HG3  H N N 67  
GLN HE21 H N N 68  
GLN HE22 H N N 69  
GLN HXT  H N N 70  
GLU N    N N N 71  
GLU CA   C N S 72  
GLU C    C N N 73  
GLU O    O N N 74  
GLU CB   C N N 75  
GLU CG   C N N 76  
GLU CD   C N N 77  
GLU OE1  O N N 78  
GLU OE2  O N N 79  
GLU OXT  O N N 80  
GLU H    H N N 81  
GLU H2   H N N 82  
GLU HA   H N N 83  
GLU HB2  H N N 84  
GLU HB3  H N N 85  
GLU HG2  H N N 86  
GLU HG3  H N N 87  
GLU HE2  H N N 88  
GLU HXT  H N N 89  
GLY N    N N N 90  
GLY CA   C N N 91  
GLY C    C N N 92  
GLY O    O N N 93  
GLY OXT  O N N 94  
GLY H    H N N 95  
GLY H2   H N N 96  
GLY HA2  H N N 97  
GLY HA3  H N N 98  
GLY HXT  H N N 99  
HOH O    O N N 100 
HOH H1   H N N 101 
HOH H2   H N N 102 
ILE N    N N N 103 
ILE CA   C N S 104 
ILE C    C N N 105 
ILE O    O N N 106 
ILE CB   C N S 107 
ILE CG1  C N N 108 
ILE CG2  C N N 109 
ILE CD1  C N N 110 
ILE OXT  O N N 111 
ILE H    H N N 112 
ILE H2   H N N 113 
ILE HA   H N N 114 
ILE HB   H N N 115 
ILE HG12 H N N 116 
ILE HG13 H N N 117 
ILE HG21 H N N 118 
ILE HG22 H N N 119 
ILE HG23 H N N 120 
ILE HD11 H N N 121 
ILE HD12 H N N 122 
ILE HD13 H N N 123 
ILE HXT  H N N 124 
LEU N    N N N 125 
LEU CA   C N S 126 
LEU C    C N N 127 
LEU O    O N N 128 
LEU CB   C N N 129 
LEU CG   C N N 130 
LEU CD1  C N N 131 
LEU CD2  C N N 132 
LEU OXT  O N N 133 
LEU H    H N N 134 
LEU H2   H N N 135 
LEU HA   H N N 136 
LEU HB2  H N N 137 
LEU HB3  H N N 138 
LEU HG   H N N 139 
LEU HD11 H N N 140 
LEU HD12 H N N 141 
LEU HD13 H N N 142 
LEU HD21 H N N 143 
LEU HD22 H N N 144 
LEU HD23 H N N 145 
LEU HXT  H N N 146 
LYS N    N N N 147 
LYS CA   C N S 148 
LYS C    C N N 149 
LYS O    O N N 150 
LYS CB   C N N 151 
LYS CG   C N N 152 
LYS CD   C N N 153 
LYS CE   C N N 154 
LYS NZ   N N N 155 
LYS OXT  O N N 156 
LYS H    H N N 157 
LYS H2   H N N 158 
LYS HA   H N N 159 
LYS HB2  H N N 160 
LYS HB3  H N N 161 
LYS HG2  H N N 162 
LYS HG3  H N N 163 
LYS HD2  H N N 164 
LYS HD3  H N N 165 
LYS HE2  H N N 166 
LYS HE3  H N N 167 
LYS HZ1  H N N 168 
LYS HZ2  H N N 169 
LYS HZ3  H N N 170 
LYS HXT  H N N 171 
NH2 N    N N N 172 
NH2 HN1  H N N 173 
NH2 HN2  H N N 174 
TRP N    N N N 175 
TRP CA   C N S 176 
TRP C    C N N 177 
TRP O    O N N 178 
TRP CB   C N N 179 
TRP CG   C Y N 180 
TRP CD1  C Y N 181 
TRP CD2  C Y N 182 
TRP NE1  N Y N 183 
TRP CE2  C Y N 184 
TRP CE3  C Y N 185 
TRP CZ2  C Y N 186 
TRP CZ3  C Y N 187 
TRP CH2  C Y N 188 
TRP OXT  O N N 189 
TRP H    H N N 190 
TRP H2   H N N 191 
TRP HA   H N N 192 
TRP HB2  H N N 193 
TRP HB3  H N N 194 
TRP HD1  H N N 195 
TRP HE1  H N N 196 
TRP HE3  H N N 197 
TRP HZ2  H N N 198 
TRP HZ3  H N N 199 
TRP HH2  H N N 200 
TRP HXT  H N N 201 
# 
loop_
_chem_comp_bond.comp_id 
_chem_comp_bond.atom_id_1 
_chem_comp_bond.atom_id_2 
_chem_comp_bond.value_order 
_chem_comp_bond.pdbx_aromatic_flag 
_chem_comp_bond.pdbx_stereo_config 
_chem_comp_bond.pdbx_ordinal 
ACE C   O    doub N N 1   
ACE C   CH3  sing N N 2   
ACE C   H    sing N N 3   
ACE CH3 H1   sing N N 4   
ACE CH3 H2   sing N N 5   
ACE CH3 H3   sing N N 6   
ALA N   CA   sing N N 7   
ALA N   H    sing N N 8   
ALA N   H2   sing N N 9   
ALA CA  C    sing N N 10  
ALA CA  CB   sing N N 11  
ALA CA  HA   sing N N 12  
ALA C   O    doub N N 13  
ALA C   OXT  sing N N 14  
ALA CB  HB1  sing N N 15  
ALA CB  HB2  sing N N 16  
ALA CB  HB3  sing N N 17  
ALA OXT HXT  sing N N 18  
ASP N   CA   sing N N 19  
ASP N   H    sing N N 20  
ASP N   H2   sing N N 21  
ASP CA  C    sing N N 22  
ASP CA  CB   sing N N 23  
ASP CA  HA   sing N N 24  
ASP C   O    doub N N 25  
ASP C   OXT  sing N N 26  
ASP CB  CG   sing N N 27  
ASP CB  HB2  sing N N 28  
ASP CB  HB3  sing N N 29  
ASP CG  OD1  doub N N 30  
ASP CG  OD2  sing N N 31  
ASP OD2 HD2  sing N N 32  
ASP OXT HXT  sing N N 33  
CYS N   CA   sing N N 34  
CYS N   H    sing N N 35  
CYS N   H2   sing N N 36  
CYS CA  C    sing N N 37  
CYS CA  CB   sing N N 38  
CYS CA  HA   sing N N 39  
CYS C   O    doub N N 40  
CYS C   OXT  sing N N 41  
CYS CB  SG   sing N N 42  
CYS CB  HB2  sing N N 43  
CYS CB  HB3  sing N N 44  
CYS SG  HG   sing N N 45  
CYS OXT HXT  sing N N 46  
GLN N   CA   sing N N 47  
GLN N   H    sing N N 48  
GLN N   H2   sing N N 49  
GLN CA  C    sing N N 50  
GLN CA  CB   sing N N 51  
GLN CA  HA   sing N N 52  
GLN C   O    doub N N 53  
GLN C   OXT  sing N N 54  
GLN CB  CG   sing N N 55  
GLN CB  HB2  sing N N 56  
GLN CB  HB3  sing N N 57  
GLN CG  CD   sing N N 58  
GLN CG  HG2  sing N N 59  
GLN CG  HG3  sing N N 60  
GLN CD  OE1  doub N N 61  
GLN CD  NE2  sing N N 62  
GLN NE2 HE21 sing N N 63  
GLN NE2 HE22 sing N N 64  
GLN OXT HXT  sing N N 65  
GLU N   CA   sing N N 66  
GLU N   H    sing N N 67  
GLU N   H2   sing N N 68  
GLU CA  C    sing N N 69  
GLU CA  CB   sing N N 70  
GLU CA  HA   sing N N 71  
GLU C   O    doub N N 72  
GLU C   OXT  sing N N 73  
GLU CB  CG   sing N N 74  
GLU CB  HB2  sing N N 75  
GLU CB  HB3  sing N N 76  
GLU CG  CD   sing N N 77  
GLU CG  HG2  sing N N 78  
GLU CG  HG3  sing N N 79  
GLU CD  OE1  doub N N 80  
GLU CD  OE2  sing N N 81  
GLU OE2 HE2  sing N N 82  
GLU OXT HXT  sing N N 83  
GLY N   CA   sing N N 84  
GLY N   H    sing N N 85  
GLY N   H2   sing N N 86  
GLY CA  C    sing N N 87  
GLY CA  HA2  sing N N 88  
GLY CA  HA3  sing N N 89  
GLY C   O    doub N N 90  
GLY C   OXT  sing N N 91  
GLY OXT HXT  sing N N 92  
HOH O   H1   sing N N 93  
HOH O   H2   sing N N 94  
ILE N   CA   sing N N 95  
ILE N   H    sing N N 96  
ILE N   H2   sing N N 97  
ILE CA  C    sing N N 98  
ILE CA  CB   sing N N 99  
ILE CA  HA   sing N N 100 
ILE C   O    doub N N 101 
ILE C   OXT  sing N N 102 
ILE CB  CG1  sing N N 103 
ILE CB  CG2  sing N N 104 
ILE CB  HB   sing N N 105 
ILE CG1 CD1  sing N N 106 
ILE CG1 HG12 sing N N 107 
ILE CG1 HG13 sing N N 108 
ILE CG2 HG21 sing N N 109 
ILE CG2 HG22 sing N N 110 
ILE CG2 HG23 sing N N 111 
ILE CD1 HD11 sing N N 112 
ILE CD1 HD12 sing N N 113 
ILE CD1 HD13 sing N N 114 
ILE OXT HXT  sing N N 115 
LEU N   CA   sing N N 116 
LEU N   H    sing N N 117 
LEU N   H2   sing N N 118 
LEU CA  C    sing N N 119 
LEU CA  CB   sing N N 120 
LEU CA  HA   sing N N 121 
LEU C   O    doub N N 122 
LEU C   OXT  sing N N 123 
LEU CB  CG   sing N N 124 
LEU CB  HB2  sing N N 125 
LEU CB  HB3  sing N N 126 
LEU CG  CD1  sing N N 127 
LEU CG  CD2  sing N N 128 
LEU CG  HG   sing N N 129 
LEU CD1 HD11 sing N N 130 
LEU CD1 HD12 sing N N 131 
LEU CD1 HD13 sing N N 132 
LEU CD2 HD21 sing N N 133 
LEU CD2 HD22 sing N N 134 
LEU CD2 HD23 sing N N 135 
LEU OXT HXT  sing N N 136 
LYS N   CA   sing N N 137 
LYS N   H    sing N N 138 
LYS N   H2   sing N N 139 
LYS CA  C    sing N N 140 
LYS CA  CB   sing N N 141 
LYS CA  HA   sing N N 142 
LYS C   O    doub N N 143 
LYS C   OXT  sing N N 144 
LYS CB  CG   sing N N 145 
LYS CB  HB2  sing N N 146 
LYS CB  HB3  sing N N 147 
LYS CG  CD   sing N N 148 
LYS CG  HG2  sing N N 149 
LYS CG  HG3  sing N N 150 
LYS CD  CE   sing N N 151 
LYS CD  HD2  sing N N 152 
LYS CD  HD3  sing N N 153 
LYS CE  NZ   sing N N 154 
LYS CE  HE2  sing N N 155 
LYS CE  HE3  sing N N 156 
LYS NZ  HZ1  sing N N 157 
LYS NZ  HZ2  sing N N 158 
LYS NZ  HZ3  sing N N 159 
LYS OXT HXT  sing N N 160 
NH2 N   HN1  sing N N 161 
NH2 N   HN2  sing N N 162 
TRP N   CA   sing N N 163 
TRP N   H    sing N N 164 
TRP N   H2   sing N N 165 
TRP CA  C    sing N N 166 
TRP CA  CB   sing N N 167 
TRP CA  HA   sing N N 168 
TRP C   O    doub N N 169 
TRP C   OXT  sing N N 170 
TRP CB  CG   sing N N 171 
TRP CB  HB2  sing N N 172 
TRP CB  HB3  sing N N 173 
TRP CG  CD1  doub Y N 174 
TRP CG  CD2  sing Y N 175 
TRP CD1 NE1  sing Y N 176 
TRP CD1 HD1  sing N N 177 
TRP CD2 CE2  doub Y N 178 
TRP CD2 CE3  sing Y N 179 
TRP NE1 CE2  sing Y N 180 
TRP NE1 HE1  sing N N 181 
TRP CE2 CZ2  sing Y N 182 
TRP CE3 CZ3  doub Y N 183 
TRP CE3 HE3  sing N N 184 
TRP CZ2 CH2  doub Y N 185 
TRP CZ2 HZ2  sing N N 186 
TRP CZ3 CH2  sing Y N 187 
TRP CZ3 HZ3  sing N N 188 
TRP CH2 HH2  sing N N 189 
TRP OXT HXT  sing N N 190 
# 
_pdbx_initial_refinement_model.id               1 
_pdbx_initial_refinement_model.entity_id_list   ? 
_pdbx_initial_refinement_model.type             'experimental model' 
_pdbx_initial_refinement_model.source_name      PDB 
_pdbx_initial_refinement_model.accession_code   3R46 
_pdbx_initial_refinement_model.details          'PDB ENTRY 3R46' 
# 
_atom_sites.entry_id                    4H8L 
_atom_sites.fract_transf_matrix[1][1]   -0.00996699 
_atom_sites.fract_transf_matrix[1][2]   0.00427784 
_atom_sites.fract_transf_matrix[1][3]   -0.02979311 
_atom_sites.fract_transf_matrix[2][1]   -0.01712615 
_atom_sites.fract_transf_matrix[2][2]   0.00280562 
_atom_sites.fract_transf_matrix[2][3]   0.00613223 
_atom_sites.fract_transf_matrix[3][1]   0.00191478 
_atom_sites.fract_transf_matrix[3][2]   0.00996195 
_atom_sites.fract_transf_matrix[3][3]   0.00078982 
_atom_sites.fract_transf_vector[1]      0.068895 
_atom_sites.fract_transf_vector[2]      0.245437 
_atom_sites.fract_transf_vector[3]      0.194233 
# 
loop_
_atom_type.symbol 
C 
N 
O 
S 
# 
loop_
_atom_site.group_PDB 
_atom_site.id 
_atom_site.type_symbol 
_atom_site.label_atom_id 
_atom_site.label_alt_id 
_atom_site.label_comp_id 
_atom_site.label_asym_id 
_atom_site.label_entity_id 
_atom_site.label_seq_id 
_atom_site.pdbx_PDB_ins_code 
_atom_site.Cartn_x 
_atom_site.Cartn_y 
_atom_site.Cartn_z 
_atom_site.occupancy 
_atom_site.B_iso_or_equiv 
_atom_site.pdbx_formal_charge 
_atom_site.auth_seq_id 
_atom_site.auth_comp_id 
_atom_site.auth_asym_id 
_atom_site.auth_atom_id 
_atom_site.pdbx_PDB_model_num 
HETATM 1    C C   . ACE A 1 1  ? -0.537  -18.063 -11.672 1.00 33.06  ? 0   ACE A C   1 
HETATM 2    O O   . ACE A 1 1  ? -0.509  -18.139 -10.417 1.00 52.33  ? 0   ACE A O   1 
HETATM 3    C CH3 . ACE A 1 1  ? 0.714   -18.279 -12.483 1.00 43.42  ? 0   ACE A CH3 1 
ATOM   4    N N   . GLY A 1 2  ? -1.643  -17.769 -12.364 1.00 33.44  ? 1   GLY A N   1 
ATOM   5    C CA  . GLY A 1 2  ? -2.921  -17.638 -11.684 1.00 41.18  ? 1   GLY A CA  1 
ATOM   6    C C   . GLY A 1 2  ? -3.041  -16.448 -10.734 1.00 38.56  ? 1   GLY A C   1 
ATOM   7    O O   . GLY A 1 2  ? -2.431  -15.397 -10.957 1.00 26.96  ? 1   GLY A O   1 
ATOM   8    N N   . GLU A 1 3  ? -3.835  -16.622 -9.680  1.00 26.39  ? 2   GLU A N   1 
ATOM   9    C CA  . GLU A 1 3  ? -4.251  -15.535 -8.797  1.00 27.81  ? 2   GLU A CA  1 
ATOM   10   C C   . GLU A 1 3  ? -3.090  -14.937 -7.970  1.00 24.53  ? 2   GLU A C   1 
ATOM   11   O O   . GLU A 1 3  ? -3.020  -13.724 -7.774  1.00 22.54  ? 2   GLU A O   1 
ATOM   12   C CB  . GLU A 1 3  ? -5.403  -16.018 -7.887  1.00 39.59  ? 2   GLU A CB  1 
ATOM   13   C CG  . GLU A 1 3  ? -6.809  -15.923 -8.512  1.00 44.90  ? 2   GLU A CG  1 
ATOM   14   C CD  . GLU A 1 3  ? -7.783  -17.044 -8.074  1.00 60.77  ? 2   GLU A CD  1 
ATOM   15   O OE1 . GLU A 1 3  ? -7.356  -18.076 -7.510  1.00 52.59  ? 2   GLU A OE1 1 
ATOM   16   O OE2 . GLU A 1 3  ? -8.997  -16.889 -8.315  1.00 56.42  ? 2   GLU A OE2 1 
ATOM   17   N N   . LEU A 1 4  ? -2.179  -15.780 -7.500  1.00 23.76  ? 3   LEU A N   1 
ATOM   18   C CA  . LEU A 1 4  ? -1.099  -15.290 -6.670  1.00 19.23  ? 3   LEU A CA  1 
ATOM   19   C C   . LEU A 1 4  ? -0.088  -14.535 -7.535  1.00 20.31  ? 3   LEU A C   1 
ATOM   20   O O   . LEU A 1 4  ? 0.490   -13.564 -7.087  1.00 21.93  ? 3   LEU A O   1 
ATOM   21   C CB  . LEU A 1 4  ? -0.413  -16.415 -5.910  1.00 21.25  ? 3   LEU A CB  1 
ATOM   22   C CG  . LEU A 1 4  ? -1.255  -17.119 -4.823  1.00 20.27  ? 3   LEU A CG  1 
ATOM   23   C CD1 . LEU A 1 4  ? -0.371  -18.166 -4.176  1.00 24.14  ? 3   LEU A CD1 1 
ATOM   24   C CD2 . LEU A 1 4  ? -1.787  -16.152 -3.784  1.00 16.75  ? 3   LEU A CD2 1 
ATOM   25   N N   . LYS A 1 5  ? 0.070   -14.950 -8.783  1.00 23.36  ? 4   LYS A N   1 
ATOM   26   C CA  . LYS A 1 5  ? 0.988   -14.237 -9.680  1.00 22.61  ? 4   LYS A CA  1 
ATOM   27   C C   . LYS A 1 5  ? 0.421   -12.857 -10.022 1.00 21.70  ? 4   LYS A C   1 
ATOM   28   O O   . LYS A 1 5  ? 1.166   -11.879 -10.138 1.00 22.11  ? 4   LYS A O   1 
ATOM   29   C CB  . LYS A 1 5  ? 1.222   -15.039 -10.952 1.00 27.19  ? 4   LYS A CB  1 
ATOM   30   C CG  . LYS A 1 5  ? 2.253   -14.363 -11.861 1.00 43.69  ? 4   LYS A CG  1 
ATOM   31   C CD  . LYS A 1 5  ? 2.686   -15.277 -12.982 1.00 58.04  ? 4   LYS A CD  1 
ATOM   32   C CE  . LYS A 1 5  ? 3.493   -14.515 -14.017 1.00 67.24  ? 4   LYS A CE  1 
ATOM   33   N NZ  . LYS A 1 5  ? 3.902   -15.438 -15.106 1.00 69.82  ? 4   LYS A NZ  1 
ATOM   34   N N   . CYS A 1 6  ? -0.889  -12.791 -10.189 1.00 22.15  ? 5   CYS A N   1 
ATOM   35   C CA  . CYS A 1 6  ? -1.579  -11.548 -10.438 1.00 24.38  ? 5   CYS A CA  1 
ATOM   36   C C   . CYS A 1 6  ? -1.307  -10.602 -9.272  1.00 23.13  ? 5   CYS A C   1 
ATOM   37   O O   . CYS A 1 6  ? -0.962  -9.449  -9.475  1.00 19.29  ? 5   CYS A O   1 
ATOM   38   C CB  . CYS A 1 6  ? -3.073  -11.823 -10.556 1.00 24.81  ? 5   CYS A CB  1 
ATOM   39   S SG  . CYS A 1 6  ? -4.098  -10.435 -10.950 1.00 34.95  ? 5   CYS A SG  1 
ATOM   40   N N   . ILE A 1 7  ? -1.401  -11.116 -8.052  1.00 20.92  ? 6   ILE A N   1 
ATOM   41   C CA  . ILE A 1 7  ? -1.177  -10.299 -6.856  1.00 13.76  ? 6   ILE A CA  1 
ATOM   42   C C   . ILE A 1 7  ? 0.257   -9.788  -6.798  1.00 17.63  ? 6   ILE A C   1 
ATOM   43   O O   . ILE A 1 7  ? 0.486   -8.606  -6.583  1.00 15.64  ? 6   ILE A O   1 
ATOM   44   C CB  . ILE A 1 7  ? -1.562  -11.080 -5.588  1.00 16.83  ? 6   ILE A CB  1 
ATOM   45   C CG1 . ILE A 1 7  ? -3.090  -11.287 -5.611  1.00 19.07  ? 6   ILE A CG1 1 
ATOM   46   C CG2 . ILE A 1 7  ? -1.095  -10.303 -4.311  1.00 16.22  ? 6   ILE A CG2 1 
ATOM   47   C CD1 . ILE A 1 7  ? -3.702  -12.208 -4.512  1.00 17.79  ? 6   ILE A CD1 1 
ATOM   48   N N   . CYS A 1 8  ? 1.225   -10.675 -7.017  1.00 13.60  ? 7   CYS A N   1 
ATOM   49   C CA  . CYS A 1 8  ? 2.620   -10.222 -7.064  1.00 15.19  ? 7   CYS A CA  1 
ATOM   50   C C   . CYS A 1 8  ? 2.865   -9.156  -8.138  1.00 19.22  ? 7   CYS A C   1 
ATOM   51   O O   . CYS A 1 8  ? 3.564   -8.153  -7.891  1.00 20.14  ? 7   CYS A O   1 
ATOM   52   C CB  . CYS A 1 8  ? 3.607   -11.392 -7.214  1.00 26.90  ? 7   CYS A CB  1 
ATOM   53   S SG  . CYS A 1 8  ? 5.302   -10.801 -6.744  1.00 36.56  ? 7   CYS A SG  1 
ATOM   54   N N   . GLN A 1 9  ? 2.274   -9.332  -9.310  1.00 15.85  ? 8   GLN A N   1 
ATOM   55   C CA  . GLN A 1 9  ? 2.492   -8.368  -10.395 1.00 18.41  ? 8   GLN A CA  1 
ATOM   56   C C   . GLN A 1 9  ? 1.947   -6.976  -10.030 1.00 17.38  ? 8   GLN A C   1 
ATOM   57   O O   . GLN A 1 9  ? 2.574   -5.937  -10.330 1.00 15.94  ? 8   GLN A O   1 
ATOM   58   C CB  . GLN A 1 9  ? 1.894   -8.894  -11.701 1.00 15.99  ? 8   GLN A CB  1 
ATOM   59   C CG  . GLN A 1 9  ? 2.616   -10.124 -12.170 1.00 23.61  ? 8   GLN A CG  1 
ATOM   60   C CD  . GLN A 1 9  ? 4.050   -9.803  -12.546 1.00 35.86  ? 8   GLN A CD  1 
ATOM   61   O OE1 . GLN A 1 9  ? 4.992   -10.443 -12.063 1.00 56.35  ? 8   GLN A OE1 1 
ATOM   62   N NE2 . GLN A 1 9  ? 4.229   -8.797  -13.408 1.00 30.56  ? 8   GLN A NE2 1 
ATOM   63   N N   . GLU A 1 10 ? 0.790   -6.948  -9.376  1.00 16.29  ? 9   GLU A N   1 
ATOM   64   C CA  . GLU A 1 10 ? 0.217   -5.655  -8.973  1.00 18.43  ? 9   GLU A CA  1 
ATOM   65   C C   . GLU A 1 10 ? 1.038   -4.982  -7.872  1.00 12.93  ? 9   GLU A C   1 
ATOM   66   O O   . GLU A 1 10 ? 1.148   -3.755  -7.867  1.00 13.08  ? 9   GLU A O   1 
ATOM   67   C CB  . GLU A 1 10 ? -1.246  -5.778  -8.521  1.00 13.92  ? 9   GLU A CB  1 
ATOM   68   C CG  . GLU A 1 10 ? -2.223  -6.023  -9.671  1.00 17.85  ? 9   GLU A CG  1 
ATOM   69   C CD  . GLU A 1 10 ? -1.947  -5.160  -10.916 1.00 29.02  ? 9   GLU A CD  1 
ATOM   70   O OE1 . GLU A 1 10 ? -1.630  -3.949  -10.784 1.00 28.46  ? 9   GLU A OE1 1 
ATOM   71   O OE2 . GLU A 1 10 ? -2.050  -5.710  -12.042 1.00 31.73  ? 9   GLU A OE2 1 
ATOM   72   N N   . LEU A 1 11 ? 1.584   -5.767  -6.943  1.00 11.09  ? 10  LEU A N   1 
ATOM   73   C CA  . LEU A 1 11 ? 2.461   -5.217  -5.924  1.00 13.74  ? 10  LEU A CA  1 
ATOM   74   C C   . LEU A 1 11 ? 3.733   -4.650  -6.539  1.00 17.13  ? 10  LEU A C   1 
ATOM   75   O O   . LEU A 1 11 ? 4.231   -3.642  -6.066  1.00 12.25  ? 10  LEU A O   1 
ATOM   76   C CB  . LEU A 1 11 ? 2.781   -6.241  -4.818  1.00 15.70  ? 10  LEU A CB  1 
ATOM   77   C CG  . LEU A 1 11 ? 1.548   -6.644  -3.966  1.00 10.40  ? 10  LEU A CG  1 
ATOM   78   C CD1 . LEU A 1 11 ? 1.854   -7.888  -3.156  1.00 15.55  ? 10  LEU A CD1 1 
ATOM   79   C CD2 . LEU A 1 11 ? 1.178   -5.475  -3.077  1.00 11.07  ? 10  LEU A CD2 1 
ATOM   80   N N   . LYS A 1 12 ? 4.273   -5.298  -7.565  1.00 15.80  ? 11  LYS A N   1 
ATOM   81   C CA  . LYS A 1 12 ? 5.406   -4.688  -8.296  1.00 13.96  ? 11  LYS A CA  1 
ATOM   82   C C   . LYS A 1 12 ? 5.048   -3.332  -8.896  1.00 14.54  ? 11  LYS A C   1 
ATOM   83   O O   . LYS A 1 12 ? 5.881   -2.392  -8.887  1.00 14.48  ? 11  LYS A O   1 
ATOM   84   C CB  . LYS A 1 12 ? 5.884   -5.630  -9.405  1.00 16.34  ? 11  LYS A CB  1 
ATOM   85   C CG  . LYS A 1 12 ? 6.517   -6.888  -8.894  1.00 25.30  ? 11  LYS A CG  1 
ATOM   86   C CD  . LYS A 1 12 ? 7.080   -7.711  -10.039 1.00 24.55  ? 11  LYS A CD  1 
ATOM   87   C CE  . LYS A 1 12 ? 7.945   -8.847  -9.491  1.00 37.30  ? 11  LYS A CE  1 
ATOM   88   N NZ  . LYS A 1 12 ? 7.779   -10.052 -10.325 1.00 58.07  ? 11  LYS A NZ  1 
ATOM   89   N N   . ALA A 1 13 ? 3.820   -3.215  -9.401  1.00 11.71  ? 12  ALA A N   1 
ATOM   90   C CA  . ALA A 1 13 ? 3.343   -1.973  -10.011 1.00 14.22  ? 12  ALA A CA  1 
ATOM   91   C C   . ALA A 1 13 ? 3.200   -0.878  -8.945  1.00 11.95  ? 12  ALA A C   1 
ATOM   92   O O   . ALA A 1 13 ? 3.547   0.293   -9.159  1.00 13.81  ? 12  ALA A O   1 
ATOM   93   C CB  . ALA A 1 13 ? 2.004   -2.228  -10.699 1.00 14.26  ? 12  ALA A CB  1 
ATOM   94   N N   . ILE A 1 14 ? 2.649   -1.249  -7.789  1.00 12.50  ? 13  ILE A N   1 
ATOM   95   C CA  . ILE A 1 14 ? 2.561   -0.328  -6.654  1.00 8.98   ? 13  ILE A CA  1 
ATOM   96   C C   . ILE A 1 14 ? 3.952   0.109   -6.184  1.00 9.43   ? 13  ILE A C   1 
ATOM   97   O O   . ILE A 1 14 ? 4.159   1.295   -5.936  1.00 11.29  ? 13  ILE A O   1 
ATOM   98   C CB  . ILE A 1 14 ? 1.763   -1.025  -5.482  1.00 9.46   ? 13  ILE A CB  1 
ATOM   99   C CG1 . ILE A 1 14 ? 0.293   -1.202  -5.944  1.00 9.86   ? 13  ILE A CG1 1 
ATOM   100  C CG2 . ILE A 1 14 ? 1.866   -0.212  -4.146  1.00 14.30  ? 13  ILE A CG2 1 
ATOM   101  C CD1 . ILE A 1 14 ? -0.503  -2.138  -4.996  1.00 11.95  ? 13  ILE A CD1 1 
ATOM   102  N N   . ALA A 1 15 ? 4.917   -0.830  -6.084  1.00 8.29   ? 14  ALA A N   1 
ATOM   103  C CA  . ALA A 1 15 ? 6.243   -0.471  -5.615  1.00 10.27  ? 14  ALA A CA  1 
ATOM   104  C C   . ALA A 1 15 ? 6.884   0.537   -6.584  1.00 10.91  ? 14  ALA A C   1 
ATOM   105  O O   . ALA A 1 15 ? 7.601   1.456   -6.177  1.00 12.31  ? 14  ALA A O   1 
ATOM   106  C CB  . ALA A 1 15 ? 7.131   -1.737  -5.503  1.00 14.67  ? 14  ALA A CB  1 
ATOM   107  N N   . TRP A 1 16 ? 6.618   0.355   -7.870  1.00 9.03   ? 15  TRP A N   1 
ATOM   108  C CA  . TRP A 1 16 ? 7.216   1.212   -8.928  1.00 11.84  ? 15  TRP A CA  1 
ATOM   109  C C   . TRP A 1 16 ? 6.634   2.635   -8.832  1.00 12.00  ? 15  TRP A C   1 
ATOM   110  O O   . TRP A 1 16 ? 7.344   3.631   -8.881  1.00 14.35  ? 15  TRP A O   1 
ATOM   111  C CB  . TRP A 1 16 ? 6.888   0.607   -10.316 1.00 12.71  ? 15  TRP A CB  1 
ATOM   112  C CG  . TRP A 1 16 ? 7.546   1.330   -11.498 1.00 13.93  ? 15  TRP A CG  1 
ATOM   113  C CD1 . TRP A 1 16 ? 6.928   2.061   -12.472 1.00 16.85  ? 15  TRP A CD1 1 
ATOM   114  C CD2 . TRP A 1 16 ? 8.955   1.386   -11.780 1.00 14.42  ? 15  TRP A CD2 1 
ATOM   115  N NE1 . TRP A 1 16 ? 7.899   2.589   -13.375 1.00 14.87  ? 15  TRP A NE1 1 
ATOM   116  C CE2 . TRP A 1 16 ? 9.137   2.155   -12.965 1.00 15.62  ? 15  TRP A CE2 1 
ATOM   117  C CE3 . TRP A 1 16 ? 10.086  0.860   -11.149 1.00 14.36  ? 15  TRP A CE3 1 
ATOM   118  C CZ2 . TRP A 1 16 ? 10.383  2.409   -13.512 1.00 19.24  ? 15  TRP A CZ2 1 
ATOM   119  C CZ3 . TRP A 1 16 ? 11.341  1.105   -11.716 1.00 20.31  ? 15  TRP A CZ3 1 
ATOM   120  C CH2 . TRP A 1 16 ? 11.468  1.875   -12.875 1.00 16.19  ? 15  TRP A CH2 1 
ATOM   121  N N   . GLU A 1 17 ? 5.326   2.748   -8.678  1.00 11.89  ? 16  GLU A N   1 
ATOM   122  C CA  . GLU A 1 17 ? 4.742   4.078   -8.518  1.00 15.34  ? 16  GLU A CA  1 
ATOM   123  C C   . GLU A 1 17 ? 5.206   4.753   -7.233  1.00 14.13  ? 16  GLU A C   1 
ATOM   124  O O   . GLU A 1 17 ? 5.431   5.951   -7.234  1.00 16.00  ? 16  GLU A O   1 
ATOM   125  C CB  . GLU A 1 17 ? 3.216   4.032   -8.549  1.00 12.72  ? 16  GLU A CB  1 
ATOM   126  C CG  . GLU A 1 17 ? 2.610   3.386   -9.820  1.00 17.42  ? 16  GLU A CG  1 
ATOM   127  C CD  . GLU A 1 17 ? 3.019   4.096   -11.109 1.00 24.74  ? 16  GLU A CD  1 
ATOM   128  O OE1 . GLU A 1 17 ? 3.306   5.298   -11.046 1.00 20.11  ? 16  GLU A OE1 1 
ATOM   129  O OE2 . GLU A 1 17 ? 3.083   3.446   -12.181 1.00 27.03  ? 16  GLU A OE2 1 
ATOM   130  N N   . LEU A 1 18 ? 5.395   4.010   -6.133  1.00 10.94  ? 17  LEU A N   1 
ATOM   131  C CA  . LEU A 1 18 ? 5.876   4.642   -4.911  1.00 12.27  ? 17  LEU A CA  1 
ATOM   132  C C   . LEU A 1 18 ? 7.316   5.080   -5.098  1.00 13.02  ? 17  LEU A C   1 
ATOM   133  O O   . LEU A 1 18 ? 7.751   6.078   -4.541  1.00 14.54  ? 17  LEU A O   1 
ATOM   134  C CB  . LEU A 1 18 ? 5.792   3.674   -3.708  1.00 13.32  ? 17  LEU A CB  1 
ATOM   135  C CG  . LEU A 1 18 ? 4.338   3.489   -3.247  1.00 11.45  ? 17  LEU A CG  1 
ATOM   136  C CD1 . LEU A 1 18 ? 4.252   2.361   -2.195  1.00 14.71  ? 17  LEU A CD1 1 
ATOM   137  C CD2 . LEU A 1 18 ? 3.796   4.818   -2.609  1.00 16.13  ? 17  LEU A CD2 1 
ATOM   138  N N   . LYS A 1 19 ? 8.080   4.294   -5.834  1.00 15.20  ? 18  LYS A N   1 
ATOM   139  C CA  . LYS A 1 19 ? 9.445   4.733   -6.153  1.00 12.99  ? 18  LYS A CA  1 
ATOM   140  C C   . LYS A 1 19 ? 9.432   6.077   -6.891  1.00 14.16  ? 18  LYS A C   1 
ATOM   141  O O   . LYS A 1 19 ? 10.255  6.944   -6.606  1.00 15.31  ? 18  LYS A O   1 
ATOM   142  C CB  . LYS A 1 19 ? 10.167  3.659   -6.954  1.00 12.18  ? 18  LYS A CB  1 
ATOM   143  C CG  . LYS A 1 19 ? 11.685  3.983   -7.168  1.00 17.39  ? 18  LYS A CG  1 
ATOM   144  C CD  . LYS A 1 19 ? 12.303  2.982   -8.133  1.00 19.06  ? 18  LYS A CD  1 
ATOM   145  C CE  . LYS A 1 19 ? 12.491  1.559   -7.573  1.00 17.85  ? 18  LYS A CE  1 
ATOM   146  N NZ  . LYS A 1 19 ? 13.293  1.584   -6.302  1.00 22.84  ? 18  LYS A NZ  1 
ATOM   147  N N   . ALA A 1 20 ? 8.502   6.261   -7.821  1.00 16.60  ? 19  ALA A N   1 
ATOM   148  C CA  . ALA A 1 20 ? 8.412   7.520   -8.577  1.00 18.41  ? 19  ALA A CA  1 
ATOM   149  C C   . ALA A 1 20 ? 8.079   8.670   -7.622  1.00 23.69  ? 19  ALA A C   1 
ATOM   150  O O   . ALA A 1 20 ? 8.682   9.746   -7.655  1.00 22.38  ? 19  ALA A O   1 
ATOM   151  C CB  . ALA A 1 20 ? 7.331   7.398   -9.682  1.00 17.76  ? 19  ALA A CB  1 
ATOM   152  N N   . ILE A 1 21 ? 7.139   8.419   -6.721  1.00 16.60  ? 20  ILE A N   1 
ATOM   153  C CA  . ILE A 1 21 ? 6.722   9.415   -5.731  1.00 17.83  ? 20  ILE A CA  1 
ATOM   154  C C   . ILE A 1 21 ? 7.884   9.783   -4.790  1.00 24.37  ? 20  ILE A C   1 
ATOM   155  O O   . ILE A 1 21 ? 8.130   10.965  -4.527  1.00 22.11  ? 20  ILE A O   1 
ATOM   156  C CB  . ILE A 1 21 ? 5.515   8.885   -4.945  1.00 18.42  ? 20  ILE A CB  1 
ATOM   157  C CG1 . ILE A 1 21 ? 4.292   8.808   -5.896  1.00 16.54  ? 20  ILE A CG1 1 
ATOM   158  C CG2 . ILE A 1 21 ? 5.223   9.770   -3.710  1.00 20.76  ? 20  ILE A CG2 1 
ATOM   159  C CD1 . ILE A 1 21 ? 3.117   8.013   -5.378  1.00 19.11  ? 20  ILE A CD1 1 
ATOM   160  N N   . ALA A 1 22 ? 8.601   8.779   -4.285  1.00 18.41  ? 21  ALA A N   1 
ATOM   161  C CA  . ALA A 1 22 ? 9.741   9.007   -3.409  1.00 14.37  ? 21  ALA A CA  1 
ATOM   162  C C   . ALA A 1 22 ? 10.816  9.846   -4.080  1.00 31.10  ? 21  ALA A C   1 
ATOM   163  O O   . ALA A 1 22 ? 11.507  10.603  -3.424  1.00 28.29  ? 21  ALA A O   1 
ATOM   164  C CB  . ALA A 1 22 ? 10.371  7.661   -3.001  1.00 15.53  ? 21  ALA A CB  1 
ATOM   165  N N   . LYS A 1 23 ? 10.994  9.671   -5.385  1.00 21.50  ? 22  LYS A N   1 
ATOM   166  C CA  . LYS A 1 23 ? 12.087  10.362  -6.087  1.00 18.93  ? 22  LYS A CA  1 
ATOM   167  C C   . LYS A 1 23 ? 11.711  11.801  -6.402  1.00 35.12  ? 22  LYS A C   1 
ATOM   168  O O   . LYS A 1 23 ? 12.564  12.689  -6.390  1.00 44.77  ? 22  LYS A O   1 
ATOM   169  C CB  . LYS A 1 23 ? 12.472  9.599   -7.359  1.00 21.63  ? 22  LYS A CB  1 
ATOM   170  C CG  . LYS A 1 23 ? 13.369  8.414   -7.130  1.00 36.56  ? 22  LYS A CG  1 
ATOM   171  C CD  . LYS A 1 23 ? 13.893  7.894   -8.477  1.00 51.11  ? 22  LYS A CD  1 
ATOM   172  C CE  . LYS A 1 23 ? 15.107  6.991   -8.310  1.00 49.74  ? 22  LYS A CE  1 
ATOM   173  N NZ  . LYS A 1 23 ? 14.872  5.878   -7.338  1.00 70.73  ? 22  LYS A NZ  1 
ATOM   174  N N   . GLU A 1 24 ? 10.433  12.029  -6.700  1.00 28.90  ? 23  GLU A N   1 
ATOM   175  C CA  . GLU A 1 24 ? 9.924   13.381  -6.918  1.00 36.27  ? 23  GLU A CA  1 
ATOM   176  C C   . GLU A 1 24 ? 10.094  14.182  -5.638  1.00 53.64  ? 23  GLU A C   1 
ATOM   177  O O   . GLU A 1 24 ? 10.674  15.264  -5.639  1.00 54.26  ? 23  GLU A O   1 
ATOM   178  C CB  . GLU A 1 24 ? 8.437   13.331  -7.288  1.00 49.20  ? 23  GLU A CB  1 
ATOM   179  C CG  . GLU A 1 24 ? 7.973   14.523  -8.090  1.00 68.62  ? 23  GLU A CG  1 
ATOM   180  C CD  . GLU A 1 24 ? 8.831   14.766  -9.327  1.00 75.85  ? 23  GLU A CD  1 
ATOM   181  O OE1 . GLU A 1 24 ? 9.251   13.780  -9.973  1.00 79.74  ? 23  GLU A OE1 1 
ATOM   182  O OE2 . GLU A 1 24 ? 9.090   15.947  -9.648  1.00 89.17  ? 23  GLU A OE2 1 
ATOM   183  N N   . ASP A 1 25 ? 9.564   13.623  -4.551  1.00 46.10  ? 24  ASP A N   1 
ATOM   184  C CA  . ASP A 1 25 ? 9.687   14.180  -3.205  1.00 62.21  ? 24  ASP A CA  1 
ATOM   185  C C   . ASP A 1 25 ? 11.140  14.519  -2.825  1.00 58.05  ? 24  ASP A C   1 
ATOM   186  O O   . ASP A 1 25 ? 11.398  15.537  -2.176  1.00 75.00  ? 24  ASP A O   1 
ATOM   187  C CB  . ASP A 1 25 ? 9.105   13.188  -2.192  1.00 60.41  ? 24  ASP A CB  1 
ATOM   188  C CG  . ASP A 1 25 ? 7.584   13.080  -2.266  1.00 81.15  ? 24  ASP A CG  1 
ATOM   189  O OD1 . ASP A 1 25 ? 6.992   12.594  -1.276  1.00 68.82  ? 24  ASP A OD1 1 
ATOM   190  O OD2 . ASP A 1 25 ? 6.983   13.474  -3.296  1.00 83.31  ? 24  ASP A OD2 1 
ATOM   191  N N   . LYS A 1 26 ? 12.078  13.661  -3.224  1.00 36.58  ? 25  LYS A N   1 
ATOM   192  C CA  . LYS A 1 26 ? 13.503  13.908  -3.007  1.00 52.78  ? 25  LYS A CA  1 
ATOM   193  C C   . LYS A 1 26 ? 13.913  15.276  -3.571  1.00 78.74  ? 25  LYS A C   1 
ATOM   194  O O   . LYS A 1 26 ? 14.771  15.963  -3.007  1.00 75.23  ? 25  LYS A O   1 
ATOM   195  C CB  . LYS A 1 26 ? 14.339  12.800  -3.663  1.00 63.98  ? 25  LYS A CB  1 
ATOM   196  C CG  . LYS A 1 26 ? 15.438  12.207  -2.787  1.00 61.89  ? 25  LYS A CG  1 
ATOM   197  C CD  . LYS A 1 26 ? 14.872  11.501  -1.543  1.00 78.45  ? 25  LYS A CD  1 
ATOM   198  C CE  . LYS A 1 26 ? 14.189  10.174  -1.885  1.00 54.76  ? 25  LYS A CE  1 
ATOM   199  N NZ  . LYS A 1 26 ? 12.884  10.030  -1.165  1.00 46.04  ? 25  LYS A NZ  1 
ATOM   200  N N   . ALA A 1 27 ? 13.292  15.669  -4.683  1.00 73.32  ? 26  ALA A N   1 
ATOM   201  C CA  . ALA A 1 27 ? 13.599  16.943  -5.332  1.00 77.92  ? 26  ALA A CA  1 
ATOM   202  C C   . ALA A 1 27 ? 13.074  18.141  -4.531  1.00 85.03  ? 26  ALA A C   1 
ATOM   203  O O   . ALA A 1 27 ? 13.306  18.258  -3.324  1.00 76.25  ? 26  ALA A O   1 
ATOM   204  C CB  . ALA A 1 27 ? 13.036  16.966  -6.746  1.00 61.17  ? 26  ALA A CB  1 
HETATM 205  C C   . ACE B 1 1  ? 8.736   -19.122 -3.225  1.00 37.02  ? 0   ACE B C   1 
HETATM 206  O O   . ACE B 1 1  ? 7.741   -18.889 -2.497  1.00 53.25  ? 0   ACE B O   1 
HETATM 207  C CH3 . ACE B 1 1  ? 10.118  -19.324 -2.629  1.00 47.23  ? 0   ACE B CH3 1 
ATOM   208  N N   . GLY B 1 2  ? 8.648   -19.214 -4.548  1.00 32.07  ? 1   GLY B N   1 
ATOM   209  C CA  . GLY B 1 2  ? 7.335   -19.182 -5.195  1.00 30.77  ? 1   GLY B CA  1 
ATOM   210  C C   . GLY B 1 2  ? 6.649   -17.824 -5.132  1.00 37.11  ? 1   GLY B C   1 
ATOM   211  O O   . GLY B 1 2  ? 7.303   -16.830 -4.839  1.00 27.30  ? 1   GLY B O   1 
ATOM   212  N N   . GLU B 1 3  ? 5.344   -17.770 -5.396  1.00 30.72  ? 2   GLU B N   1 
ATOM   213  C CA  A GLU B 1 3  ? 4.672   -16.477 -5.518  0.49 25.48  ? 2   GLU B CA  1 
ATOM   214  C CA  B GLU B 1 3  ? 4.632   -16.506 -5.520  0.51 25.50  ? 2   GLU B CA  1 
ATOM   215  C C   . GLU B 1 3  ? 4.449   -15.782 -4.169  1.00 21.41  ? 2   GLU B C   1 
ATOM   216  O O   . GLU B 1 3  ? 4.354   -14.542 -4.118  1.00 23.56  ? 2   GLU B O   1 
ATOM   217  C CB  A GLU B 1 3  ? 3.358   -16.582 -6.307  0.49 36.45  ? 2   GLU B CB  1 
ATOM   218  C CB  B GLU B 1 3  ? 3.302   -16.727 -6.267  0.51 36.97  ? 2   GLU B CB  1 
ATOM   219  C CG  A GLU B 1 3  ? 3.486   -17.246 -7.688  0.49 43.76  ? 2   GLU B CG  1 
ATOM   220  C CG  B GLU B 1 3  ? 3.498   -17.089 -7.768  0.51 43.86  ? 2   GLU B CG  1 
ATOM   221  C CD  A GLU B 1 3  ? 4.129   -16.359 -8.761  0.49 41.48  ? 2   GLU B CD  1 
ATOM   222  C CD  B GLU B 1 3  ? 2.611   -18.241 -8.280  0.51 47.13  ? 2   GLU B CD  1 
ATOM   223  O OE1 A GLU B 1 3  ? 4.410   -16.895 -9.857  0.49 30.41  ? 2   GLU B OE1 1 
ATOM   224  O OE1 B GLU B 1 3  ? 2.089   -19.034 -7.467  0.51 40.96  ? 2   GLU B OE1 1 
ATOM   225  O OE2 A GLU B 1 3  ? 4.342   -15.141 -8.529  0.49 30.81  ? 2   GLU B OE2 1 
ATOM   226  O OE2 B GLU B 1 3  ? 2.440   -18.356 -9.515  0.51 45.12  ? 2   GLU B OE2 1 
ATOM   227  N N   . LEU B 1 4  ? 4.413   -16.541 -3.078  1.00 20.24  ? 3   LEU B N   1 
ATOM   228  C CA  . LEU B 1 4  ? 4.319   -15.932 -1.743  1.00 19.16  ? 3   LEU B CA  1 
ATOM   229  C C   . LEU B 1 4  ? 5.620   -15.229 -1.374  1.00 22.48  ? 3   LEU B C   1 
ATOM   230  O O   . LEU B 1 4  ? 5.591   -14.156 -0.779  1.00 19.21  ? 3   LEU B O   1 
ATOM   231  C CB  . LEU B 1 4  ? 3.892   -16.927 -0.656  1.00 24.79  ? 3   LEU B CB  1 
ATOM   232  C CG  . LEU B 1 4  ? 2.471   -17.492 -0.786  1.00 22.52  ? 3   LEU B CG  1 
ATOM   233  C CD1 . LEU B 1 4  ? 2.175   -18.483 0.345   1.00 25.93  ? 3   LEU B CD1 1 
ATOM   234  C CD2 . LEU B 1 4  ? 1.413   -16.329 -0.759  1.00 18.66  ? 3   LEU B CD2 1 
ATOM   235  N N   . LYS B 1 5  ? 6.753   -15.795 -1.786  1.00 20.24  ? 4   LYS B N   1 
ATOM   236  C CA  . LYS B 1 5  ? 8.017   -15.104 -1.547  1.00 24.42  ? 4   LYS B CA  1 
ATOM   237  C C   . LYS B 1 5  ? 8.059   -13.834 -2.399  1.00 17.15  ? 4   LYS B C   1 
ATOM   238  O O   . LYS B 1 5  ? 8.592   -12.800 -1.969  1.00 24.70  ? 4   LYS B O   1 
ATOM   239  C CB  . LYS B 1 5  ? 9.237   -15.992 -1.853  1.00 25.04  ? 4   LYS B CB  1 
ATOM   240  C CG  . LYS B 1 5  ? 10.588  -15.215 -1.635  1.00 32.04  ? 4   LYS B CG  1 
ATOM   241  C CD  . LYS B 1 5  ? 11.796  -16.011 -2.115  1.00 37.63  ? 4   LYS B CD  1 
ATOM   242  C CE  . LYS B 1 5  ? 12.201  -17.039 -1.076  1.00 71.34  ? 4   LYS B CE  1 
ATOM   243  N NZ  . LYS B 1 5  ? 12.040  -16.492 0.305   1.00 68.13  ? 4   LYS B NZ  1 
ATOM   244  N N   . CYS B 1 6  ? 7.482   -13.914 -3.584  1.00 18.11  ? 5   CYS B N   1 
ATOM   245  C CA  . CYS B 1 6  ? 7.384   -12.784 -4.470  1.00 20.72  ? 5   CYS B CA  1 
ATOM   246  C C   . CYS B 1 6  ? 6.618   -11.678 -3.773  1.00 23.55  ? 5   CYS B C   1 
ATOM   247  O O   . CYS B 1 6  ? 7.016   -10.530 -3.791  1.00 19.60  ? 5   CYS B O   1 
ATOM   248  C CB  . CYS B 1 6  ? 6.629   -13.204 -5.710  1.00 33.88  ? 5   CYS B CB  1 
ATOM   249  S SG  . CYS B 1 6  ? 6.790   -12.062 -7.055  1.00 43.01  ? 5   CYS B SG  1 
ATOM   250  N N   . ILE B 1 7  ? 5.512   -12.032 -3.140  1.00 20.95  ? 6   ILE B N   1 
ATOM   251  C CA  . ILE B 1 7  ? 4.663   -11.034 -2.507  1.00 18.59  ? 6   ILE B CA  1 
ATOM   252  C C   . ILE B 1 7  ? 5.383   -10.392 -1.315  1.00 16.64  ? 6   ILE B C   1 
ATOM   253  O O   . ILE B 1 7  ? 5.352   -9.168  -1.174  1.00 16.30  ? 6   ILE B O   1 
ATOM   254  C CB  . ILE B 1 7  ? 3.333   -11.668 -2.082  1.00 12.71  ? 6   ILE B CB  1 
ATOM   255  C CG1 . ILE B 1 7  ? 2.487   -11.905 -3.367  1.00 17.02  ? 6   ILE B CG1 1 
ATOM   256  C CG2 . ILE B 1 7  ? 2.573   -10.727 -1.053  1.00 15.92  ? 6   ILE B CG2 1 
ATOM   257  C CD1 . ILE B 1 7  ? 1.374   -13.001 -3.233  1.00 18.80  ? 6   ILE B CD1 1 
ATOM   258  N N   . CYS B 1 8  ? 6.095   -11.174 -0.496  1.00 14.01  ? 7   CYS B N   1 
ATOM   259  C CA  . CYS B 1 8  ? 6.788   -10.563 0.643   1.00 17.47  ? 7   CYS B CA  1 
ATOM   260  C C   . CYS B 1 8  ? 7.841   -9.579  0.151   1.00 15.13  ? 7   CYS B C   1 
ATOM   261  O O   . CYS B 1 8  ? 8.017   -8.505  0.749   1.00 15.04  ? 7   CYS B O   1 
ATOM   262  C CB  . CYS B 1 8  ? 7.443   -11.567 1.577   1.00 30.56  ? 7   CYS B CB  1 
ATOM   263  S SG  . CYS B 1 8  ? 7.784   -10.737 3.196   1.00 36.04  ? 7   CYS B SG  1 
ATOM   264  N N   . GLN B 1 9  ? 8.543   -9.952  -0.921  1.00 17.49  ? 8   GLN B N   1 
ATOM   265  C CA  . GLN B 1 9  ? 9.637   -9.124  -1.422  1.00 20.08  ? 8   GLN B CA  1 
ATOM   266  C C   . GLN B 1 9  ? 9.128   -7.778  -1.943  1.00 23.12  ? 8   GLN B C   1 
ATOM   267  O O   . GLN B 1 9  ? 9.784   -6.740  -1.766  1.00 17.10  ? 8   GLN B O   1 
ATOM   268  C CB  . GLN B 1 9  ? 10.414  -9.844  -2.532  1.00 20.78  ? 8   GLN B CB  1 
ATOM   269  C CG  . GLN B 1 9  ? 11.183  -11.076 -2.011  1.00 28.45  ? 8   GLN B CG  1 
ATOM   270  C CD  . GLN B 1 9  ? 12.131  -10.771 -0.859  1.00 47.38  ? 8   GLN B CD  1 
ATOM   271  O OE1 . GLN B 1 9  ? 11.997  -11.339 0.234   1.00 48.42  ? 8   GLN B OE1 1 
ATOM   272  N NE2 . GLN B 1 9  ? 13.099  -9.883  -1.095  1.00 49.29  ? 8   GLN B NE2 1 
ATOM   273  N N   . GLU B 1 10 ? 7.978   -7.789  -2.605  1.00 14.70  ? 9   GLU B N   1 
ATOM   274  C CA  . GLU B 1 10 ? 7.391   -6.540  -3.102  1.00 13.83  ? 9   GLU B CA  1 
ATOM   275  C C   . GLU B 1 10 ? 6.894   -5.682  -1.941  1.00 10.96  ? 9   GLU B C   1 
ATOM   276  O O   . GLU B 1 10 ? 6.992   -4.445  -1.988  1.00 12.30  ? 9   GLU B O   1 
ATOM   277  C CB  . GLU B 1 10 ? 6.275   -6.778  -4.123  1.00 19.82  ? 9   GLU B CB  1 
ATOM   278  C CG  . GLU B 1 10 ? 6.758   -7.364  -5.501  1.00 24.54  ? 9   GLU B CG  1 
ATOM   279  C CD  . GLU B 1 10 ? 7.996   -6.640  -6.074  1.00 37.21  ? 9   GLU B CD  1 
ATOM   280  O OE1 . GLU B 1 10 ? 8.060   -5.380  -6.075  1.00 28.30  ? 9   GLU B OE1 1 
ATOM   281  O OE2 . GLU B 1 10 ? 8.923   -7.336  -6.553  1.00 29.20  ? 9   GLU B OE2 1 
ATOM   282  N N   . LEU B 1 11 ? 6.331   -6.302  -0.904  1.00 12.70  ? 10  LEU B N   1 
ATOM   283  C CA  . LEU B 1 11 ? 5.954   -5.521  0.292   1.00 10.44  ? 10  LEU B CA  1 
ATOM   284  C C   . LEU B 1 11 ? 7.164   -4.880  0.983   1.00 10.82  ? 10  LEU B C   1 
ATOM   285  O O   . LEU B 1 11 ? 7.077   -3.758  1.475   1.00 10.42  ? 10  LEU B O   1 
ATOM   286  C CB  . LEU B 1 11 ? 5.140   -6.372  1.282   1.00 11.81  ? 10  LEU B CB  1 
ATOM   287  C CG  . LEU B 1 11 ? 3.736   -6.719  0.722   1.00 11.35  ? 10  LEU B CG  1 
ATOM   288  C CD1 . LEU B 1 11 ? 3.114   -7.765  1.640   1.00 12.95  ? 10  LEU B CD1 1 
ATOM   289  C CD2 . LEU B 1 11 ? 2.797   -5.493  0.661   1.00 14.62  ? 10  LEU B CD2 1 
ATOM   290  N N   . LYS B 1 12 ? 8.276   -5.585  1.027   1.00 15.95  ? 11  LYS B N   1 
ATOM   291  C CA  . LYS B 1 12 ? 9.507   -4.984  1.548   1.00 13.54  ? 11  LYS B CA  1 
ATOM   292  C C   . LYS B 1 12 ? 9.878   -3.758  0.707   1.00 9.68   ? 11  LYS B C   1 
ATOM   293  O O   . LYS B 1 12 ? 10.277  -2.700  1.246   1.00 15.83  ? 11  LYS B O   1 
ATOM   294  C CB  . LYS B 1 12 ? 10.665  -5.999  1.515   1.00 17.85  ? 11  LYS B CB  1 
ATOM   295  C CG  . LYS B 1 12 ? 10.524  -7.175  2.472   1.00 29.04  ? 11  LYS B CG  1 
ATOM   296  C CD  . LYS B 1 12 ? 11.727  -8.161  2.311   1.00 32.81  ? 11  LYS B CD  1 
ATOM   297  C CE  . LYS B 1 12 ? 11.634  -9.373  3.263   1.00 41.71  ? 11  LYS B CE  1 
ATOM   298  N NZ  . LYS B 1 12 ? 11.656  -8.992  4.701   1.00 44.75  ? 11  LYS B NZ  1 
ATOM   299  N N   . ALA B 1 13 ? 9.751   -3.870  -0.608  1.00 12.55  ? 12  ALA B N   1 
ATOM   300  C CA  . ALA B 1 13 ? 10.101  -2.764  -1.511  1.00 11.97  ? 12  ALA B CA  1 
ATOM   301  C C   . ALA B 1 13 ? 9.161   -1.564  -1.288  1.00 12.84  ? 12  ALA B C   1 
ATOM   302  O O   . ALA B 1 13 ? 9.606   -0.421  -1.258  1.00 12.00  ? 12  ALA B O   1 
ATOM   303  C CB  . ALA B 1 13 ? 10.089  -3.231  -2.996  1.00 14.04  ? 12  ALA B CB  1 
ATOM   304  N N   . ILE B 1 14 ? 7.881   -1.840  -1.083  1.00 11.50  ? 13  ILE B N   1 
ATOM   305  C CA  . ILE B 1 14 ? 6.870   -0.806  -0.770  1.00 9.39   ? 13  ILE B CA  1 
ATOM   306  C C   . ILE B 1 14 ? 7.183   -0.125  0.567   1.00 9.59   ? 13  ILE B C   1 
ATOM   307  O O   . ILE B 1 14 ? 7.130   1.111   0.652   1.00 10.19  ? 13  ILE B O   1 
ATOM   308  C CB  . ILE B 1 14 ? 5.441   -1.444  -0.791  1.00 7.61   ? 13  ILE B CB  1 
ATOM   309  C CG1 . ILE B 1 14 ? 5.081   -1.753  -2.267  1.00 9.32   ? 13  ILE B CG1 1 
ATOM   310  C CG2 . ILE B 1 14 ? 4.384   -0.548  -0.141  1.00 11.41  ? 13  ILE B CG2 1 
ATOM   311  C CD1 . ILE B 1 14 ? 3.891   -2.766  -2.420  1.00 12.83  ? 13  ILE B CD1 1 
ATOM   312  N N   . ALA B 1 15 ? 7.543   -0.903  1.597   1.00 12.31  ? 14  ALA B N   1 
ATOM   313  C CA  . ALA B 1 15 ? 7.827   -0.335  2.907   1.00 12.49  ? 14  ALA B CA  1 
ATOM   314  C C   . ALA B 1 15 ? 9.072   0.560   2.797   1.00 10.55  ? 14  ALA B C   1 
ATOM   315  O O   . ALA B 1 15 ? 9.176   1.577   3.440   1.00 12.02  ? 14  ALA B O   1 
ATOM   316  C CB  . ALA B 1 15 ? 8.111   -1.476  3.931   1.00 14.38  ? 14  ALA B CB  1 
ATOM   317  N N   . TRP B 1 16 ? 10.014  0.151   1.966   1.00 9.64   ? 15  TRP B N   1 
ATOM   318  C CA  . TRP B 1 16 ? 11.248  0.946   1.804   1.00 9.88   ? 15  TRP B CA  1 
ATOM   319  C C   . TRP B 1 16 ? 10.963  2.303   1.151   1.00 11.93  ? 15  TRP B C   1 
ATOM   320  O O   . TRP B 1 16 ? 11.503  3.337   1.604   1.00 12.28  ? 15  TRP B O   1 
ATOM   321  C CB  . TRP B 1 16 ? 12.251  0.137   0.955   1.00 10.49  ? 15  TRP B CB  1 
ATOM   322  C CG  . TRP B 1 16 ? 13.671  0.744   0.886   1.00 16.56  ? 15  TRP B CG  1 
ATOM   323  C CD1 . TRP B 1 16 ? 14.281  1.291   -0.217  1.00 19.17  ? 15  TRP B CD1 1 
ATOM   324  C CD2 . TRP B 1 16 ? 14.606  0.869   1.977   1.00 13.69  ? 15  TRP B CD2 1 
ATOM   325  N NE1 . TRP B 1 16 ? 15.566  1.730   0.124   1.00 21.24  ? 15  TRP B NE1 1 
ATOM   326  C CE2 . TRP B 1 16 ? 15.778  1.483   1.460   1.00 13.91  ? 15  TRP B CE2 1 
ATOM   327  C CE3 . TRP B 1 16 ? 14.564  0.521   3.317   1.00 13.64  ? 15  TRP B CE3 1 
ATOM   328  C CZ2 . TRP B 1 16 ? 16.900  1.747   2.252   1.00 16.82  ? 15  TRP B CZ2 1 
ATOM   329  C CZ3 . TRP B 1 16 ? 15.711  0.786   4.113   1.00 21.34  ? 15  TRP B CZ3 1 
ATOM   330  C CH2 . TRP B 1 16 ? 16.830  1.412   3.572   1.00 17.91  ? 15  TRP B CH2 1 
ATOM   331  N N   . GLU B 1 17 ? 10.119  2.328   0.112   1.00 9.79   ? 16  GLU B N   1 
ATOM   332  C CA  . GLU B 1 17 ? 9.825   3.604   -0.575  1.00 12.41  ? 16  GLU B CA  1 
ATOM   333  C C   . GLU B 1 17 ? 9.033   4.513   0.343   1.00 13.61  ? 16  GLU B C   1 
ATOM   334  O O   . GLU B 1 17 ? 9.244   5.729   0.376   1.00 12.35  ? 16  GLU B O   1 
ATOM   335  C CB  . GLU B 1 17 ? 9.092   3.380   -1.902  1.00 11.30  ? 16  GLU B CB  1 
ATOM   336  C CG  . GLU B 1 17 ? 9.802   2.424   -2.853  1.00 15.72  ? 16  GLU B CG  1 
ATOM   337  C CD  . GLU B 1 17 ? 11.149  2.994   -3.366  1.00 22.64  ? 16  GLU B CD  1 
ATOM   338  O OE1 . GLU B 1 17 ? 11.394  4.222   -3.252  1.00 19.49  ? 16  GLU B OE1 1 
ATOM   339  O OE2 . GLU B 1 17 ? 11.956  2.177   -3.849  1.00 27.27  ? 16  GLU B OE2 1 
ATOM   340  N N   . LEU B 1 18 ? 8.153   3.933   1.164   1.00 10.67  ? 17  LEU B N   1 
ATOM   341  C CA  . LEU B 1 18 ? 7.409   4.742   2.109   1.00 8.75   ? 17  LEU B CA  1 
ATOM   342  C C   . LEU B 1 18 ? 8.327   5.304   3.194   1.00 9.72   ? 17  LEU B C   1 
ATOM   343  O O   . LEU B 1 18 ? 8.102   6.411   3.665   1.00 14.05  ? 17  LEU B O   1 
ATOM   344  C CB  . LEU B 1 18 ? 6.261   3.934   2.766   1.00 11.78  ? 17  LEU B CB  1 
ATOM   345  C CG  . LEU B 1 18 ? 5.161   3.610   1.745   1.00 12.96  ? 17  LEU B CG  1 
ATOM   346  C CD1 . LEU B 1 18 ? 4.221   2.590   2.391   1.00 13.62  ? 17  LEU B CD1 1 
ATOM   347  C CD2 . LEU B 1 18 ? 4.391   4.906   1.349   1.00 13.08  ? 17  LEU B CD2 1 
ATOM   348  N N   . LYS B 1 19 ? 9.338   4.530   3.597   1.00 9.16   ? 18  LYS B N   1 
ATOM   349  C CA  . LYS B 1 19 ? 10.287  5.014   4.585   1.00 10.90  ? 18  LYS B CA  1 
ATOM   350  C C   . LYS B 1 19 ? 11.013  6.220   3.974   1.00 13.54  ? 18  LYS B C   1 
ATOM   351  O O   . LYS B 1 19 ? 11.256  7.228   4.668   1.00 18.86  ? 18  LYS B O   1 
ATOM   352  C CB  . LYS B 1 19 ? 11.289  3.872   4.965   1.00 12.72  ? 18  LYS B CB  1 
ATOM   353  C CG  . LYS B 1 19 ? 12.335  4.293   6.027   1.00 14.70  ? 18  LYS B CG  1 
ATOM   354  C CD  . LYS B 1 19 ? 13.407  3.202   6.216   1.00 16.28  ? 18  LYS B CD  1 
ATOM   355  C CE  . LYS B 1 19 ? 12.875  1.935   6.880   1.00 21.84  ? 18  LYS B CE  1 
ATOM   356  N NZ  . LYS B 1 19 ? 12.291  2.282   8.231   1.00 25.83  ? 18  LYS B NZ  1 
ATOM   357  N N   . ALA B 1 20 ? 11.333  6.153   2.687   1.00 12.03  ? 19  ALA B N   1 
ATOM   358  C CA  . ALA B 1 20 ? 12.000  7.291   2.039   1.00 13.78  ? 19  ALA B CA  1 
ATOM   359  C C   . ALA B 1 20 ? 11.094  8.517   2.007   1.00 20.40  ? 19  ALA B C   1 
ATOM   360  O O   . ALA B 1 20 ? 11.523  9.637   2.251   1.00 22.41  ? 19  ALA B O   1 
ATOM   361  C CB  . ALA B 1 20 ? 12.449  6.917   0.608   1.00 18.12  ? 19  ALA B CB  1 
ATOM   362  N N   . ILE B 1 21 ? 9.834   8.294   1.673   1.00 14.16  ? 20  ILE B N   1 
ATOM   363  C CA  . ILE B 1 21 ? 8.856   9.385   1.609   1.00 16.09  ? 20  ILE B CA  1 
ATOM   364  C C   . ILE B 1 21 ? 8.675   10.004  3.010   1.00 18.05  ? 20  ILE B C   1 
ATOM   365  O O   . ILE B 1 21 ? 8.618   11.230  3.164   1.00 26.58  ? 20  ILE B O   1 
ATOM   366  C CB  . ILE B 1 21 ? 7.512   8.881   1.037   1.00 18.30  ? 20  ILE B CB  1 
ATOM   367  C CG1 . ILE B 1 21 ? 7.667   8.513   -0.455  1.00 16.87  ? 20  ILE B CG1 1 
ATOM   368  C CG2 . ILE B 1 21 ? 6.407   9.957   1.182   1.00 22.90  ? 20  ILE B CG2 1 
ATOM   369  C CD1 . ILE B 1 21 ? 6.510   7.588   -0.996  1.00 16.58  ? 20  ILE B CD1 1 
ATOM   370  N N   . ALA B 1 22 ? 8.612   9.157   4.040   1.00 16.30  ? 21  ALA B N   1 
ATOM   371  C CA  . ALA B 1 22 ? 8.455   9.611   5.419   1.00 17.04  ? 21  ALA B CA  1 
ATOM   372  C C   . ALA B 1 22 ? 9.655   10.417  5.915   1.00 33.19  ? 21  ALA B C   1 
ATOM   373  O O   . ALA B 1 22 ? 9.510   11.288  6.761   1.00 35.63  ? 21  ALA B O   1 
ATOM   374  C CB  . ALA B 1 22 ? 8.262   8.430   6.317   1.00 19.74  ? 21  ALA B CB  1 
ATOM   375  N N   . LYS B 1 23 ? 10.842  10.083  5.433   1.00 23.22  ? 22  LYS B N   1 
ATOM   376  C CA  . LYS B 1 23 ? 12.074  10.738  5.899   1.00 34.67  ? 22  LYS B CA  1 
ATOM   377  C C   . LYS B 1 23 ? 12.186  12.138  5.280   1.00 45.54  ? 22  LYS B C   1 
ATOM   378  O O   . LYS B 1 23 ? 12.463  13.113  5.976   1.00 69.54  ? 22  LYS B O   1 
ATOM   379  C CB  . LYS B 1 23 ? 13.304  9.882   5.573   1.00 27.61  ? 22  LYS B CB  1 
ATOM   380  C CG  . LYS B 1 23 ? 14.509  10.142  6.480   1.00 51.30  ? 22  LYS B CG  1 
ATOM   381  C CD  . LYS B 1 23 ? 15.594  9.066   6.335   1.00 50.12  ? 22  LYS B CD  1 
ATOM   382  C CE  . LYS B 1 23 ? 16.492  8.986   7.588   1.00 44.58  ? 22  LYS B CE  1 
ATOM   383  N NZ  . LYS B 1 23 ? 16.744  7.563   8.068   1.00 35.78  ? 22  LYS B NZ  1 
ATOM   384  N N   . GLU B 1 24 ? 11.953  12.229  3.973   1.00 50.07  ? 23  GLU B N   1 
ATOM   385  C CA  . GLU B 1 24 ? 11.913  13.516  3.283   1.00 55.36  ? 23  GLU B CA  1 
ATOM   386  C C   . GLU B 1 24 ? 10.697  14.388  3.672   1.00 78.07  ? 23  GLU B C   1 
ATOM   387  O O   . GLU B 1 24 ? 10.655  15.586  3.365   1.00 90.35  ? 23  GLU B O   1 
ATOM   388  C CB  . GLU B 1 24 ? 11.981  13.300  1.759   1.00 60.86  ? 23  GLU B CB  1 
ATOM   389  C CG  . GLU B 1 24 ? 10.886  14.005  0.951   1.00 83.80  ? 23  GLU B CG  1 
ATOM   390  C CD  . GLU B 1 24 ? 9.577   13.226  0.910   1.00 66.38  ? 23  GLU B CD  1 
ATOM   391  O OE1 . GLU B 1 24 ? 9.602   12.054  0.483   1.00 81.49  ? 23  GLU B OE1 1 
ATOM   392  O OE2 . GLU B 1 24 ? 8.525   13.782  1.301   1.00 85.68  ? 23  GLU B OE2 1 
ATOM   393  N N   . ASP B 1 25 ? 9.737   13.788  4.380   1.00 86.37  ? 24  ASP B N   1 
ATOM   394  C CA  . ASP B 1 25 ? 8.439   14.416  4.708   1.00 80.75  ? 24  ASP B CA  1 
ATOM   395  C C   . ASP B 1 25 ? 8.552   15.530  5.765   1.00 88.68  ? 24  ASP B C   1 
ATOM   396  O O   . ASP B 1 25 ? 7.565   16.205  6.088   1.00 81.43  ? 24  ASP B O   1 
ATOM   397  C CB  . ASP B 1 25 ? 7.438   13.342  5.162   1.00 70.97  ? 24  ASP B CB  1 
ATOM   398  C CG  . ASP B 1 25 ? 6.004   13.648  4.745   1.00 95.64  ? 24  ASP B CG  1 
ATOM   399  O OD1 . ASP B 1 25 ? 5.301   14.350  5.508   1.00 83.01  ? 24  ASP B OD1 1 
ATOM   400  O OD2 . ASP B 1 25 ? 5.586   13.173  3.663   1.00 75.61  ? 24  ASP B OD2 1 
ATOM   401  N N   . LYS B 1 26 ? 9.758   15.698  6.304   1.00 80.61  ? 25  LYS B N   1 
ATOM   402  C CA  . LYS B 1 26 ? 10.033  16.687  7.345   1.00 81.61  ? 25  LYS B CA  1 
ATOM   403  C C   . LYS B 1 26 ? 9.866   18.138  6.866   1.00 97.42  ? 25  LYS B C   1 
ATOM   404  O O   . LYS B 1 26 ? 9.875   19.069  7.674   1.00 93.87  ? 25  LYS B O   1 
ATOM   405  C CB  . LYS B 1 26 ? 11.451  16.478  7.878   1.00 75.23  ? 25  LYS B CB  1 
ATOM   406  C CG  . LYS B 1 26 ? 11.828  15.013  8.043   1.00 50.91  ? 25  LYS B CG  1 
ATOM   407  C CD  . LYS B 1 26 ? 12.011  14.651  9.501   1.00 57.71  ? 25  LYS B CD  1 
ATOM   408  C CE  . LYS B 1 26 ? 11.665  13.196  9.756   1.00 63.77  ? 25  LYS B CE  1 
ATOM   409  N NZ  . LYS B 1 26 ? 11.900  12.811  11.184  1.00 60.01  ? 25  LYS B NZ  1 
ATOM   410  N N   . ALA B 1 27 ? 9.721   18.324  5.557   1.00 98.20  ? 26  ALA B N   1 
ATOM   411  C CA  . ALA B 1 27 ? 9.584   19.657  4.971   1.00 79.09  ? 26  ALA B CA  1 
ATOM   412  C C   . ALA B 1 27 ? 8.249   20.320  5.336   1.00 93.61  ? 26  ALA B C   1 
ATOM   413  O O   . ALA B 1 27 ? 7.973   21.461  4.949   1.00 71.66  ? 26  ALA B O   1 
ATOM   414  C CB  . ALA B 1 27 ? 9.751   19.584  3.455   1.00 86.69  ? 26  ALA B CB  1 
HETATM 415  C C   . ACE C 1 1  ? -14.839 -15.296 4.513   1.00 27.30  ? 0   ACE C C   1 
HETATM 416  O O   . ACE C 1 1  ? -15.914 -15.215 3.932   1.00 49.98  ? 0   ACE C O   1 
HETATM 417  C CH3 . ACE C 1 1  ? -13.544 -15.519 3.721   1.00 32.08  ? 0   ACE C CH3 1 
ATOM   418  N N   . GLY C 1 2  ? -14.738 -15.233 5.838   1.00 30.14  ? 1   GLY C N   1 
ATOM   419  C CA  . GLY C 1 2  ? -13.475 -15.488 6.521   1.00 25.96  ? 1   GLY C CA  1 
ATOM   420  C C   . GLY C 1 2  ? -12.408 -14.396 6.400   1.00 31.30  ? 1   GLY C C   1 
ATOM   421  O O   . GLY C 1 2  ? -12.710 -13.211 6.189   1.00 24.90  ? 1   GLY C O   1 
ATOM   422  N N   . GLU C 1 3  ? -11.144 -14.795 6.537   1.00 28.38  ? 2   GLU C N   1 
ATOM   423  C CA  . GLU C 1 3  ? -10.074 -13.810 6.630   1.00 23.98  ? 2   GLU C CA  1 
ATOM   424  C C   . GLU C 1 3  ? -9.743  -13.236 5.263   1.00 20.11  ? 2   GLU C C   1 
ATOM   425  O O   . GLU C 1 3  ? -9.299  -12.067 5.142   1.00 23.75  ? 2   GLU C O   1 
ATOM   426  C CB  . GLU C 1 3  ? -8.847  -14.450 7.266   1.00 31.15  ? 2   GLU C CB  1 
ATOM   427  C CG  . GLU C 1 3  ? -8.186  -13.607 8.319   1.00 49.61  ? 2   GLU C CG  1 
ATOM   428  C CD  . GLU C 1 3  ? -9.137  -13.194 9.431   1.00 64.77  ? 2   GLU C CD  1 
ATOM   429  O OE1 . GLU C 1 3  ? -9.731  -14.078 10.084  1.00 60.69  ? 2   GLU C OE1 1 
ATOM   430  O OE2 . GLU C 1 3  ? -9.287  -11.975 9.655   1.00 33.97  ? 2   GLU C OE2 1 
ATOM   431  N N   . LEU C 1 4  ? -9.927  -14.050 4.231   1.00 18.16  ? 3   LEU C N   1 
ATOM   432  C CA  . LEU C 1 4  ? -9.625  -13.576 2.875   1.00 20.89  ? 3   LEU C CA  1 
ATOM   433  C C   . LEU C 1 4  ? -10.649 -12.495 2.502   1.00 26.98  ? 3   LEU C C   1 
ATOM   434  O O   . LEU C 1 4  ? -10.339 -11.520 1.795   1.00 20.82  ? 3   LEU C O   1 
ATOM   435  C CB  . LEU C 1 4  ? -9.620  -14.726 1.860   1.00 22.62  ? 3   LEU C CB  1 
ATOM   436  C CG  . LEU C 1 4  ? -8.438  -15.715 1.990   1.00 21.35  ? 3   LEU C CG  1 
ATOM   437  C CD1 . LEU C 1 4  ? -8.555  -16.751 0.887   1.00 25.69  ? 3   LEU C CD1 1 
ATOM   438  C CD2 . LEU C 1 4  ? -7.041  -15.016 1.941   1.00 16.92  ? 3   LEU C CD2 1 
ATOM   439  N N   . LYS C 1 5  ? -11.869 -12.645 2.987   1.00 24.00  ? 4   LYS C N   1 
ATOM   440  C CA  . LYS C 1 5  ? -12.840 -11.588 2.743   1.00 23.36  ? 4   LYS C CA  1 
ATOM   441  C C   . LYS C 1 5  ? -12.500 -10.306 3.518   1.00 19.18  ? 4   LYS C C   1 
ATOM   442  O O   . LYS C 1 5  ? -12.696 -9.203  3.020   1.00 23.48  ? 4   LYS C O   1 
ATOM   443  C CB  . LYS C 1 5  ? -14.265 -12.060 3.071   1.00 28.05  ? 4   LYS C CB  1 
ATOM   444  C CG  . LYS C 1 5  ? -15.297 -10.924 2.926   1.00 32.36  ? 4   LYS C CG  1 
ATOM   445  C CD  . LYS C 1 5  ? -16.706 -11.398 3.271   1.00 45.59  ? 4   LYS C CD  1 
ATOM   446  C CE  . LYS C 1 5  ? -16.851 -11.610 4.781   1.00 79.72  ? 4   LYS C CE  1 
ATOM   447  N NZ  . LYS C 1 5  ? -16.784 -10.359 5.613   1.00 79.00  ? 4   LYS C NZ  1 
ATOM   448  N N   . CYS C 1 6  ? -12.025 -10.425 4.748   1.00 24.75  ? 5   CYS C N   1 
ATOM   449  C CA  . CYS C 1 6  ? -11.586 -9.240  5.473   1.00 19.60  ? 5   CYS C CA  1 
ATOM   450  C C   . CYS C 1 6  ? -10.498 -8.540  4.710   1.00 28.11  ? 5   CYS C C   1 
ATOM   451  O O   . CYS C 1 6  ? -10.487 -7.325  4.649   1.00 20.19  ? 5   CYS C O   1 
ATOM   452  C CB  . CYS C 1 6  ? -11.055 -9.564  6.884   1.00 23.22  ? 5   CYS C CB  1 
ATOM   453  S SG  . CYS C 1 6  ? -9.804  -8.276  7.496   1.00 45.34  ? 5   CYS C SG  1 
ATOM   454  N N   . ILE C 1 7  ? -9.559  -9.302  4.144   1.00 21.63  ? 6   ILE C N   1 
ATOM   455  C CA  . ILE C 1 7  ? -8.451  -8.715  3.411   1.00 14.55  ? 6   ILE C CA  1 
ATOM   456  C C   . ILE C 1 7  ? -8.956  -7.971  2.190   1.00 18.42  ? 6   ILE C C   1 
ATOM   457  O O   . ILE C 1 7  ? -8.548  -6.838  1.933   1.00 16.93  ? 6   ILE C O   1 
ATOM   458  C CB  . ILE C 1 7  ? -7.419  -9.810  3.028   1.00 16.17  ? 6   ILE C CB  1 
ATOM   459  C CG1 . ILE C 1 7  ? -6.738  -10.309 4.332   1.00 15.82  ? 6   ILE C CG1 1 
ATOM   460  C CG2 . ILE C 1 7  ? -6.376  -9.258  2.033   1.00 19.04  ? 6   ILE C CG2 1 
ATOM   461  C CD1 . ILE C 1 7  ? -5.899  -11.608 4.124   1.00 17.67  ? 6   ILE C CD1 1 
ATOM   462  N N   . CYS C 1 8  ? -9.853  -8.583  1.427   1.00 17.38  ? 7   CYS C N   1 
ATOM   463  C CA  . CYS C 1 8  ? -10.365 -7.884  0.278   1.00 19.88  ? 7   CYS C CA  1 
ATOM   464  C C   . CYS C 1 8  ? -11.074 -6.596  0.663   1.00 15.27  ? 7   CYS C C   1 
ATOM   465  O O   . CYS C 1 8  ? -10.892 -5.584  -0.016  1.00 19.95  ? 7   CYS C O   1 
ATOM   466  C CB  . CYS C 1 8  ? -11.242 -8.756  -0.627  1.00 31.92  ? 7   CYS C CB  1 
ATOM   467  S SG  . CYS C 1 8  ? -11.550 -7.856  -2.215  1.00 41.08  ? 7   CYS C SG  1 
ATOM   468  N N   . GLN C 1 9  ? -11.824 -6.609  1.760   1.00 17.78  ? 8   GLN C N   1 
ATOM   469  C CA  . GLN C 1 9  ? -12.611 -5.431  2.125   1.00 24.55  ? 8   GLN C CA  1 
ATOM   470  C C   . GLN C 1 9  ? -11.726 -4.263  2.565   1.00 24.21  ? 8   GLN C C   1 
ATOM   471  O O   . GLN C 1 9  ? -12.003 -3.080  2.262   1.00 16.16  ? 8   GLN C O   1 
ATOM   472  C CB  . GLN C 1 9  ? -13.609 -5.817  3.208   1.00 18.03  ? 8   GLN C CB  1 
ATOM   473  C CG  . GLN C 1 9  ? -14.600 -6.836  2.694   1.00 22.83  ? 8   GLN C CG  1 
ATOM   474  C CD  . GLN C 1 9  ? -15.537 -6.217  1.667   1.00 40.37  ? 8   GLN C CD  1 
ATOM   475  O OE1 . GLN C 1 9  ? -16.120 -5.155  1.913   1.00 54.86  ? 8   GLN C OE1 1 
ATOM   476  N NE2 . GLN C 1 9  ? -15.662 -6.854  0.502   1.00 54.61  ? 8   GLN C NE2 1 
ATOM   477  N N   . GLU C 1 10 ? -10.655 -4.584  3.281   1.00 17.62  ? 9   GLU C N   1 
ATOM   478  C CA  . GLU C 1 10 ? -9.682  -3.559  3.646   1.00 17.02  ? 9   GLU C CA  1 
ATOM   479  C C   . GLU C 1 10 ? -8.938  -3.007  2.448   1.00 16.14  ? 9   GLU C C   1 
ATOM   480  O O   . GLU C 1 10 ? -8.658  -1.799  2.404   1.00 17.98  ? 9   GLU C O   1 
ATOM   481  C CB  . GLU C 1 10 ? -8.705  -4.054  4.709   1.00 21.22  ? 9   GLU C CB  1 
ATOM   482  C CG  . GLU C 1 10 ? -9.395  -4.378  6.030   1.00 24.40  ? 9   GLU C CG  1 
ATOM   483  C CD  . GLU C 1 10 ? -10.260 -3.216  6.580   1.00 34.23  ? 9   GLU C CD  1 
ATOM   484  O OE1 . GLU C 1 10 ? -9.838  -2.023  6.563   1.00 23.61  ? 9   GLU C OE1 1 
ATOM   485  O OE2 . GLU C 1 10 ? -11.380 -3.505  7.049   1.00 37.28  ? 9   GLU C OE2 1 
ATOM   486  N N   . LEU C 1 11 ? -8.618  -3.842  1.457   1.00 12.78  ? 10  LEU C N   1 
ATOM   487  C CA  . LEU C 1 11 ? -7.971  -3.270  0.287   1.00 13.13  ? 10  LEU C CA  1 
ATOM   488  C C   . LEU C 1 11 ? -8.926  -2.310  -0.447  1.00 16.62  ? 10  LEU C C   1 
ATOM   489  O O   . LEU C 1 11 ? -8.479  -1.342  -1.071  1.00 15.71  ? 10  LEU C O   1 
ATOM   490  C CB  . LEU C 1 11 ? -7.438  -4.352  -0.676  1.00 14.66  ? 10  LEU C CB  1 
ATOM   491  C CG  . LEU C 1 11 ? -6.280  -5.124  -0.049  1.00 15.69  ? 10  LEU C CG  1 
ATOM   492  C CD1 . LEU C 1 11 ? -6.057  -6.356  -0.907  1.00 14.28  ? 10  LEU C CD1 1 
ATOM   493  C CD2 . LEU C 1 11 ? -5.014  -4.261  -0.048  1.00 15.24  ? 10  LEU C CD2 1 
ATOM   494  N N   . LYS C 1 12 ? -10.228 -2.597  -0.406  1.00 19.28  ? 11  LYS C N   1 
ATOM   495  C CA  . LYS C 1 12 ? -11.182 -1.694  -1.034  1.00 17.06  ? 11  LYS C CA  1 
ATOM   496  C C   . LYS C 1 12 ? -11.186 -0.364  -0.311  1.00 12.56  ? 11  LYS C C   1 
ATOM   497  O O   . LYS C 1 12 ? -11.273 0.704   -0.949  1.00 17.56  ? 11  LYS C O   1 
ATOM   498  C CB  . LYS C 1 12 ? -12.622 -2.292  -1.015  1.00 17.55  ? 11  LYS C CB  1 
ATOM   499  C CG  . LYS C 1 12 ? -12.787 -3.473  -1.903  1.00 22.63  ? 11  LYS C CG  1 
ATOM   500  C CD  . LYS C 1 12 ? -14.204 -4.057  -1.736  1.00 33.73  ? 11  LYS C CD  1 
ATOM   501  C CE  . LYS C 1 12 ? -14.588 -4.896  -2.933  1.00 26.78  ? 11  LYS C CE  1 
ATOM   502  N NZ  . LYS C 1 12 ? -15.787 -5.722  -2.551  1.00 44.45  ? 11  LYS C NZ  1 
ATOM   503  N N   . ALA C 1 13 ? -11.094 -0.413  1.010   1.00 15.25  ? 12  ALA C N   1 
ATOM   504  C CA  . ALA C 1 13 ? -11.045 0.826   1.793   1.00 15.78  ? 12  ALA C CA  1 
ATOM   505  C C   . ALA C 1 13 ? -9.798  1.636   1.489   1.00 19.80  ? 12  ALA C C   1 
ATOM   506  O O   . ALA C 1 13 ? -9.827  2.871   1.449   1.00 15.35  ? 12  ALA C O   1 
ATOM   507  C CB  . ALA C 1 13 ? -11.140 0.531   3.295   1.00 14.83  ? 12  ALA C CB  1 
ATOM   508  N N   . ILE C 1 14 ? -8.687  0.945   1.303   1.00 13.65  ? 13  ILE C N   1 
ATOM   509  C CA  . ILE C 1 14 ? -7.417  1.602   1.012   1.00 11.96  ? 13  ILE C CA  1 
ATOM   510  C C   . ILE C 1 14 ? -7.450  2.227   -0.342  1.00 11.72  ? 13  ILE C C   1 
ATOM   511  O O   . ILE C 1 14 ? -6.994  3.360   -0.527  1.00 15.56  ? 13  ILE C O   1 
ATOM   512  C CB  . ILE C 1 14 ? -6.256  0.582   1.108   1.00 13.53  ? 13  ILE C CB  1 
ATOM   513  C CG1 . ILE C 1 14 ? -6.028  0.241   2.583   1.00 13.49  ? 13  ILE C CG1 1 
ATOM   514  C CG2 . ILE C 1 14 ? -4.970  1.166   0.485   1.00 15.29  ? 13  ILE C CG2 1 
ATOM   515  C CD1 . ILE C 1 14 ? -5.254  -1.081  2.765   1.00 16.12  ? 13  ILE C CD1 1 
ATOM   516  N N   . ALA C 1 15 ? -8.064  1.538   -1.298  1.00 11.90  ? 14  ALA C N   1 
ATOM   517  C CA  . ALA C 1 15 ? -8.159  2.076   -2.639  1.00 14.46  ? 14  ALA C CA  1 
ATOM   518  C C   . ALA C 1 15 ? -8.997  3.374   -2.631  1.00 16.55  ? 14  ALA C C   1 
ATOM   519  O O   . ALA C 1 15 ? -8.707  4.351   -3.331  1.00 14.88  ? 14  ALA C O   1 
ATOM   520  C CB  . ALA C 1 15 ? -8.797  1.023   -3.538  1.00 14.94  ? 14  ALA C CB  1 
ATOM   521  N N   . TRP C 1 16 ? -10.019 3.386   -1.789  1.00 15.76  ? 15  TRP C N   1 
ATOM   522  C CA  . TRP C 1 16 ? -10.932 4.527   -1.721  1.00 15.72  ? 15  TRP C CA  1 
ATOM   523  C C   . TRP C 1 16 ? -10.247 5.712   -1.031  1.00 14.51  ? 15  TRP C C   1 
ATOM   524  O O   . TRP C 1 16 ? -10.381 6.864   -1.451  1.00 19.63  ? 15  TRP C O   1 
ATOM   525  C CB  . TRP C 1 16 ? -12.182 4.079   -0.952  1.00 15.85  ? 15  TRP C CB  1 
ATOM   526  C CG  . TRP C 1 16 ? -13.396 4.999   -1.034  1.00 21.45  ? 15  TRP C CG  1 
ATOM   527  C CD1 . TRP C 1 16 ? -13.979 5.666   -0.009  1.00 34.80  ? 15  TRP C CD1 1 
ATOM   528  C CD2 . TRP C 1 16 ? -14.155 5.325   -2.215  1.00 20.14  ? 15  TRP C CD2 1 
ATOM   529  N NE1 . TRP C 1 16 ? -15.059 6.392   -0.474  1.00 26.76  ? 15  TRP C NE1 1 
ATOM   530  C CE2 . TRP C 1 16 ? -15.176 6.210   -1.817  1.00 26.96  ? 15  TRP C CE2 1 
ATOM   531  C CE3 . TRP C 1 16 ? -14.053 4.969   -3.544  1.00 20.09  ? 15  TRP C CE3 1 
ATOM   532  C CZ2 . TRP C 1 16 ? -16.092 6.725   -2.728  1.00 31.73  ? 15  TRP C CZ2 1 
ATOM   533  C CZ3 . TRP C 1 16 ? -14.972 5.483   -4.455  1.00 39.64  ? 15  TRP C CZ3 1 
ATOM   534  C CH2 . TRP C 1 16 ? -15.962 6.349   -4.051  1.00 29.61  ? 15  TRP C CH2 1 
ATOM   535  N N   . GLU C 1 17 ? -9.500  5.458   0.031   1.00 16.31  ? 16  GLU C N   1 
ATOM   536  C CA  . GLU C 1 17 ? -8.759  6.563   0.634   1.00 20.49  ? 16  GLU C CA  1 
ATOM   537  C C   . GLU C 1 17 ? -7.693  7.116   -0.289  1.00 25.56  ? 16  GLU C C   1 
ATOM   538  O O   . GLU C 1 17 ? -7.455  8.311   -0.271  1.00 21.07  ? 16  GLU C O   1 
ATOM   539  C CB  . GLU C 1 17 ? -8.108  6.201   1.963   1.00 16.15  ? 16  GLU C CB  1 
ATOM   540  C CG  . GLU C 1 17 ? -8.995  5.516   2.960   1.00 20.63  ? 16  GLU C CG  1 
ATOM   541  C CD  . GLU C 1 17 ? -9.984  6.489   3.597   1.00 39.35  ? 16  GLU C CD  1 
ATOM   542  O OE1 . GLU C 1 17 ? -9.843  7.730   3.401   1.00 25.23  ? 16  GLU C OE1 1 
ATOM   543  O OE2 . GLU C 1 17 ? -10.892 6.000   4.295   1.00 33.74  ? 16  GLU C OE2 1 
ATOM   544  N N   . LEU C 1 18 ? -6.996  6.273   -1.074  1.00 15.00  ? 17  LEU C N   1 
ATOM   545  C CA  . LEU C 1 18 ? -6.052  6.827   -2.022  1.00 11.59  ? 17  LEU C CA  1 
ATOM   546  C C   . LEU C 1 18 ? -6.726  7.636   -3.107  1.00 19.05  ? 17  LEU C C   1 
ATOM   547  O O   . LEU C 1 18 ? -6.138  8.589   -3.628  1.00 19.15  ? 17  LEU C O   1 
ATOM   548  C CB  . LEU C 1 18 ? -5.219  5.716   -2.674  1.00 15.94  ? 17  LEU C CB  1 
ATOM   549  C CG  . LEU C 1 18 ? -4.261  5.068   -1.688  1.00 17.52  ? 17  LEU C CG  1 
ATOM   550  C CD1 . LEU C 1 18 ? -3.642  3.787   -2.307  1.00 16.48  ? 17  LEU C CD1 1 
ATOM   551  C CD2 . LEU C 1 18 ? -3.184  6.112   -1.376  1.00 15.08  ? 17  LEU C CD2 1 
ATOM   552  N N   . LYS C 1 19 ? -7.937  7.248   -3.497  1.00 19.12  ? 18  LYS C N   1 
ATOM   553  C CA  . LYS C 1 19 ? -8.675  8.045   -4.468  1.00 20.66  ? 18  LYS C CA  1 
ATOM   554  C C   . LYS C 1 19 ? -8.926  9.450   -3.897  1.00 19.18  ? 18  LYS C C   1 
ATOM   555  O O   . LYS C 1 19 ? -8.764  10.472  -4.607  1.00 26.71  ? 18  LYS C O   1 
ATOM   556  C CB  . LYS C 1 19 ? -10.018 7.361   -4.857  1.00 17.97  ? 18  LYS C CB  1 
ATOM   557  C CG  . LYS C 1 19 ? -10.657 7.975   -6.109  1.00 27.29  ? 18  LYS C CG  1 
ATOM   558  C CD  . LYS C 1 19 ? -12.044 7.353   -6.418  1.00 28.22  ? 18  LYS C CD  1 
ATOM   559  C CE  . LYS C 1 19 ? -11.934 6.070   -7.213  1.00 24.58  ? 18  LYS C CE  1 
ATOM   560  N NZ  . LYS C 1 19 ? -11.392 6.312   -8.587  1.00 40.06  ? 18  LYS C NZ  1 
ATOM   561  N N   . ALA C 1 20 ? -9.237  9.514   -2.609  1.00 22.51  ? 19  ALA C N   1 
ATOM   562  C CA  . ALA C 1 20 ? -9.445  10.789  -1.947  1.00 28.80  ? 19  ALA C CA  1 
ATOM   563  C C   . ALA C 1 20 ? -8.159  11.616  -1.910  1.00 34.76  ? 19  ALA C C   1 
ATOM   564  O O   . ALA C 1 20 ? -8.186  12.822  -2.113  1.00 29.24  ? 19  ALA C O   1 
ATOM   565  C CB  . ALA C 1 20 ? -9.983  10.585  -0.554  1.00 28.55  ? 19  ALA C CB  1 
ATOM   566  N N   . ILE C 1 21 ? -7.029  10.974  -1.648  1.00 23.52  ? 20  ILE C N   1 
ATOM   567  C CA  . ILE C 1 21 ? -5.749  11.670  -1.638  1.00 23.92  ? 20  ILE C CA  1 
ATOM   568  C C   . ILE C 1 21 ? -5.369  12.138  -3.035  1.00 26.34  ? 20  ILE C C   1 
ATOM   569  O O   . ILE C 1 21 ? -4.827  13.219  -3.199  1.00 33.66  ? 20  ILE C O   1 
ATOM   570  C CB  . ILE C 1 21 ? -4.631  10.757  -1.018  1.00 22.54  ? 20  ILE C CB  1 
ATOM   571  C CG1 . ILE C 1 21 ? -4.899  10.536  0.475   1.00 22.59  ? 20  ILE C CG1 1 
ATOM   572  C CG2 . ILE C 1 21 ? -3.269  11.379  -1.243  1.00 28.30  ? 20  ILE C CG2 1 
ATOM   573  C CD1 . ILE C 1 21 ? -4.329  9.232   1.049   1.00 23.50  ? 20  ILE C CD1 1 
ATOM   574  N N   . ALA C 1 22 ? -5.685  11.342  -4.050  1.00 28.76  ? 21  ALA C N   1 
ATOM   575  C CA  . ALA C 1 22 ? -5.354  11.691  -5.425  1.00 27.16  ? 21  ALA C CA  1 
ATOM   576  C C   . ALA C 1 22 ? -6.206  12.842  -5.927  1.00 42.56  ? 21  ALA C C   1 
ATOM   577  O O   . ALA C 1 22 ? -5.794  13.586  -6.812  1.00 45.24  ? 21  ALA C O   1 
ATOM   578  C CB  . ALA C 1 22 ? -5.521  10.480  -6.354  1.00 23.80  ? 21  ALA C CB  1 
ATOM   579  N N   . LYS C 1 23 ? -7.419  12.941  -5.398  1.00 36.12  ? 22  LYS C N   1 
ATOM   580  C CA  . LYS C 1 23 ? -8.378  13.975  -5.819  1.00 42.27  ? 22  LYS C CA  1 
ATOM   581  C C   . LYS C 1 23 ? -8.127  15.273  -5.074  1.00 67.46  ? 22  LYS C C   1 
ATOM   582  O O   . LYS C 1 23 ? -8.179  16.358  -5.652  1.00 72.28  ? 22  LYS C O   1 
ATOM   583  C CB  . LYS C 1 23 ? -9.817  13.507  -5.605  1.00 53.19  ? 22  LYS C CB  1 
ATOM   584  C CG  . LYS C 1 23 ? -10.860 14.585  -5.849  1.00 75.26  ? 22  LYS C CG  1 
ATOM   585  C CD  . LYS C 1 23 ? -11.676 14.289  -7.098  1.00 82.99  ? 22  LYS C CD  1 
ATOM   586  C CE  . LYS C 1 23 ? -11.968 15.564  -7.877  1.00 66.55  ? 22  LYS C CE  1 
ATOM   587  N NZ  . LYS C 1 23 ? -13.047 15.338  -8.871  1.00 70.01  ? 22  LYS C NZ  1 
ATOM   588  N N   . GLU C 1 24 ? -7.860  15.135  -3.779  1.00 77.14  ? 23  GLU C N   1 
ATOM   589  C CA  . GLU C 1 24 ? -7.584  16.260  -2.897  1.00 71.17  ? 23  GLU C CA  1 
ATOM   590  C C   . GLU C 1 24 ? -6.476  17.133  -3.455  1.00 92.20  ? 23  GLU C C   1 
ATOM   591  O O   . GLU C 1 24 ? -6.637  18.348  -3.614  1.00 106.94 ? 23  GLU C O   1 
ATOM   592  C CB  . GLU C 1 24 ? -7.153  15.745  -1.525  1.00 57.24  ? 23  GLU C CB  1 
ATOM   593  C CG  . GLU C 1 24 ? -6.878  16.834  -0.499  1.00 88.38  ? 23  GLU C CG  1 
ATOM   594  C CD  . GLU C 1 24 ? -8.147  17.369  0.154   1.00 103.48 ? 23  GLU C CD  1 
ATOM   595  O OE1 . GLU C 1 24 ? -8.316  17.159  1.377   1.00 99.44  ? 23  GLU C OE1 1 
ATOM   596  O OE2 . GLU C 1 24 ? -8.970  17.997  -0.551  1.00 95.16  ? 23  GLU C OE2 1 
ATOM   597  N N   . ASP C 1 25 ? -5.345  16.502  -3.745  1.00 77.70  ? 24  ASP C N   1 
ATOM   598  C CA  . ASP C 1 25 ? -4.172  17.211  -4.221  1.00 73.75  ? 24  ASP C CA  1 
ATOM   599  C C   . ASP C 1 25 ? -4.505  18.078  -5.441  1.00 103.45 ? 24  ASP C C   1 
ATOM   600  O O   . ASP C 1 25 ? -3.847  19.090  -5.696  1.00 110.22 ? 24  ASP C O   1 
ATOM   601  C CB  . ASP C 1 25 ? -3.057  16.216  -4.536  1.00 81.06  ? 24  ASP C CB  1 
ATOM   602  C CG  . ASP C 1 25 ? -2.701  15.346  -3.347  1.00 74.91  ? 24  ASP C CG  1 
ATOM   603  O OD1 . ASP C 1 25 ? -3.343  15.506  -2.286  1.00 82.26  ? 24  ASP C OD1 1 
ATOM   604  O OD2 . ASP C 1 25 ? -1.789  14.494  -3.482  1.00 68.60  ? 24  ASP C OD2 1 
ATOM   605  N N   . LYS C 1 26 ? -5.531  17.680  -6.190  1.00 90.68  ? 25  LYS C N   1 
ATOM   606  C CA  . LYS C 1 26 ? -6.005  18.476  -7.318  1.00 74.55  ? 25  LYS C CA  1 
ATOM   607  C C   . LYS C 1 26 ? -6.873  19.637  -6.816  1.00 91.19  ? 25  LYS C C   1 
ATOM   608  O O   . LYS C 1 26 ? -6.479  20.805  -6.896  1.00 102.63 ? 25  LYS C O   1 
ATOM   609  C CB  . LYS C 1 26 ? -6.802  17.600  -8.298  1.00 86.63  ? 25  LYS C CB  1 
ATOM   610  C CG  . LYS C 1 26 ? -6.076  16.328  -8.754  1.00 71.63  ? 25  LYS C CG  1 
ATOM   611  C CD  . LYS C 1 26 ? -7.046  15.305  -9.361  1.00 80.01  ? 25  LYS C CD  1 
ATOM   612  C CE  . LYS C 1 26 ? -7.106  15.384  -10.888 1.00 77.29  ? 25  LYS C CE  1 
ATOM   613  N NZ  . LYS C 1 26 ? -7.521  16.722  -11.399 1.00 80.01  ? 25  LYS C NZ  1 
ATOM   614  N N   . ALA C 1 27 ? -8.042  19.294  -6.278  1.00 83.08  ? 26  ALA C N   1 
ATOM   615  C CA  . ALA C 1 27 ? -9.044  20.270  -5.850  1.00 100.77 ? 26  ALA C CA  1 
ATOM   616  C C   . ALA C 1 27 ? -8.605  21.081  -4.631  1.00 93.37  ? 26  ALA C C   1 
ATOM   617  O O   . ALA C 1 27 ? -8.925  22.266  -4.518  1.00 90.19  ? 26  ALA C O   1 
ATOM   618  C CB  . ALA C 1 27 ? -10.374 19.570  -5.575  1.00 77.97  ? 26  ALA C CB  1 
HETATM 619  C C   . ACE D 1 1  ? -13.416 -15.527 -7.793  1.00 40.66  ? 0   ACE D C   1 
HETATM 620  O O   . ACE D 1 1  ? -14.463 -14.878 -7.713  1.00 58.10  ? 0   ACE D O   1 
HETATM 621  C CH3 . ACE D 1 1  ? -12.796 -15.884 -9.130  1.00 43.24  ? 0   ACE D CH3 1 
ATOM   622  N N   . GLY D 1 2  ? -12.748 -15.962 -6.737  1.00 47.32  ? 1   GLY D N   1 
ATOM   623  C CA  . GLY D 1 2  ? -13.172 -15.750 -5.365  1.00 49.07  ? 1   GLY D CA  1 
ATOM   624  C C   . GLY D 1 2  ? -12.518 -14.539 -4.722  1.00 42.05  ? 1   GLY D C   1 
ATOM   625  O O   . GLY D 1 2  ? -12.388 -13.453 -5.336  1.00 28.37  ? 1   GLY D O   1 
ATOM   626  N N   . GLU D 1 3  ? -12.170 -14.704 -3.449  1.00 28.96  ? 2   GLU D N   1 
ATOM   627  C CA  . GLU D 1 3  ? -11.545 -13.629 -2.693  1.00 29.52  ? 2   GLU D CA  1 
ATOM   628  C C   . GLU D 1 3  ? -10.128 -13.295 -3.221  1.00 20.22  ? 2   GLU D C   1 
ATOM   629  O O   . GLU D 1 3  ? -9.701  -12.142 -3.128  1.00 26.21  ? 2   GLU D O   1 
ATOM   630  C CB  . GLU D 1 3  ? -11.545 -13.922 -1.184  1.00 40.88  ? 2   GLU D CB  1 
ATOM   631  C CG  . GLU D 1 3  ? -12.915 -13.725 -0.506  1.00 44.06  ? 2   GLU D CG  1 
ATOM   632  C CD  . GLU D 1 3  ? -13.679 -12.524 -1.087  1.00 78.26  ? 2   GLU D CD  1 
ATOM   633  O OE1 . GLU D 1 3  ? -13.554 -11.401 -0.543  1.00 48.22  ? 2   GLU D OE1 1 
ATOM   634  O OE2 . GLU D 1 3  ? -14.398 -12.697 -2.100  1.00 84.10  ? 2   GLU D OE2 1 
ATOM   635  N N   . LEU D 1 4  ? -9.432  -14.253 -3.826  1.00 20.46  ? 3   LEU D N   1 
ATOM   636  C CA  . LEU D 1 4  ? -8.088  -13.925 -4.365  1.00 18.92  ? 3   LEU D CA  1 
ATOM   637  C C   . LEU D 1 4  ? -8.207  -13.024 -5.593  1.00 22.21  ? 3   LEU D C   1 
ATOM   638  O O   . LEU D 1 4  ? -7.383  -12.130 -5.800  1.00 21.05  ? 3   LEU D O   1 
ATOM   639  C CB  . LEU D 1 4  ? -7.279  -15.163 -4.731  1.00 21.88  ? 3   LEU D CB  1 
ATOM   640  C CG  . LEU D 1 4  ? -6.917  -16.014 -3.508  1.00 20.50  ? 3   LEU D CG  1 
ATOM   641  C CD1 . LEU D 1 4  ? -5.944  -17.100 -3.929  1.00 25.02  ? 3   LEU D CD1 1 
ATOM   642  C CD2 . LEU D 1 4  ? -6.307  -15.168 -2.400  1.00 18.95  ? 3   LEU D CD2 1 
ATOM   643  N N   . LYS D 1 5  ? -9.215  -13.278 -6.430  1.00 24.07  ? 4   LYS D N   1 
ATOM   644  C CA  . LYS D 1 5  ? -9.430  -12.412 -7.604  1.00 26.99  ? 4   LYS D CA  1 
ATOM   645  C C   . LYS D 1 5  ? -9.802  -11.005 -7.170  1.00 23.51  ? 4   LYS D C   1 
ATOM   646  O O   . LYS D 1 5  ? -9.345  -10.017 -7.745  1.00 28.03  ? 4   LYS D O   1 
ATOM   647  C CB  . LYS D 1 5  ? -10.526 -12.980 -8.497  1.00 36.26  ? 4   LYS D CB  1 
ATOM   648  C CG  . LYS D 1 5  ? -10.823 -12.105 -9.710  1.00 44.59  ? 4   LYS D CG  1 
ATOM   649  C CD  . LYS D 1 5  ? -12.182 -12.437 -10.314 1.00 72.76  ? 4   LYS D CD  1 
ATOM   650  C CE  . LYS D 1 5  ? -12.809 -11.199 -10.964 1.00 78.77  ? 4   LYS D CE  1 
ATOM   651  N NZ  . LYS D 1 5  ? -14.297 -11.296 -11.093 1.00 60.52  ? 4   LYS D NZ  1 
ATOM   652  N N   . CYS D 1 6  ? -10.624 -10.926 -6.134  1.00 21.44  ? 5   CYS D N   1 
ATOM   653  C CA  . CYS D 1 6  ? -11.021 -9.667  -5.496  1.00 18.16  ? 5   CYS D CA  1 
ATOM   654  C C   . CYS D 1 6  ? -9.786  -8.883  -5.021  1.00 23.51  ? 5   CYS D C   1 
ATOM   655  O O   . CYS D 1 6  ? -9.658  -7.675  -5.247  1.00 20.52  ? 5   CYS D O   1 
ATOM   656  C CB  . CYS D 1 6  ? -11.868 -10.025 -4.292  1.00 27.17  ? 5   CYS D CB  1 
ATOM   657  S SG  . CYS D 1 6  ? -12.791 -8.699  -3.540  1.00 55.09  ? 5   CYS D SG  1 
ATOM   658  N N   . ILE D 1 7  ? -8.863  -9.582  -4.355  1.00 21.81  ? 6   ILE D N   1 
ATOM   659  C CA  . ILE D 1 7  ? -7.641  -8.940  -3.854  1.00 15.55  ? 6   ILE D CA  1 
ATOM   660  C C   . ILE D 1 7  ? -6.800  -8.423  -4.997  1.00 20.05  ? 6   ILE D C   1 
ATOM   661  O O   . ILE D 1 7  ? -6.296  -7.314  -4.946  1.00 17.67  ? 6   ILE D O   1 
ATOM   662  C CB  . ILE D 1 7  ? -6.858  -9.919  -2.973  1.00 13.77  ? 6   ILE D CB  1 
ATOM   663  C CG1 . ILE D 1 7  ? -7.661  -10.180 -1.699  1.00 19.50  ? 6   ILE D CG1 1 
ATOM   664  C CG2 . ILE D 1 7  ? -5.440  -9.365  -2.653  1.00 20.27  ? 6   ILE D CG2 1 
ATOM   665  C CD1 . ILE D 1 7  ? -7.137  -11.393 -0.900  1.00 18.99  ? 6   ILE D CD1 1 
ATOM   666  N N   . CYS D 1 8  ? -6.633  -9.215  -6.050  1.00 16.99  ? 7   CYS D N   1 
ATOM   667  C CA  . CYS D 1 8  ? -5.857  -8.717  -7.166  1.00 15.36  ? 7   CYS D CA  1 
ATOM   668  C C   . CYS D 1 8  ? -6.532  -7.465  -7.775  1.00 19.18  ? 7   CYS D C   1 
ATOM   669  O O   . CYS D 1 8  ? -5.833  -6.524  -8.177  1.00 21.06  ? 7   CYS D O   1 
ATOM   670  C CB  . CYS D 1 8  ? -5.661  -9.759  -8.235  1.00 24.52  ? 7   CYS D CB  1 
ATOM   671  S SG  . CYS D 1 8  ? -4.301  -9.274  -9.301  1.00 31.08  ? 7   CYS D SG  1 
ATOM   672  N N   . GLN D 1 9  ? -7.855  -7.476  -7.885  1.00 19.41  ? 8   GLN D N   1 
ATOM   673  C CA  . GLN D 1 9  ? -8.570  -6.326  -8.491  1.00 24.33  ? 8   GLN D CA  1 
ATOM   674  C C   . GLN D 1 9  ? -8.380  -5.041  -7.712  1.00 24.78  ? 8   GLN D C   1 
ATOM   675  O O   . GLN D 1 9  ? -8.200  -3.981  -8.302  1.00 20.01  ? 8   GLN D O   1 
ATOM   676  C CB  . GLN D 1 9  ? -10.063 -6.611  -8.627  1.00 21.04  ? 8   GLN D CB  1 
ATOM   677  C CG  . GLN D 1 9  ? -10.359 -7.696  -9.618  1.00 28.73  ? 8   GLN D CG  1 
ATOM   678  C CD  . GLN D 1 9  ? -9.894  -7.324  -11.001 1.00 60.20  ? 8   GLN D CD  1 
ATOM   679  O OE1 . GLN D 1 9  ? -9.009  -7.972  -11.563 1.00 64.14  ? 8   GLN D OE1 1 
ATOM   680  N NE2 . GLN D 1 9  ? -10.471 -6.258  -11.555 1.00 60.29  ? 8   GLN D NE2 1 
ATOM   681  N N   . GLU D 1 10 ? -8.395  -5.125  -6.379  1.00 18.76  ? 9   GLU D N   1 
ATOM   682  C CA  . GLU D 1 10 ? -8.239  -3.928  -5.557  1.00 19.11  ? 9   GLU D CA  1 
ATOM   683  C C   . GLU D 1 10 ? -6.779  -3.475  -5.605  1.00 17.11  ? 9   GLU D C   1 
ATOM   684  O O   . GLU D 1 10 ? -6.512  -2.281  -5.571  1.00 16.43  ? 9   GLU D O   1 
ATOM   685  C CB  . GLU D 1 10 ? -8.677  -4.142  -4.096  1.00 13.68  ? 9   GLU D CB  1 
ATOM   686  C CG  . GLU D 1 10 ? -10.189 -4.412  -3.948  1.00 22.52  ? 9   GLU D CG  1 
ATOM   687  C CD  . GLU D 1 10 ? -11.076 -3.329  -4.638  1.00 29.48  ? 9   GLU D CD  1 
ATOM   688  O OE1 . GLU D 1 10 ? -10.677 -2.148  -4.687  1.00 26.51  ? 9   GLU D OE1 1 
ATOM   689  O OE2 . GLU D 1 10 ? -12.171 -3.678  -5.132  1.00 36.49  ? 9   GLU D OE2 1 
ATOM   690  N N   . LEU D 1 11 ? -5.831  -4.414  -5.679  1.00 14.20  ? 10  LEU D N   1 
ATOM   691  C CA  . LEU D 1 11 ? -4.461  -3.984  -5.849  1.00 9.58   ? 10  LEU D CA  1 
ATOM   692  C C   . LEU D 1 11 ? -4.257  -3.232  -7.171  1.00 13.93  ? 10  LEU D C   1 
ATOM   693  O O   . LEU D 1 11 ? -3.472  -2.302  -7.240  1.00 13.93  ? 10  LEU D O   1 
ATOM   694  C CB  . LEU D 1 11 ? -3.514  -5.172  -5.810  1.00 12.53  ? 10  LEU D CB  1 
ATOM   695  C CG  . LEU D 1 11 ? -3.426  -5.742  -4.374  1.00 14.37  ? 10  LEU D CG  1 
ATOM   696  C CD1 . LEU D 1 11 ? -2.586  -7.006  -4.441  1.00 22.48  ? 10  LEU D CD1 1 
ATOM   697  C CD2 . LEU D 1 11 ? -2.741  -4.714  -3.456  1.00 15.14  ? 10  LEU D CD2 1 
ATOM   698  N N   . LYS D 1 12 ? -4.927  -3.651  -8.244  1.00 15.81  ? 11  LYS D N   1 
ATOM   699  C CA  . LYS D 1 12 ? -4.813  -2.896  -9.497  1.00 13.62  ? 11  LYS D CA  1 
ATOM   700  C C   . LYS D 1 12 ? -5.358  -1.472  -9.324  1.00 13.38  ? 11  LYS D C   1 
ATOM   701  O O   . LYS D 1 12 ? -4.769  -0.513  -9.823  1.00 17.29  ? 11  LYS D O   1 
ATOM   702  C CB  . LYS D 1 12 ? -5.649  -3.577  -10.590 1.00 25.43  ? 11  LYS D CB  1 
ATOM   703  C CG  . LYS D 1 12 ? -5.295  -4.999  -10.836 1.00 35.32  ? 11  LYS D CG  1 
ATOM   704  C CD  . LYS D 1 12 ? -6.271  -5.618  -11.841 1.00 45.16  ? 11  LYS D CD  1 
ATOM   705  C CE  . LYS D 1 12 ? -5.791  -6.982  -12.325 1.00 56.04  ? 11  LYS D CE  1 
ATOM   706  N NZ  . LYS D 1 12 ? -6.660  -7.514  -13.418 1.00 71.75  ? 11  LYS D NZ  1 
ATOM   707  N N   . ALA D 1 13 ? -6.464  -1.356  -8.617  1.00 13.10  ? 12  ALA D N   1 
ATOM   708  C CA  . ALA D 1 13 ? -7.067  -0.063  -8.320  1.00 20.26  ? 12  ALA D CA  1 
ATOM   709  C C   . ALA D 1 13 ? -6.059  0.811   -7.594  1.00 21.19  ? 12  ALA D C   1 
ATOM   710  O O   . ALA D 1 13 ? -5.898  2.003   -7.889  1.00 18.18  ? 12  ALA D O   1 
ATOM   711  C CB  . ALA D 1 13 ? -8.348  -0.231  -7.465  1.00 17.67  ? 12  ALA D CB  1 
ATOM   712  N N   . ILE D 1 14 ? -5.391  0.219   -6.616  1.00 15.52  ? 13  ILE D N   1 
ATOM   713  C CA  . ILE D 1 14 ? -4.431  0.997   -5.802  1.00 10.91  ? 13  ILE D CA  1 
ATOM   714  C C   . ILE D 1 14 ? -3.302  1.487   -6.699  1.00 12.28  ? 13  ILE D C   1 
ATOM   715  O O   . ILE D 1 14 ? -2.838  2.647   -6.614  1.00 12.58  ? 13  ILE D O   1 
ATOM   716  C CB  . ILE D 1 14 ? -3.945  0.148   -4.630  1.00 12.26  ? 13  ILE D CB  1 
ATOM   717  C CG1 . ILE D 1 14 ? -5.083  0.034   -3.572  1.00 12.62  ? 13  ILE D CG1 1 
ATOM   718  C CG2 . ILE D 1 14 ? -2.661  0.766   -3.987  1.00 14.38  ? 13  ILE D CG2 1 
ATOM   719  C CD1 . ILE D 1 14 ? -4.887  -1.094  -2.507  1.00 14.52  ? 13  ILE D CD1 1 
ATOM   720  N N   . ALA D 1 15 ? -2.835  0.607   -7.577  1.00 12.96  ? 14  ALA D N   1 
ATOM   721  C CA  . ALA D 1 15 ? -1.715  0.959   -8.423  1.00 14.34  ? 14  ALA D CA  1 
ATOM   722  C C   . ALA D 1 15 ? -2.071  2.153   -9.295  1.00 13.05  ? 14  ALA D C   1 
ATOM   723  O O   . ALA D 1 15 ? -1.227  3.022   -9.530  1.00 12.63  ? 14  ALA D O   1 
ATOM   724  C CB  . ALA D 1 15 ? -1.304  -0.249  -9.307  1.00 15.12  ? 14  ALA D CB  1 
ATOM   725  N N   . TRP D 1 16 ? -3.292  2.151   -9.829  1.00 14.62  ? 15  TRP D N   1 
ATOM   726  C CA  . TRP D 1 16 ? -3.740  3.233   -10.728 1.00 15.13  ? 15  TRP D CA  1 
ATOM   727  C C   . TRP D 1 16 ? -3.956  4.565   -9.965  1.00 14.44  ? 15  TRP D C   1 
ATOM   728  O O   . TRP D 1 16 ? -3.630  5.635   -10.473 1.00 14.36  ? 15  TRP D O   1 
ATOM   729  C CB  . TRP D 1 16 ? -4.988  2.780   -11.513 1.00 19.94  ? 15  TRP D CB  1 
ATOM   730  C CG  . TRP D 1 16 ? -4.587  1.834   -12.661 1.00 26.05  ? 15  TRP D CG  1 
ATOM   731  C CD1 . TRP D 1 16 ? -4.662  0.443   -12.663 1.00 35.10  ? 15  TRP D CD1 1 
ATOM   732  C CD2 . TRP D 1 16 ? -4.053  2.205   -13.953 1.00 34.19  ? 15  TRP D CD2 1 
ATOM   733  N NE1 . TRP D 1 16 ? -4.204  -0.049  -13.881 1.00 38.42  ? 15  TRP D NE1 1 
ATOM   734  C CE2 . TRP D 1 16 ? -3.822  1.005   -14.682 1.00 36.94  ? 15  TRP D CE2 1 
ATOM   735  C CE3 . TRP D 1 16 ? -3.730  3.432   -14.560 1.00 30.36  ? 15  TRP D CE3 1 
ATOM   736  C CZ2 . TRP D 1 16 ? -3.284  1.004   -15.988 1.00 29.00  ? 15  TRP D CZ2 1 
ATOM   737  C CZ3 . TRP D 1 16 ? -3.199  3.426   -15.873 1.00 33.06  ? 15  TRP D CZ3 1 
ATOM   738  C CH2 . TRP D 1 16 ? -2.990  2.220   -16.564 1.00 24.43  ? 15  TRP D CH2 1 
ATOM   739  N N   . GLU D 1 17 ? -4.381  4.485   -8.708  1.00 12.70  ? 16  GLU D N   1 
ATOM   740  C CA  . GLU D 1 17 ? -4.506  5.709   -7.898  1.00 15.11  ? 16  GLU D CA  1 
ATOM   741  C C   . GLU D 1 17 ? -3.139  6.260   -7.622  1.00 14.33  ? 16  GLU D C   1 
ATOM   742  O O   . GLU D 1 17 ? -2.930  7.473   -7.665  1.00 18.46  ? 16  GLU D O   1 
ATOM   743  C CB  . GLU D 1 17 ? -5.263  5.490   -6.559  1.00 15.91  ? 16  GLU D CB  1 
ATOM   744  C CG  . GLU D 1 17 ? -6.708  5.086   -6.662  1.00 27.30  ? 16  GLU D CG  1 
ATOM   745  C CD  . GLU D 1 17 ? -7.533  6.043   -7.530  1.00 26.26  ? 16  GLU D CD  1 
ATOM   746  O OE1 . GLU D 1 17 ? -7.142  7.222   -7.670  1.00 25.65  ? 16  GLU D OE1 1 
ATOM   747  O OE2 . GLU D 1 17 ? -8.563  5.594   -8.098  1.00 30.17  ? 16  GLU D OE2 1 
ATOM   748  N N   . LEU D 1 18 ? -2.166  5.381   -7.339  1.00 14.41  ? 17  LEU D N   1 
ATOM   749  C CA  . LEU D 1 18 ? -0.823  5.901   -7.065  1.00 11.02  ? 17  LEU D CA  1 
ATOM   750  C C   . LEU D 1 18 ? -0.187  6.475   -8.337  1.00 15.80  ? 17  LEU D C   1 
ATOM   751  O O   . LEU D 1 18 ? 0.609   7.404   -8.294  1.00 17.03  ? 17  LEU D O   1 
ATOM   752  C CB  . LEU D 1 18 ? 0.097   4.796   -6.482  1.00 11.78  ? 17  LEU D CB  1 
ATOM   753  C CG  . LEU D 1 18 ? -0.303  4.357   -5.041  1.00 12.04  ? 17  LEU D CG  1 
ATOM   754  C CD1 . LEU D 1 18 ? 0.512   3.088   -4.737  1.00 16.26  ? 17  LEU D CD1 1 
ATOM   755  C CD2 . LEU D 1 18 ? 0.059   5.430   -4.005  1.00 15.33  ? 17  LEU D CD2 1 
ATOM   756  N N   . LYS D 1 19 ? -0.493  5.901   -9.494  1.00 13.34  ? 18  LYS D N   1 
ATOM   757  C CA  . LYS D 1 19 ? 0.043   6.477   -10.715 1.00 13.35  ? 18  LYS D CA  1 
ATOM   758  C C   . LYS D 1 19 ? -0.502  7.906   -10.885 1.00 14.64  ? 18  LYS D C   1 
ATOM   759  O O   . LYS D 1 19 ? 0.227   8.796   -11.366 1.00 21.24  ? 18  LYS D O   1 
ATOM   760  C CB  . LYS D 1 19 ? -0.365  5.604   -11.917 1.00 20.59  ? 18  LYS D CB  1 
ATOM   761  C CG  . LYS D 1 19 ? 0.217   6.041   -13.252 1.00 32.57  ? 18  LYS D CG  1 
ATOM   762  C CD  . LYS D 1 19 ? -0.363  5.203   -14.392 1.00 36.00  ? 18  LYS D CD  1 
ATOM   763  C CE  . LYS D 1 19 ? 0.076   3.774   -14.327 1.00 45.26  ? 18  LYS D CE  1 
ATOM   764  N NZ  . LYS D 1 19 ? 1.551   3.697   -14.432 1.00 59.04  ? 18  LYS D NZ  1 
ATOM   765  N N   . ALA D 1 20 ? -1.739  8.127   -10.475 1.00 18.55  ? 19  ALA D N   1 
ATOM   766  C CA  . ALA D 1 20 ? -2.382  9.443   -10.584 1.00 21.63  ? 19  ALA D CA  1 
ATOM   767  C C   . ALA D 1 20 ? -1.721  10.416  -9.612  1.00 25.60  ? 19  ALA D C   1 
ATOM   768  O O   . ALA D 1 20 ? -1.409  11.571  -9.954  1.00 23.15  ? 19  ALA D O   1 
ATOM   769  C CB  . ALA D 1 20 ? -3.857  9.338   -10.292 1.00 24.02  ? 19  ALA D CB  1 
ATOM   770  N N   . ILE D 1 21 ? -1.471  9.926   -8.409  1.00 22.63  ? 20  ILE D N   1 
ATOM   771  C CA  . ILE D 1 21 ? -0.729  10.703  -7.403  1.00 22.02  ? 20  ILE D CA  1 
ATOM   772  C C   . ILE D 1 21 ? 0.696   11.040  -7.908  1.00 16.84  ? 20  ILE D C   1 
ATOM   773  O O   . ILE D 1 21 ? 1.175   12.158  -7.755  1.00 27.66  ? 20  ILE D O   1 
ATOM   774  C CB  . ILE D 1 21 ? -0.701  9.950   -6.043  1.00 21.09  ? 20  ILE D CB  1 
ATOM   775  C CG1 . ILE D 1 21 ? -2.133  9.931   -5.427  1.00 17.31  ? 20  ILE D CG1 1 
ATOM   776  C CG2 . ILE D 1 21 ? 0.326   10.632  -5.093  1.00 22.72  ? 20  ILE D CG2 1 
ATOM   777  C CD1 . ILE D 1 21 ? -2.293  8.935   -4.268  1.00 20.04  ? 20  ILE D CD1 1 
ATOM   778  N N   . ALA D 1 22 ? 1.390   10.070  -8.500  1.00 16.64  ? 21  ALA D N   1 
ATOM   779  C CA  . ALA D 1 22 ? 2.742   10.261  -9.034  1.00 21.40  ? 21  ALA D CA  1 
ATOM   780  C C   . ALA D 1 22 ? 2.846   11.269  -10.184 1.00 40.96  ? 21  ALA D C   1 
ATOM   781  O O   . ALA D 1 22 ? 3.814   12.003  -10.298 1.00 27.46  ? 21  ALA D O   1 
ATOM   782  C CB  . ALA D 1 22 ? 3.318   8.916   -9.475  1.00 27.11  ? 21  ALA D CB  1 
ATOM   783  N N   . LYS D 1 23 ? 1.868   11.289  -11.069 1.00 27.52  ? 22  LYS D N   1 
ATOM   784  C CA  . LYS D 1 23 ? 1.977   12.159  -12.235 1.00 35.22  ? 22  LYS D CA  1 
ATOM   785  C C   . LYS D 1 23 ? 1.677   13.601  -11.831 1.00 39.67  ? 22  LYS D C   1 
ATOM   786  O O   . LYS D 1 23 ? 2.352   14.544  -12.258 1.00 53.99  ? 22  LYS D O   1 
ATOM   787  C CB  . LYS D 1 23 ? 1.037   11.667  -13.342 1.00 36.52  ? 22  LYS D CB  1 
ATOM   788  C CG  . LYS D 1 23 ? 1.095   10.132  -13.593 1.00 50.55  ? 22  LYS D CG  1 
ATOM   789  C CD  . LYS D 1 23 ? 2.517   9.546   -13.570 1.00 50.66  ? 22  LYS D CD  1 
ATOM   790  C CE  . LYS D 1 23 ? 2.531   8.111   -12.996 1.00 35.18  ? 22  LYS D CE  1 
ATOM   791  N NZ  . LYS D 1 23 ? 3.908   7.442   -12.860 1.00 44.37  ? 22  LYS D NZ  1 
ATOM   792  N N   . GLU D 1 24 ? 0.657   13.754  -10.995 1.00 46.25  ? 23  GLU D N   1 
ATOM   793  C CA  . GLU D 1 24 ? 0.285   15.040  -10.436 1.00 40.11  ? 23  GLU D CA  1 
ATOM   794  C C   . GLU D 1 24 ? 1.429   15.615  -9.596  1.00 70.39  ? 23  GLU D C   1 
ATOM   795  O O   . GLU D 1 24 ? 1.802   16.777  -9.766  1.00 69.89  ? 23  GLU D O   1 
ATOM   796  C CB  . GLU D 1 24 ? -0.968  14.876  -9.586  1.00 49.86  ? 23  GLU D CB  1 
ATOM   797  C CG  . GLU D 1 24 ? -1.185  15.954  -8.569  1.00 55.56  ? 23  GLU D CG  1 
ATOM   798  C CD  . GLU D 1 24 ? -2.354  15.642  -7.673  1.00 95.75  ? 23  GLU D CD  1 
ATOM   799  O OE1 . GLU D 1 24 ? -2.406  14.514  -7.128  1.00 80.60  ? 23  GLU D OE1 1 
ATOM   800  O OE2 . GLU D 1 24 ? -3.228  16.522  -7.526  1.00 108.27 ? 23  GLU D OE2 1 
ATOM   801  N N   . ASP D 1 25 ? 1.980   14.794  -8.699  1.00 61.60  ? 24  ASP D N   1 
ATOM   802  C CA  . ASP D 1 25 ? 3.099   15.208  -7.853  1.00 55.51  ? 24  ASP D CA  1 
ATOM   803  C C   . ASP D 1 25 ? 4.227   15.749  -8.717  1.00 76.49  ? 24  ASP D C   1 
ATOM   804  O O   . ASP D 1 25 ? 4.799   16.808  -8.434  1.00 79.68  ? 24  ASP D O   1 
ATOM   805  C CB  . ASP D 1 25 ? 3.592   14.047  -6.981  1.00 53.72  ? 24  ASP D CB  1 
ATOM   806  C CG  . ASP D 1 25 ? 2.857   13.961  -5.648  1.00 70.55  ? 24  ASP D CG  1 
ATOM   807  O OD1 . ASP D 1 25 ? 1.699   14.434  -5.563  1.00 79.17  ? 24  ASP D OD1 1 
ATOM   808  O OD2 . ASP D 1 25 ? 3.434   13.415  -4.683  1.00 59.14  ? 24  ASP D OD2 1 
ATOM   809  N N   . LYS D 1 26 ? 4.533   15.025  -9.786  1.00 66.72  ? 25  LYS D N   1 
ATOM   810  C CA  . LYS D 1 26 ? 5.556   15.459  -10.726 1.00 63.73  ? 25  LYS D CA  1 
ATOM   811  C C   . LYS D 1 26 ? 5.192   16.836  -11.282 1.00 86.25  ? 25  LYS D C   1 
ATOM   812  O O   . LYS D 1 26 ? 6.025   17.750  -11.306 1.00 87.24  ? 25  LYS D O   1 
ATOM   813  C CB  . LYS D 1 26 ? 5.709   14.426  -11.849 1.00 46.79  ? 25  LYS D CB  1 
ATOM   814  C CG  . LYS D 1 26 ? 6.860   14.668  -12.808 1.00 69.14  ? 25  LYS D CG  1 
ATOM   815  C CD  . LYS D 1 26 ? 7.141   13.414  -13.625 1.00 67.99  ? 25  LYS D CD  1 
ATOM   816  C CE  . LYS D 1 26 ? 8.415   13.557  -14.432 1.00 87.40  ? 25  LYS D CE  1 
ATOM   817  N NZ  . LYS D 1 26 ? 8.242   13.049  -15.822 1.00 82.62  ? 25  LYS D NZ  1 
ATOM   818  N N   . ALA D 1 27 ? 3.935   16.983  -11.694 1.00 62.55  ? 26  ALA D N   1 
ATOM   819  C CA  . ALA D 1 27 ? 3.465   18.207  -12.341 1.00 68.79  ? 26  ALA D CA  1 
ATOM   820  C C   . ALA D 1 27 ? 3.614   19.458  -11.467 1.00 56.53  ? 26  ALA D C   1 
ATOM   821  O O   . ALA D 1 27 ? 3.726   19.372  -10.239 1.00 70.68  ? 26  ALA D O   1 
ATOM   822  C CB  . ALA D 1 27 ? 2.022   18.034  -12.803 1.00 51.94  ? 26  ALA D CB  1 
HETATM 823  C C   . ACE E 1 1  ? 7.642   -18.459 9.091   1.00 32.53  ? 0   ACE E C   1 
HETATM 824  O O   . ACE E 1 1  ? 6.471   -18.542 9.471   1.00 35.63  ? 0   ACE E O   1 
HETATM 825  C CH3 . ACE E 1 1  ? 8.767   -18.201 10.077  1.00 41.93  ? 0   ACE E CH3 1 
ATOM   826  N N   . GLY E 1 2  ? 7.995   -18.611 7.816   1.00 35.64  ? 1   GLY E N   1 
ATOM   827  C CA  . GLY E 1 2  ? 6.986   -18.797 6.795   1.00 43.44  ? 1   GLY E CA  1 
ATOM   828  C C   . GLY E 1 2  ? 6.743   -17.495 6.053   1.00 34.28  ? 1   GLY E C   1 
ATOM   829  O O   . GLY E 1 2  ? 6.968   -16.403 6.582   1.00 28.95  ? 1   GLY E O   1 
ATOM   830  N N   . GLU E 1 3  ? 6.290   -17.596 4.809   1.00 31.03  ? 2   GLU E N   1 
ATOM   831  C CA  A GLU E 1 3  ? 6.107   -16.422 3.971   0.64 30.92  ? 2   GLU E CA  1 
ATOM   832  C CA  B GLU E 1 3  ? 6.142   -16.381 4.019   0.36 30.87  ? 2   GLU E CA  1 
ATOM   833  C C   . GLU E 1 3  ? 4.920   -15.570 4.457   1.00 21.98  ? 2   GLU E C   1 
ATOM   834  O O   . GLU E 1 3  ? 4.915   -14.355 4.281   1.00 23.48  ? 2   GLU E O   1 
ATOM   835  C CB  A GLU E 1 3  ? 5.937   -16.829 2.499   0.64 39.72  ? 2   GLU E CB  1 
ATOM   836  C CB  B GLU E 1 3  ? 6.132   -16.646 2.504   0.36 37.24  ? 2   GLU E CB  1 
ATOM   837  C CG  A GLU E 1 3  ? 6.970   -17.840 1.971   0.64 29.99  ? 2   GLU E CG  1 
ATOM   838  C CG  B GLU E 1 3  ? 7.377   -17.341 1.940   0.36 28.86  ? 2   GLU E CG  1 
ATOM   839  C CD  A GLU E 1 3  ? 6.424   -19.266 1.855   0.64 46.57  ? 2   GLU E CD  1 
ATOM   840  C CD  B GLU E 1 3  ? 8.694   -16.611 2.214   0.36 34.81  ? 2   GLU E CD  1 
ATOM   841  O OE1 A GLU E 1 3  ? 5.951   -19.806 2.874   0.64 57.30  ? 2   GLU E OE1 1 
ATOM   842  O OE1 B GLU E 1 3  ? 8.719   -15.360 2.272   0.36 23.57  ? 2   GLU E OE1 1 
ATOM   843  O OE2 A GLU E 1 3  ? 6.469   -19.857 0.748   0.64 36.48  ? 2   GLU E OE2 1 
ATOM   844  O OE2 B GLU E 1 3  ? 9.723   -17.302 2.364   0.36 30.63  ? 2   GLU E OE2 1 
ATOM   845  N N   . LEU E 1 4  ? 3.930   -16.215 5.075   1.00 20.35  ? 3   LEU E N   1 
ATOM   846  C CA  . LEU E 1 4  ? 2.783   -15.456 5.601   1.00 23.41  ? 3   LEU E CA  1 
ATOM   847  C C   . LEU E 1 4  ? 3.201   -14.539 6.753   1.00 22.20  ? 3   LEU E C   1 
ATOM   848  O O   . LEU E 1 4  ? 2.708   -13.417 6.877   1.00 23.24  ? 3   LEU E O   1 
ATOM   849  C CB  . LEU E 1 4  ? 1.587   -16.360 5.969   1.00 22.70  ? 3   LEU E CB  1 
ATOM   850  C CG  . LEU E 1 4  ? 0.915   -17.133 4.816   1.00 21.11  ? 3   LEU E CG  1 
ATOM   851  C CD1 . LEU E 1 4  ? -0.296  -17.951 5.308   1.00 24.24  ? 3   LEU E CD1 1 
ATOM   852  C CD2 . LEU E 1 4  ? 0.425   -16.189 3.702   1.00 24.62  ? 3   LEU E CD2 1 
ATOM   853  N N   . LYS E 1 5  ? 4.150   -14.983 7.586   1.00 25.54  ? 4   LYS E N   1 
ATOM   854  C CA  . LYS E 1 5  ? 4.594   -14.177 8.716   1.00 30.46  ? 4   LYS E CA  1 
ATOM   855  C C   . LYS E 1 5  ? 5.396   -12.994 8.196   1.00 19.94  ? 4   LYS E C   1 
ATOM   856  O O   . LYS E 1 5  ? 5.280   -11.868 8.664   1.00 25.04  ? 4   LYS E O   1 
ATOM   857  C CB  . LYS E 1 5  ? 5.482   -15.024 9.639   1.00 30.62  ? 4   LYS E CB  1 
ATOM   858  C CG  . LYS E 1 5  ? 6.253   -14.208 10.691  1.00 37.93  ? 4   LYS E CG  1 
ATOM   859  C CD  . LYS E 1 5  ? 7.088   -15.133 11.616  1.00 42.95  ? 4   LYS E CD  1 
ATOM   860  C CE  . LYS E 1 5  ? 6.298   -15.606 12.823  1.00 74.09  ? 4   LYS E CE  1 
ATOM   861  N NZ  . LYS E 1 5  ? 5.110   -16.428 12.445  1.00 73.21  ? 4   LYS E NZ  1 
ATOM   862  N N   . CYS E 1 6  ? 6.193   -13.294 7.204   1.00 22.19  ? 5   CYS E N   1 
ATOM   863  C CA  . CYS E 1 6  ? 6.945   -12.313 6.469   1.00 23.67  ? 5   CYS E CA  1 
ATOM   864  C C   . CYS E 1 6  ? 5.998   -11.237 5.927   1.00 25.89  ? 5   CYS E C   1 
ATOM   865  O O   . CYS E 1 6  ? 6.275   -10.050 6.035   1.00 20.43  ? 5   CYS E O   1 
ATOM   866  C CB  . CYS E 1 6  ? 7.603   -13.055 5.318   1.00 32.33  ? 5   CYS E CB  1 
ATOM   867  S SG  . CYS E 1 6  ? 8.746   -12.095 4.327   1.00 44.10  ? 5   CYS E SG  1 
ATOM   868  N N   . ILE E 1 7  ? 4.872   -11.659 5.347   1.00 20.45  ? 6   ILE E N   1 
ATOM   869  C CA  . ILE E 1 7  ? 3.920   -10.698 4.768   1.00 19.76  ? 6   ILE E CA  1 
ATOM   870  C C   . ILE E 1 7  ? 3.306   -9.827  5.854   1.00 21.62  ? 6   ILE E C   1 
ATOM   871  O O   . ILE E 1 7  ? 3.195   -8.605  5.709   1.00 17.77  ? 6   ILE E O   1 
ATOM   872  C CB  . ILE E 1 7  ? 2.857   -11.441 3.929   1.00 18.99  ? 6   ILE E CB  1 
ATOM   873  C CG1 . ILE E 1 7  ? 3.510   -11.955 2.629   1.00 21.92  ? 6   ILE E CG1 1 
ATOM   874  C CG2 . ILE E 1 7  ? 1.632   -10.547 3.653   1.00 20.82  ? 6   ILE E CG2 1 
ATOM   875  C CD1 . ILE E 1 7  ? 2.645   -13.021 1.914   1.00 21.87  ? 6   ILE E CD1 1 
ATOM   876  N N   . CYS E 1 8  ? 2.918   -10.436 6.970   1.00 18.98  ? 7   CYS E N   1 
ATOM   877  C CA  . CYS E 1 8  ? 2.319   -9.632  8.031   1.00 16.15  ? 7   CYS E CA  1 
ATOM   878  C C   . CYS E 1 8  ? 3.331   -8.616  8.617   1.00 21.44  ? 7   CYS E C   1 
ATOM   879  O O   . CYS E 1 8  ? 2.980   -7.476  8.947   1.00 18.74  ? 7   CYS E O   1 
ATOM   880  C CB  . CYS E 1 8  ? 1.742   -10.512 9.131   1.00 27.75  ? 7   CYS E CB  1 
ATOM   881  S SG  . CYS E 1 8  ? 0.623   -9.515  10.151  1.00 34.21  ? 7   CYS E SG  1 
ATOM   882  N N   . GLN E 1 9  ? 4.584   -9.033  8.732   1.00 17.66  ? 8   GLN E N   1 
ATOM   883  C CA  . GLN E 1 9  ? 5.623   -8.130  9.222   1.00 23.19  ? 8   GLN E CA  1 
ATOM   884  C C   . GLN E 1 9  ? 5.886   -6.930  8.305   1.00 22.18  ? 8   GLN E C   1 
ATOM   885  O O   . GLN E 1 9  ? 6.091   -5.816  8.783   1.00 19.56  ? 8   GLN E O   1 
ATOM   886  C CB  . GLN E 1 9  ? 6.922   -8.892  9.454   1.00 21.51  ? 8   GLN E CB  1 
ATOM   887  C CG  . GLN E 1 9  ? 6.838   -9.794  10.681  1.00 34.88  ? 8   GLN E CG  1 
ATOM   888  C CD  . GLN E 1 9  ? 8.124   -10.555 10.933  1.00 56.28  ? 8   GLN E CD  1 
ATOM   889  O OE1 . GLN E 1 9  ? 9.013   -10.584 10.079  1.00 41.55  ? 8   GLN E OE1 1 
ATOM   890  N NE2 . GLN E 1 9  ? 8.238   -11.167 12.112  1.00 50.47  ? 8   GLN E NE2 1 
ATOM   891  N N   . GLU E 1 10 ? 5.877   -7.151  7.002   1.00 18.55  ? 9   GLU E N   1 
ATOM   892  C CA  . GLU E 1 10 ? 6.080   -6.032  6.079   1.00 17.72  ? 9   GLU E CA  1 
ATOM   893  C C   . GLU E 1 10 ? 4.870   -5.116  6.090   1.00 16.04  ? 9   GLU E C   1 
ATOM   894  O O   . GLU E 1 10 ? 5.024   -3.907  5.928   1.00 15.08  ? 9   GLU E O   1 
ATOM   895  C CB  . GLU E 1 10 ? 6.395   -6.511  4.660   1.00 16.52  ? 9   GLU E CB  1 
ATOM   896  C CG  . GLU E 1 10 ? 7.738   -7.298  4.535   1.00 23.16  ? 9   GLU E CG  1 
ATOM   897  C CD  . GLU E 1 10 ? 8.927   -6.537  5.137   1.00 31.96  ? 9   GLU E CD  1 
ATOM   898  O OE1 . GLU E 1 10 ? 9.019   -5.288  4.989   1.00 28.97  ? 9   GLU E OE1 1 
ATOM   899  O OE2 . GLU E 1 10 ? 9.778   -7.191  5.769   1.00 34.11  ? 9   GLU E OE2 1 
ATOM   900  N N   . LEU E 1 11 ? 3.662   -5.656  6.279   1.00 14.55  ? 10  LEU E N   1 
ATOM   901  C CA  . LEU E 1 11 ? 2.509   -4.765  6.393   1.00 11.87  ? 10  LEU E CA  1 
ATOM   902  C C   . LEU E 1 11 ? 2.581   -3.909  7.660   1.00 13.15  ? 10  LEU E C   1 
ATOM   903  O O   . LEU E 1 11 ? 2.134   -2.773  7.663   1.00 13.30  ? 10  LEU E O   1 
ATOM   904  C CB  . LEU E 1 11 ? 1.202   -5.580  6.394   1.00 11.08  ? 10  LEU E CB  1 
ATOM   905  C CG  . LEU E 1 11 ? 0.941   -6.261  5.031   1.00 12.51  ? 10  LEU E CG  1 
ATOM   906  C CD1 . LEU E 1 11 ? -0.194  -7.214  5.259   1.00 19.03  ? 10  LEU E CD1 1 
ATOM   907  C CD2 . LEU E 1 11 ? 0.526   -5.256  3.910   1.00 13.73  ? 10  LEU E CD2 1 
ATOM   908  N N   . LYS E 1 12 ? 3.115   -4.449  8.757   1.00 18.73  ? 11  LYS E N   1 
ATOM   909  C CA  . LYS E 1 12 ? 3.281   -3.616  9.951   1.00 16.21  ? 11  LYS E CA  1 
ATOM   910  C C   . LYS E 1 12 ? 4.302   -2.481  9.681   1.00 12.77  ? 11  LYS E C   1 
ATOM   911  O O   . LYS E 1 12 ? 4.129   -1.367  10.179  1.00 20.65  ? 11  LYS E O   1 
ATOM   912  C CB  . LYS E 1 12 ? 3.793   -4.445  11.143  1.00 21.72  ? 11  LYS E CB  1 
ATOM   913  C CG  . LYS E 1 12 ? 3.085   -5.767  11.358  1.00 34.10  ? 11  LYS E CG  1 
ATOM   914  C CD  . LYS E 1 12 ? 3.891   -6.663  12.320  1.00 61.77  ? 11  LYS E CD  1 
ATOM   915  C CE  . LYS E 1 12 ? 3.124   -7.927  12.716  1.00 56.07  ? 11  LYS E CE  1 
ATOM   916  N NZ  . LYS E 1 12 ? 3.988   -8.960  13.371  1.00 68.24  ? 11  LYS E NZ  1 
ATOM   917  N N   . ALA E 1 13 ? 5.352   -2.810  8.960   1.00 13.95  ? 12  ALA E N   1 
ATOM   918  C CA  . ALA E 1 13 ? 6.395   -1.831  8.595   1.00 16.27  ? 12  ALA E CA  1 
ATOM   919  C C   . ALA E 1 13 ? 5.758   -0.750  7.712   1.00 19.08  ? 12  ALA E C   1 
ATOM   920  O O   . ALA E 1 13 ? 6.079   0.425   7.823   1.00 16.25  ? 12  ALA E O   1 
ATOM   921  C CB  . ALA E 1 13 ? 7.524   -2.518  7.871   1.00 19.80  ? 12  ALA E CB  1 
ATOM   922  N N   . ILE E 1 14 ? 4.850   -1.165  6.830   1.00 14.82  ? 13  ILE E N   1 
ATOM   923  C CA  . ILE E 1 14 ? 4.126   -0.188  6.007   1.00 13.16  ? 13  ILE E CA  1 
ATOM   924  C C   . ILE E 1 14 ? 3.265   0.734   6.872   1.00 13.19  ? 13  ILE E C   1 
ATOM   925  O O   . ILE E 1 14 ? 3.257   1.943   6.693   1.00 14.29  ? 13  ILE E O   1 
ATOM   926  C CB  . ILE E 1 14 ? 3.319   -0.932  4.919   1.00 10.66  ? 13  ILE E CB  1 
ATOM   927  C CG1 . ILE E 1 14 ? 4.351   -1.555  3.920   1.00 10.79  ? 13  ILE E CG1 1 
ATOM   928  C CG2 . ILE E 1 14 ? 2.298   0.019   4.237   1.00 14.07  ? 13  ILE E CG2 1 
ATOM   929  C CD1 . ILE E 1 14 ? 3.733   -2.531  2.870   1.00 15.84  ? 13  ILE E CD1 1 
ATOM   930  N N   . ALA E 1 15 ? 2.514   0.170   7.807   1.00 15.14  ? 14  ALA E N   1 
ATOM   931  C CA  . ALA E 1 15 ? 1.640   0.974   8.674   1.00 17.47  ? 14  ALA E CA  1 
ATOM   932  C C   . ALA E 1 15 ? 2.439   1.964   9.502   1.00 15.14  ? 14  ALA E C   1 
ATOM   933  O O   . ALA E 1 15 ? 1.998   3.096   9.744   1.00 18.53  ? 14  ALA E O   1 
ATOM   934  C CB  . ALA E 1 15 ? 0.862   0.053   9.631   1.00 18.98  ? 14  ALA E CB  1 
ATOM   935  N N   . TRP E 1 16 ? 3.624   1.521   9.902   1.00 15.00  ? 15  TRP E N   1 
ATOM   936  C CA  . TRP E 1 16 ? 4.560   2.358   10.676  1.00 14.58  ? 15  TRP E CA  1 
ATOM   937  C C   . TRP E 1 16 ? 4.983   3.595   9.880   1.00 19.88  ? 15  TRP E C   1 
ATOM   938  O O   . TRP E 1 16 ? 4.935   4.735   10.370  1.00 19.04  ? 15  TRP E O   1 
ATOM   939  C CB  . TRP E 1 16 ? 5.795   1.519   11.068  1.00 21.71  ? 15  TRP E CB  1 
ATOM   940  C CG  . TRP E 1 16 ? 6.845   2.330   11.781  1.00 21.82  ? 15  TRP E CG  1 
ATOM   941  C CD1 . TRP E 1 16 ? 8.013   2.826   11.266  1.00 24.88  ? 15  TRP E CD1 1 
ATOM   942  C CD2 . TRP E 1 16 ? 6.774   2.798   13.129  1.00 23.23  ? 15  TRP E CD2 1 
ATOM   943  N NE1 . TRP E 1 16 ? 8.686   3.558   12.224  1.00 21.52  ? 15  TRP E NE1 1 
ATOM   944  C CE2 . TRP E 1 16 ? 7.942   3.552   13.387  1.00 26.45  ? 15  TRP E CE2 1 
ATOM   945  C CE3 . TRP E 1 16 ? 5.841   2.642   14.152  1.00 32.05  ? 15  TRP E CE3 1 
ATOM   946  C CZ2 . TRP E 1 16 ? 8.207   4.138   14.620  1.00 38.26  ? 15  TRP E CZ2 1 
ATOM   947  C CZ3 . TRP E 1 16 ? 6.103   3.229   15.388  1.00 37.90  ? 15  TRP E CZ3 1 
ATOM   948  C CH2 . TRP E 1 16 ? 7.271   3.963   15.608  1.00 29.92  ? 15  TRP E CH2 1 
ATOM   949  N N   . GLU E 1 17 ? 5.394   3.396   8.637   1.00 16.32  ? 16  GLU E N   1 
ATOM   950  C CA  . GLU E 1 17 ? 5.802   4.547   7.821   1.00 14.60  ? 16  GLU E CA  1 
ATOM   951  C C   . GLU E 1 17 ? 4.644   5.460   7.532   1.00 16.51  ? 16  GLU E C   1 
ATOM   952  O O   . GLU E 1 17 ? 4.822   6.681   7.463   1.00 18.96  ? 16  GLU E O   1 
ATOM   953  C CB  . GLU E 1 17 ? 6.424   4.099   6.495   1.00 13.03  ? 16  GLU E CB  1 
ATOM   954  C CG  . GLU E 1 17 ? 7.642   3.187   6.680   1.00 17.53  ? 16  GLU E CG  1 
ATOM   955  C CD  . GLU E 1 17 ? 8.735   3.847   7.530   1.00 22.85  ? 16  GLU E CD  1 
ATOM   956  O OE1 . GLU E 1 17 ? 8.746   5.088   7.665   1.00 20.61  ? 16  GLU E OE1 1 
ATOM   957  O OE2 . GLU E 1 17 ? 9.569   3.111   8.088   1.00 23.55  ? 16  GLU E OE2 1 
ATOM   958  N N   . LEU E 1 18 ? 3.447   4.896   7.321   1.00 15.06  ? 17  LEU E N   1 
ATOM   959  C CA  . LEU E 1 18 ? 2.316   5.772   7.058   1.00 12.76  ? 17  LEU E CA  1 
ATOM   960  C C   . LEU E 1 18 ? 1.939   6.571   8.298   1.00 18.45  ? 17  LEU E C   1 
ATOM   961  O O   . LEU E 1 18 ? 1.488   7.710   8.215   1.00 22.38  ? 17  LEU E O   1 
ATOM   962  C CB  . LEU E 1 18 ? 1.089   4.993   6.581   1.00 12.08  ? 17  LEU E CB  1 
ATOM   963  C CG  . LEU E 1 18 ? 1.276   4.298   5.215   1.00 11.87  ? 17  LEU E CG  1 
ATOM   964  C CD1 . LEU E 1 18 ? 0.092   3.344   5.011   1.00 16.27  ? 17  LEU E CD1 1 
ATOM   965  C CD2 . LEU E 1 18 ? 1.352   5.317   4.110   1.00 15.47  ? 17  LEU E CD2 1 
ATOM   966  N N   . LYS E 1 19 ? 2.105   5.969   9.448   1.00 20.09  ? 18  LYS E N   1 
ATOM   967  C CA  . LYS E 1 19 ? 1.882   6.714   10.688  1.00 25.10  ? 18  LYS E CA  1 
ATOM   968  C C   . LYS E 1 19 ? 2.853   7.895   10.775  1.00 22.39  ? 18  LYS E C   1 
ATOM   969  O O   . LYS E 1 19 ? 2.492   8.999   11.163  1.00 28.79  ? 18  LYS E O   1 
ATOM   970  C CB  . LYS E 1 19 ? 2.054   5.769   11.874  1.00 25.37  ? 18  LYS E CB  1 
ATOM   971  C CG  . LYS E 1 19 ? 1.863   6.445   13.232  1.00 41.19  ? 18  LYS E CG  1 
ATOM   972  C CD  . LYS E 1 19 ? 1.922   5.422   14.342  1.00 49.53  ? 18  LYS E CD  1 
ATOM   973  C CE  . LYS E 1 19 ? 1.783   6.070   15.724  1.00 80.91  ? 18  LYS E CE  1 
ATOM   974  N NZ  . LYS E 1 19 ? 2.221   5.131   16.819  1.00 49.01  ? 18  LYS E NZ  1 
ATOM   975  N N   . ALA E 1 20 ? 4.083   7.685   10.364  1.00 21.18  ? 19  ALA E N   1 
ATOM   976  C CA  . ALA E 1 20 ? 5.049   8.777   10.306  1.00 28.33  ? 19  ALA E CA  1 
ATOM   977  C C   . ALA E 1 20 ? 4.670   9.869   9.291   1.00 32.13  ? 19  ALA E C   1 
ATOM   978  O O   . ALA E 1 20 ? 4.845   11.060  9.543   1.00 39.03  ? 19  ALA E O   1 
ATOM   979  C CB  . ALA E 1 20 ? 6.414   8.222   10.015  1.00 20.81  ? 19  ALA E CB  1 
ATOM   980  N N   . ILE E 1 21 ? 4.135   9.466   8.144   1.00 25.99  ? 20  ILE E N   1 
ATOM   981  C CA  . ILE E 1 21 ? 3.673   10.416  7.153   1.00 30.70  ? 20  ILE E CA  1 
ATOM   982  C C   . ILE E 1 21 ? 2.424   11.180  7.665   1.00 33.14  ? 20  ILE E C   1 
ATOM   983  O O   . ILE E 1 21 ? 2.277   12.380  7.458   1.00 36.36  ? 20  ILE E O   1 
ATOM   984  C CB  . ILE E 1 21 ? 3.392   9.699   5.806   1.00 27.41  ? 20  ILE E CB  1 
ATOM   985  C CG1 . ILE E 1 21 ? 4.702   9.100   5.238   1.00 24.70  ? 20  ILE E CG1 1 
ATOM   986  C CG2 . ILE E 1 21 ? 2.793   10.667  4.781   1.00 29.33  ? 20  ILE E CG2 1 
ATOM   987  C CD1 . ILE E 1 21 ? 4.503   8.097   4.094   1.00 19.62  ? 20  ILE E CD1 1 
ATOM   988  N N   . ALA E 1 22 ? 1.535   10.477  8.348   1.00 33.64  ? 21  ALA E N   1 
ATOM   989  C CA  . ALA E 1 22 ? 0.282   11.067  8.830   1.00 28.04  ? 21  ALA E CA  1 
ATOM   990  C C   . ALA E 1 22 ? 0.553   12.070  9.952   1.00 54.85  ? 21  ALA E C   1 
ATOM   991  O O   . ALA E 1 22 ? -0.103  13.099  10.048  1.00 45.98  ? 21  ALA E O   1 
ATOM   992  C CB  . ALA E 1 22 ? -0.651  9.973   9.322   1.00 21.81  ? 21  ALA E CB  1 
ATOM   993  N N   . LYS E 1 23 ? 1.523   11.752  10.798  1.00 43.20  ? 22  LYS E N   1 
ATOM   994  C CA  . LYS E 1 23 ? 1.853   12.547  11.987  1.00 55.59  ? 22  LYS E CA  1 
ATOM   995  C C   . LYS E 1 23 ? 2.609   13.819  11.634  1.00 65.67  ? 22  LYS E C   1 
ATOM   996  O O   . LYS E 1 23 ? 2.748   14.730  12.453  1.00 71.32  ? 22  LYS E O   1 
ATOM   997  C CB  . LYS E 1 23 ? 2.702   11.707  12.945  1.00 45.39  ? 22  LYS E CB  1 
ATOM   998  C CG  . LYS E 1 23 ? 1.905   10.708  13.814  1.00 62.58  ? 22  LYS E CG  1 
ATOM   999  C CD  . LYS E 1 23 ? 0.817   9.971   13.011  1.00 46.22  ? 22  LYS E CD  1 
ATOM   1000 C CE  . LYS E 1 23 ? -0.032  9.047   13.880  1.00 61.08  ? 22  LYS E CE  1 
ATOM   1001 N NZ  . LYS E 1 23 ? -1.166  8.427   13.102  1.00 40.51  ? 22  LYS E NZ  1 
ATOM   1002 N N   . GLU E 1 24 ? 3.086   13.867  10.399  1.00 78.02  ? 23  GLU E N   1 
ATOM   1003 C CA  . GLU E 1 24 ? 4.071   14.844  9.975   1.00 72.94  ? 23  GLU E CA  1 
ATOM   1004 C C   . GLU E 1 24 ? 3.361   15.887  9.167   1.00 80.79  ? 23  GLU E C   1 
ATOM   1005 O O   . GLU E 1 24 ? 3.315   17.069  9.531   1.00 66.27  ? 23  GLU E O   1 
ATOM   1006 C CB  . GLU E 1 24 ? 5.054   14.141  9.070   1.00 56.85  ? 23  GLU E CB  1 
ATOM   1007 C CG  . GLU E 1 24 ? 6.384   14.791  8.977   1.00 88.72  ? 23  GLU E CG  1 
ATOM   1008 C CD  . GLU E 1 24 ? 7.449   13.752  8.786   1.00 95.81  ? 23  GLU E CD  1 
ATOM   1009 O OE1 . GLU E 1 24 ? 8.588   13.957  9.268   1.00 71.24  ? 23  GLU E OE1 1 
ATOM   1010 O OE2 . GLU E 1 24 ? 7.124   12.711  8.165   1.00 86.71  ? 23  GLU E OE2 1 
ATOM   1011 N N   . ASP E 1 25 ? 2.853   15.424  8.031   1.00 79.24  ? 24  ASP E N   1 
ATOM   1012 C CA  . ASP E 1 25 ? 1.823   16.128  7.301   1.00 79.87  ? 24  ASP E CA  1 
ATOM   1013 C C   . ASP E 1 25 ? 0.937   16.831  8.321   1.00 86.83  ? 24  ASP E C   1 
ATOM   1014 O O   . ASP E 1 25 ? 0.707   18.039  8.241   1.00 97.12  ? 24  ASP E O   1 
ATOM   1015 C CB  . ASP E 1 25 ? 0.981   15.130  6.494   1.00 82.79  ? 24  ASP E CB  1 
ATOM   1016 C CG  . ASP E 1 25 ? 1.666   14.670  5.214   1.00 90.93  ? 24  ASP E CG  1 
ATOM   1017 O OD1 . ASP E 1 25 ? 2.844   15.037  4.994   1.00 69.39  ? 24  ASP E OD1 1 
ATOM   1018 O OD2 . ASP E 1 25 ? 1.017   13.937  4.431   1.00 71.86  ? 24  ASP E OD2 1 
HETATM 1019 C C   . ACE F 1 1  ? -5.695  -16.683 12.749  1.00 38.16  ? 0   ACE F C   1 
HETATM 1020 O O   . ACE F 1 1  ? -5.665  -16.739 11.492  1.00 46.70  ? 0   ACE F O   1 
HETATM 1021 C CH3 . ACE F 1 1  ? -6.998  -16.491 13.502  1.00 43.40  ? 0   ACE F CH3 1 
ATOM   1022 N N   . GLY F 1 2  ? -4.597  -16.761 13.501  1.00 31.54  ? 1   GLY F N   1 
ATOM   1023 C CA  . GLY F 1 2  ? -3.303  -17.050 12.897  1.00 36.51  ? 1   GLY F CA  1 
ATOM   1024 C C   . GLY F 1 2  ? -2.813  -15.979 11.933  1.00 34.22  ? 1   GLY F C   1 
ATOM   1025 O O   . GLY F 1 2  ? -3.147  -14.807 12.060  1.00 26.75  ? 1   GLY F O   1 
ATOM   1026 N N   . GLU F 1 3  ? -2.023  -16.389 10.953  1.00 28.74  ? 2   GLU F N   1 
ATOM   1027 C CA  . GLU F 1 3  ? -1.314  -15.465 10.089  1.00 23.17  ? 2   GLU F CA  1 
ATOM   1028 C C   . GLU F 1 3  ? -2.227  -14.647 9.150   1.00 21.36  ? 2   GLU F C   1 
ATOM   1029 O O   . GLU F 1 3  ? -1.939  -13.482 8.843   1.00 24.11  ? 2   GLU F O   1 
ATOM   1030 C CB  . GLU F 1 3  ? -0.254  -16.238 9.300   1.00 40.77  ? 2   GLU F CB  1 
ATOM   1031 C CG  . GLU F 1 3  ? 0.731   -17.017 10.228  1.00 48.80  ? 2   GLU F CG  1 
ATOM   1032 C CD  . GLU F 1 3  ? 1.396   -18.251 9.568   1.00 67.60  ? 2   GLU F CD  1 
ATOM   1033 O OE1 . GLU F 1 3  ? 0.818   -18.864 8.644   1.00 52.99  ? 2   GLU F OE1 1 
ATOM   1034 O OE2 . GLU F 1 3  ? 2.513   -18.616 9.987   1.00 55.97  ? 2   GLU F OE2 1 
ATOM   1035 N N   . LEU F 1 4  ? -3.312  -15.245 8.680   1.00 19.17  ? 3   LEU F N   1 
ATOM   1036 C CA  . LEU F 1 4  ? -4.217  -14.482 7.825   1.00 13.45  ? 3   LEU F CA  1 
ATOM   1037 C C   . LEU F 1 4  ? -4.902  -13.412 8.652   1.00 21.31  ? 3   LEU F C   1 
ATOM   1038 O O   . LEU F 1 4  ? -5.115  -12.300 8.186   1.00 20.11  ? 3   LEU F O   1 
ATOM   1039 C CB  . LEU F 1 4  ? -5.236  -15.391 7.153   1.00 23.39  ? 3   LEU F CB  1 
ATOM   1040 C CG  . LEU F 1 4  ? -4.616  -16.349 6.121   1.00 24.81  ? 3   LEU F CG  1 
ATOM   1041 C CD1 . LEU F 1 4  ? -5.739  -17.149 5.459   1.00 20.42  ? 3   LEU F CD1 1 
ATOM   1042 C CD2 . LEU F 1 4  ? -3.848  -15.570 5.022   1.00 22.19  ? 3   LEU F CD2 1 
ATOM   1043 N N   . LYS F 1 5  ? -5.239  -13.716 9.894   1.00 23.73  ? 4   LYS F N   1 
ATOM   1044 C CA  . LYS F 1 5  ? -5.872  -12.666 10.701  1.00 22.79  ? 4   LYS F CA  1 
ATOM   1045 C C   . LYS F 1 5  ? -4.900  -11.529 10.977  1.00 19.65  ? 4   LYS F C   1 
ATOM   1046 O O   . LYS F 1 5  ? -5.290  -10.349 11.064  1.00 22.29  ? 4   LYS F O   1 
ATOM   1047 C CB  . LYS F 1 5  ? -6.407  -13.232 12.017  1.00 30.19  ? 4   LYS F CB  1 
ATOM   1048 C CG  . LYS F 1 5  ? -6.943  -12.139 12.952  1.00 31.31  ? 4   LYS F CG  1 
ATOM   1049 C CD  . LYS F 1 5  ? -7.613  -12.745 14.182  1.00 43.71  ? 4   LYS F CD  1 
ATOM   1050 C CE  . LYS F 1 5  ? -8.310  -11.659 14.997  1.00 59.07  ? 4   LYS F CE  1 
ATOM   1051 N NZ  . LYS F 1 5  ? -9.368  -10.969 14.192  1.00 48.51  ? 4   LYS F NZ  1 
ATOM   1052 N N   . CYS F 1 6  ? -3.640  -11.879 11.117  1.00 19.71  ? 5   CYS F N   1 
ATOM   1053 C CA  . CYS F 1 6  ? -2.598  -10.893 11.330  1.00 26.72  ? 5   CYS F CA  1 
ATOM   1054 C C   . CYS F 1 6  ? -2.569  -9.924  10.142  1.00 23.75  ? 5   CYS F C   1 
ATOM   1055 O O   . CYS F 1 6  ? -2.518  -8.705  10.318  1.00 19.77  ? 5   CYS F O   1 
ATOM   1056 C CB  . CYS F 1 6  ? -1.245  -11.586 11.484  1.00 26.99  ? 5   CYS F CB  1 
ATOM   1057 S SG  . CYS F 1 6  ? 0.124   -10.485 11.842  1.00 39.45  ? 5   CYS F SG  1 
ATOM   1058 N N   . ILE F 1 7  ? -2.651  -10.471 8.936   1.00 18.90  ? 6   ILE F N   1 
ATOM   1059 C CA  . ILE F 1 7  ? -2.577  -9.669  7.706   1.00 15.86  ? 6   ILE F CA  1 
ATOM   1060 C C   . ILE F 1 7  ? -3.803  -8.767  7.619   1.00 20.96  ? 6   ILE F C   1 
ATOM   1061 O O   . ILE F 1 7  ? -3.718  -7.574  7.319   1.00 16.74  ? 6   ILE F O   1 
ATOM   1062 C CB  . ILE F 1 7  ? -2.472  -10.618 6.491   1.00 17.81  ? 6   ILE F CB  1 
ATOM   1063 C CG1 . ILE F 1 7  ? -1.073  -11.241 6.521   1.00 17.63  ? 6   ILE F CG1 1 
ATOM   1064 C CG2 . ILE F 1 7  ? -2.777  -9.893  5.204   1.00 17.85  ? 6   ILE F CG2 1 
ATOM   1065 C CD1 . ILE F 1 7  ? -0.847  -12.388 5.531   1.00 22.41  ? 6   ILE F CD1 1 
ATOM   1066 N N   . CYS F 1 8  ? -4.959  -9.325  7.923   1.00 17.35  ? 7   CYS F N   1 
ATOM   1067 C CA  . CYS F 1 8  ? -6.188  -8.524  7.950   1.00 13.78  ? 7   CYS F CA  1 
ATOM   1068 C C   . CYS F 1 8  ? -6.044  -7.328  8.918   1.00 16.09  ? 7   CYS F C   1 
ATOM   1069 O O   . CYS F 1 8  ? -6.445  -6.202  8.586   1.00 18.81  ? 7   CYS F O   1 
ATOM   1070 C CB  . CYS F 1 8  ? -7.354  -9.442  8.324   1.00 25.75  ? 7   CYS F CB  1 
ATOM   1071 S SG  . CYS F 1 8  ? -8.750  -8.668  9.180   1.00 50.47  ? 7   CYS F SG  1 
ATOM   1072 N N   . GLN F 1 9  ? -5.494  -7.556  10.105  1.00 19.02  ? 8   GLN F N   1 
ATOM   1073 C CA  . GLN F 1 9  ? -5.470  -6.498  11.133  1.00 16.02  ? 8   GLN F CA  1 
ATOM   1074 C C   . GLN F 1 9  ? -4.502  -5.360  10.730  1.00 24.38  ? 8   GLN F C   1 
ATOM   1075 O O   . GLN F 1 9  ? -4.748  -4.166  10.976  1.00 16.45  ? 8   GLN F O   1 
ATOM   1076 C CB  . GLN F 1 9  ? -5.091  -7.091  12.507  1.00 20.53  ? 8   GLN F CB  1 
ATOM   1077 C CG  . GLN F 1 9  ? -6.108  -8.099  13.052  1.00 26.80  ? 8   GLN F CG  1 
ATOM   1078 C CD  . GLN F 1 9  ? -7.475  -7.478  13.282  1.00 39.39  ? 8   GLN F CD  1 
ATOM   1079 O OE1 . GLN F 1 9  ? -8.493  -7.989  12.809  1.00 42.98  ? 8   GLN F OE1 1 
ATOM   1080 N NE2 . GLN F 1 9  ? -7.504  -6.359  14.000  1.00 35.13  ? 8   GLN F NE2 1 
ATOM   1081 N N   . GLU F 1 10 ? -3.413  -5.721  10.074  1.00 17.38  ? 9   GLU F N   1 
ATOM   1082 C CA  . GLU F 1 10 ? -2.456  -4.702  9.617   1.00 15.73  ? 9   GLU F CA  1 
ATOM   1083 C C   . GLU F 1 10 ? -3.014  -3.947  8.438   1.00 15.03  ? 9   GLU F C   1 
ATOM   1084 O O   . GLU F 1 10 ? -2.784  -2.752  8.311   1.00 16.32  ? 9   GLU F O   1 
ATOM   1085 C CB  . GLU F 1 10 ? -1.116  -5.316  9.242   1.00 17.50  ? 9   GLU F CB  1 
ATOM   1086 C CG  . GLU F 1 10 ? -0.326  -5.905  10.435  1.00 23.14  ? 9   GLU F CG  1 
ATOM   1087 C CD  . GLU F 1 10 ? -0.136  -4.902  11.576  1.00 41.61  ? 9   GLU F CD  1 
ATOM   1088 O OE1 . GLU F 1 10 ? 0.050   -3.674  11.322  1.00 31.94  ? 9   GLU F OE1 1 
ATOM   1089 O OE2 . GLU F 1 10 ? -0.169  -5.353  12.745  1.00 39.16  ? 9   GLU F OE2 1 
ATOM   1090 N N   . LEU F 1 11 ? -3.769  -4.601  7.566   1.00 16.43  ? 10  LEU F N   1 
ATOM   1091 C CA  . LEU F 1 11 ? -4.418  -3.808  6.504   1.00 12.07  ? 10  LEU F CA  1 
ATOM   1092 C C   . LEU F 1 11 ? -5.446  -2.832  7.091   1.00 16.99  ? 10  LEU F C   1 
ATOM   1093 O O   . LEU F 1 11 ? -5.605  -1.745  6.573   1.00 14.49  ? 10  LEU F O   1 
ATOM   1094 C CB  . LEU F 1 11 ? -5.114  -4.686  5.460   1.00 14.64  ? 10  LEU F CB  1 
ATOM   1095 C CG  . LEU F 1 11 ? -4.106  -5.425  4.573   1.00 20.98  ? 10  LEU F CG  1 
ATOM   1096 C CD1 . LEU F 1 11 ? -4.788  -6.569  3.867   1.00 18.66  ? 10  LEU F CD1 1 
ATOM   1097 C CD2 . LEU F 1 11 ? -3.424  -4.459  3.567   1.00 13.66  ? 10  LEU F CD2 1 
ATOM   1098 N N   . LYS F 1 12 ? -6.136  -3.216  8.162   1.00 14.55  ? 11  LYS F N   1 
ATOM   1099 C CA  . LYS F 1 12 ? -7.031  -2.253  8.829   1.00 14.65  ? 11  LYS F CA  1 
ATOM   1100 C C   . LYS F 1 12 ? -6.246  -1.058  9.347   1.00 15.47  ? 11  LYS F C   1 
ATOM   1101 O O   . LYS F 1 12 ? -6.694  0.079   9.227   1.00 18.55  ? 11  LYS F O   1 
ATOM   1102 C CB  . LYS F 1 12 ? -7.793  -2.915  10.011  1.00 19.65  ? 11  LYS F CB  1 
ATOM   1103 C CG  . LYS F 1 12 ? -8.852  -3.917  9.539   1.00 20.43  ? 11  LYS F CG  1 
ATOM   1104 C CD  . LYS F 1 12 ? -9.334  -4.729  10.755  1.00 26.63  ? 11  LYS F CD  1 
ATOM   1105 C CE  . LYS F 1 12 ? -10.450 -5.704  10.424  1.00 40.27  ? 11  LYS F CE  1 
ATOM   1106 N NZ  . LYS F 1 12 ? -10.765 -6.489  11.666  1.00 50.80  ? 11  LYS F NZ  1 
ATOM   1107 N N   . ALA F 1 13 ? -5.096  -1.327  9.947   1.00 18.86  ? 12  ALA F N   1 
ATOM   1108 C CA  . ALA F 1 13 ? -4.226  -0.299  10.460  1.00 20.39  ? 12  ALA F CA  1 
ATOM   1109 C C   . ALA F 1 13 ? -3.745  0.636   9.334   1.00 20.44  ? 12  ALA F C   1 
ATOM   1110 O O   . ALA F 1 13 ? -3.699  1.842   9.506   1.00 18.11  ? 12  ALA F O   1 
ATOM   1111 C CB  . ALA F 1 13 ? -3.045  -0.939  11.162  1.00 20.44  ? 12  ALA F CB  1 
ATOM   1112 N N   . ILE F 1 14 ? -3.385  0.083   8.173   1.00 14.75  ? 13  ILE F N   1 
ATOM   1113 C CA  . ILE F 1 14 ? -3.018  0.907   7.009   1.00 12.78  ? 13  ILE F CA  1 
ATOM   1114 C C   . ILE F 1 14 ? -4.173  1.747   6.498   1.00 16.68  ? 13  ILE F C   1 
ATOM   1115 O O   . ILE F 1 14 ? -4.000  2.918   6.183   1.00 14.04  ? 13  ILE F O   1 
ATOM   1116 C CB  . ILE F 1 14 ? -2.472  -0.034  5.878   1.00 11.96  ? 13  ILE F CB  1 
ATOM   1117 C CG1 . ILE F 1 14 ? -1.123  -0.583  6.353   1.00 10.26  ? 13  ILE F CG1 1 
ATOM   1118 C CG2 . ILE F 1 14 ? -2.401  0.705   4.518   1.00 13.08  ? 13  ILE F CG2 1 
ATOM   1119 C CD1 . ILE F 1 14 ? -0.661  -1.861  5.526   1.00 13.60  ? 13  ILE F CD1 1 
ATOM   1120 N N   . ALA F 1 15 ? -5.380  1.180   6.448   1.00 14.59  ? 14  ALA F N   1 
ATOM   1121 C CA  . ALA F 1 15 ? -6.513  1.944   5.931   1.00 13.99  ? 14  ALA F CA  1 
ATOM   1122 C C   . ALA F 1 15 ? -6.750  3.136   6.848   1.00 14.34  ? 14  ALA F C   1 
ATOM   1123 O O   . ALA F 1 15 ? -7.194  4.238   6.426   1.00 16.02  ? 14  ALA F O   1 
ATOM   1124 C CB  . ALA F 1 15 ? -7.784  1.057   5.926   1.00 13.03  ? 14  ALA F CB  1 
ATOM   1125 N N   . TRP F 1 16 ? -6.514  2.886   8.129   1.00 14.79  ? 15  TRP F N   1 
ATOM   1126 C CA  . TRP F 1 16 ? -6.769  3.911   9.164   1.00 17.79  ? 15  TRP F CA  1 
ATOM   1127 C C   . TRP F 1 16 ? -5.763  5.062   9.086   1.00 18.25  ? 15  TRP F C   1 
ATOM   1128 O O   . TRP F 1 16 ? -6.138  6.233   9.205   1.00 19.34  ? 15  TRP F O   1 
ATOM   1129 C CB  . TRP F 1 16 ? -6.762  3.248   10.544  1.00 21.80  ? 15  TRP F CB  1 
ATOM   1130 C CG  . TRP F 1 16 ? -7.388  4.030   11.629  1.00 32.01  ? 15  TRP F CG  1 
ATOM   1131 C CD1 . TRP F 1 16 ? -6.782  4.486   12.755  1.00 45.36  ? 15  TRP F CD1 1 
ATOM   1132 C CD2 . TRP F 1 16 ? -8.763  4.447   11.708  1.00 33.71  ? 15  TRP F CD2 1 
ATOM   1133 N NE1 . TRP F 1 16 ? -7.689  5.174   13.532  1.00 36.05  ? 15  TRP F NE1 1 
ATOM   1134 C CE2 . TRP F 1 16 ? -8.909  5.171   12.906  1.00 44.45  ? 15  TRP F CE2 1 
ATOM   1135 C CE3 . TRP F 1 16 ? -9.868  4.313   10.868  1.00 26.94  ? 15  TRP F CE3 1 
ATOM   1136 C CZ2 . TRP F 1 16 ? -10.133 5.735   13.296  1.00 39.28  ? 15  TRP F CZ2 1 
ATOM   1137 C CZ3 . TRP F 1 16 ? -11.080 4.871   11.253  1.00 41.98  ? 15  TRP F CZ3 1 
ATOM   1138 C CH2 . TRP F 1 16 ? -11.201 5.570   12.455  1.00 45.46  ? 15  TRP F CH2 1 
ATOM   1139 N N   . GLU F 1 17 ? -4.479  4.753   8.879   1.00 15.26  ? 16  GLU F N   1 
ATOM   1140 C CA  . GLU F 1 17 ? -3.486  5.800   8.642   1.00 16.78  ? 16  GLU F CA  1 
ATOM   1141 C C   . GLU F 1 17 ? -3.770  6.576   7.364   1.00 20.57  ? 16  GLU F C   1 
ATOM   1142 O O   . GLU F 1 17 ? -3.604  7.790   7.319   1.00 18.90  ? 16  GLU F O   1 
ATOM   1143 C CB  . GLU F 1 17 ? -2.066  5.230   8.588   1.00 15.55  ? 16  GLU F CB  1 
ATOM   1144 C CG  . GLU F 1 17 ? -1.614  4.513   9.830   1.00 18.32  ? 16  GLU F CG  1 
ATOM   1145 C CD  . GLU F 1 17 ? -1.655  5.399   11.083  1.00 32.42  ? 16  GLU F CD  1 
ATOM   1146 O OE1 . GLU F 1 17 ? -1.672  6.648   10.974  1.00 28.01  ? 16  GLU F OE1 1 
ATOM   1147 O OE2 . GLU F 1 17 ? -1.666  4.818   12.180  1.00 28.64  ? 16  GLU F OE2 1 
ATOM   1148 N N   . LEU F 1 18 ? -4.207  5.896   6.306   1.00 17.32  ? 17  LEU F N   1 
ATOM   1149 C CA  . LEU F 1 18 ? -4.551  6.588   5.076   1.00 16.63  ? 17  LEU F CA  1 
ATOM   1150 C C   . LEU F 1 18 ? -5.738  7.500   5.264   1.00 26.04  ? 17  LEU F C   1 
ATOM   1151 O O   . LEU F 1 18 ? -5.826  8.555   4.635   1.00 19.22  ? 17  LEU F O   1 
ATOM   1152 C CB  . LEU F 1 18 ? -4.850  5.615   3.944   1.00 14.01  ? 17  LEU F CB  1 
ATOM   1153 C CG  . LEU F 1 18 ? -3.575  4.944   3.444   1.00 15.53  ? 17  LEU F CG  1 
ATOM   1154 C CD1 . LEU F 1 18 ? -3.939  3.821   2.462   1.00 15.20  ? 17  LEU F CD1 1 
ATOM   1155 C CD2 . LEU F 1 18 ? -2.586  5.941   2.749   1.00 15.25  ? 17  LEU F CD2 1 
ATOM   1156 N N   . LYS F 1 19 ? -6.677  7.085   6.108   1.00 16.92  ? 18  LYS F N   1 
ATOM   1157 C CA  . LYS F 1 19 ? -7.790  7.967   6.422   1.00 19.83  ? 18  LYS F CA  1 
ATOM   1158 C C   . LYS F 1 19 ? -7.284  9.221   7.156   1.00 19.23  ? 18  LYS F C   1 
ATOM   1159 O O   . LYS F 1 19 ? -7.705  10.333  6.822   1.00 25.24  ? 18  LYS F O   1 
ATOM   1160 C CB  . LYS F 1 19 ? -8.870  7.213   7.227   1.00 19.29  ? 18  LYS F CB  1 
ATOM   1161 C CG  . LYS F 1 19 ? -10.172 8.017   7.355   1.00 27.44  ? 18  LYS F CG  1 
ATOM   1162 C CD  . LYS F 1 19 ? -11.207 7.262   8.211   1.00 29.49  ? 18  LYS F CD  1 
ATOM   1163 C CE  . LYS F 1 19 ? -11.791 6.091   7.447   1.00 36.48  ? 18  LYS F CE  1 
ATOM   1164 N NZ  . LYS F 1 19 ? -12.608 6.546   6.271   1.00 28.85  ? 18  LYS F NZ  1 
ATOM   1165 N N   . ALA F 1 20 ? -6.379  9.061   8.116   1.00 22.01  ? 19  ALA F N   1 
ATOM   1166 C CA  . ALA F 1 20 ? -5.845  10.236  8.797   1.00 22.28  ? 19  ALA F CA  1 
ATOM   1167 C C   . ALA F 1 20 ? -5.165  11.140  7.755   1.00 31.38  ? 19  ALA F C   1 
ATOM   1168 O O   . ALA F 1 20 ? -5.379  12.345  7.730   1.00 31.61  ? 19  ALA F O   1 
ATOM   1169 C CB  . ALA F 1 20 ? -4.878  9.834   9.843   1.00 24.55  ? 19  ALA F CB  1 
ATOM   1170 N N   . ILE F 1 21 ? -4.369  10.557  6.863   1.00 25.96  ? 20  ILE F N   1 
ATOM   1171 C CA  . ILE F 1 21 ? -3.687  11.374  5.837   1.00 20.80  ? 20  ILE F CA  1 
ATOM   1172 C C   . ILE F 1 21 ? -4.648  12.130  4.937   1.00 24.57  ? 20  ILE F C   1 
ATOM   1173 O O   . ILE F 1 21 ? -4.409  13.283  4.639   1.00 37.50  ? 20  ILE F O   1 
ATOM   1174 C CB  . ILE F 1 21 ? -2.724  10.519  4.974   1.00 21.44  ? 20  ILE F CB  1 
ATOM   1175 C CG1 . ILE F 1 21 ? -1.569  10.046  5.843   1.00 21.92  ? 20  ILE F CG1 1 
ATOM   1176 C CG2 . ILE F 1 21 ? -2.203  11.325  3.788   1.00 26.25  ? 20  ILE F CG2 1 
ATOM   1177 C CD1 . ILE F 1 21 ? -0.861  8.830   5.298   1.00 22.43  ? 20  ILE F CD1 1 
ATOM   1178 N N   . ALA F 1 22 ? -5.707  11.468  4.464   1.00 21.37  ? 21  ALA F N   1 
ATOM   1179 C CA  . ALA F 1 22 ? -6.668  12.067  3.546   1.00 28.66  ? 21  ALA F CA  1 
ATOM   1180 C C   . ALA F 1 22 ? -7.461  13.189  4.211   1.00 41.85  ? 21  ALA F C   1 
ATOM   1181 O O   . ALA F 1 22 ? -8.036  14.015  3.527   1.00 38.74  ? 21  ALA F O   1 
ATOM   1182 C CB  . ALA F 1 22 ? -7.672  11.016  3.046   1.00 23.66  ? 21  ALA F CB  1 
ATOM   1183 N N   . LYS F 1 23 ? -7.576  13.165  5.529   1.00 35.95  ? 22  LYS F N   1 
ATOM   1184 C CA  . LYS F 1 23 ? -8.415  14.167  6.195   1.00 40.36  ? 22  LYS F CA  1 
ATOM   1185 C C   . LYS F 1 23 ? -7.663  15.475  6.414   1.00 50.91  ? 22  LYS F C   1 
ATOM   1186 O O   . LYS F 1 23 ? -8.169  16.558  6.110   1.00 67.89  ? 22  LYS F O   1 
ATOM   1187 C CB  . LYS F 1 23 ? -8.981  13.612  7.500   1.00 40.23  ? 22  LYS F CB  1 
ATOM   1188 C CG  . LYS F 1 23 ? -9.536  12.188  7.365   1.00 57.24  ? 22  LYS F CG  1 
ATOM   1189 C CD  . LYS F 1 23 ? -10.486 11.992  6.176   1.00 38.17  ? 22  LYS F CD  1 
ATOM   1190 C CE  . LYS F 1 23 ? -11.943 12.119  6.620   1.00 46.23  ? 22  LYS F CE  1 
ATOM   1191 N NZ  . LYS F 1 23 ? -12.165 11.387  7.926   1.00 33.88  ? 22  LYS F NZ  1 
ATOM   1192 N N   . GLU F 1 24 ? -6.431  15.357  6.888   1.00 58.73  ? 23  GLU F N   1 
ATOM   1193 C CA  . GLU F 1 24 ? -5.625  16.519  7.231   1.00 74.15  ? 23  GLU F CA  1 
ATOM   1194 C C   . GLU F 1 24 ? -5.147  17.282  5.995   1.00 90.29  ? 23  GLU F C   1 
ATOM   1195 O O   . GLU F 1 24 ? -4.888  18.486  6.064   1.00 99.25  ? 23  GLU F O   1 
ATOM   1196 C CB  . GLU F 1 24 ? -4.419  16.080  8.050   1.00 65.47  ? 23  GLU F CB  1 
ATOM   1197 C CG  . GLU F 1 24 ? -3.294  15.523  7.201   1.00 59.11  ? 23  GLU F CG  1 
ATOM   1198 C CD  . GLU F 1 24 ? -2.406  14.557  7.963   1.00 90.25  ? 23  GLU F CD  1 
ATOM   1199 O OE1 . GLU F 1 24 ? -2.691  14.281  9.151   1.00 78.51  ? 23  GLU F OE1 1 
ATOM   1200 O OE2 . GLU F 1 24 ? -1.422  14.067  7.366   1.00 81.07  ? 23  GLU F OE2 1 
ATOM   1201 N N   . ASP F 1 25 ? -5.024  16.581  4.872   1.00 75.89  ? 24  ASP F N   1 
ATOM   1202 C CA  . ASP F 1 25 ? -4.504  17.186  3.647   1.00 91.53  ? 24  ASP F CA  1 
ATOM   1203 C C   . ASP F 1 25 ? -5.323  18.402  3.212   1.00 95.82  ? 24  ASP F C   1 
ATOM   1204 O O   . ASP F 1 25 ? -4.839  19.536  3.249   1.00 94.31  ? 24  ASP F O   1 
ATOM   1205 C CB  . ASP F 1 25 ? -4.439  16.153  2.515   1.00 99.36  ? 24  ASP F CB  1 
ATOM   1206 C CG  . ASP F 1 25 ? -3.290  15.164  2.685   1.00 97.87  ? 24  ASP F CG  1 
ATOM   1207 O OD1 . ASP F 1 25 ? -3.125  14.292  1.802   1.00 74.94  ? 24  ASP F OD1 1 
ATOM   1208 O OD2 . ASP F 1 25 ? -2.550  15.262  3.694   1.00 96.59  ? 24  ASP F OD2 1 
HETATM 1209 O O   . HOH G 2 .  ? 3.389   0.856   -11.989 1.00 24.24  ? 101 HOH A O   1 
HETATM 1210 O O   . HOH G 2 .  ? 8.605   -2.615  -9.167  1.00 22.46  ? 102 HOH A O   1 
HETATM 1211 O O   . HOH G 2 .  ? 3.709   -5.197  -12.759 1.00 28.35  ? 103 HOH A O   1 
HETATM 1212 O O   . HOH G 2 .  ? 4.640   -0.888  -13.552 1.00 39.98  ? 104 HOH A O   1 
HETATM 1213 O O   . HOH G 2 .  ? -1.613  -8.410  -12.393 1.00 34.94  ? 105 HOH A O   1 
HETATM 1214 O O   . HOH G 2 .  ? 4.659   12.647  -1.063  1.00 38.63  ? 106 HOH A O   1 
HETATM 1215 O O   . HOH G 2 .  ? 7.126   4.019   -15.721 1.00 38.14  ? 107 HOH A O   1 
HETATM 1216 O O   . HOH G 2 .  ? 5.732   -2.873  -12.615 1.00 34.32  ? 108 HOH A O   1 
HETATM 1217 O O   . HOH G 2 .  ? 8.277   -2.638  -12.306 1.00 41.43  ? 109 HOH A O   1 
HETATM 1218 O O   . HOH G 2 .  ? -10.294 -15.923 -6.560  1.00 37.19  ? 110 HOH A O   1 
HETATM 1219 O O   . HOH G 2 .  ? 9.766   -1.577  -13.714 1.00 39.82  ? 111 HOH A O   1 
HETATM 1220 O O   . HOH G 2 .  ? -1.159  -2.469  -12.769 1.00 39.06  ? 112 HOH A O   1 
HETATM 1221 O O   . HOH G 2 .  ? 3.874   -3.276  -14.418 1.00 53.55  ? 113 HOH A O   1 
HETATM 1222 O O   . HOH G 2 .  ? 6.516   5.502   -14.294 1.00 39.07  ? 114 HOH A O   1 
HETATM 1223 O O   . HOH G 2 .  ? 15.363  12.007  -6.567  1.00 40.27  ? 115 HOH A O   1 
HETATM 1224 O O   . HOH G 2 .  ? -1.714  -14.374 -13.383 1.00 46.78  ? 116 HOH A O   1 
HETATM 1225 O O   . HOH G 2 .  ? 16.665  3.574   -5.955  1.00 53.23  ? 117 HOH A O   1 
HETATM 1226 O O   . HOH G 2 .  ? 4.481   3.663   -14.941 1.00 54.68  ? 118 HOH A O   1 
HETATM 1227 O O   . HOH H 2 .  ? 11.903  -0.158  -2.876  1.00 23.04  ? 101 HOH B O   1 
HETATM 1228 O O   . HOH H 2 .  ? 11.673  7.459   7.434   1.00 29.74  ? 102 HOH B O   1 
HETATM 1229 O O   . HOH H 2 .  ? 19.048  6.696   6.982   1.00 30.54  ? 103 HOH B O   1 
HETATM 1230 O O   . HOH H 2 .  ? 14.419  6.303   8.165   1.00 34.34  ? 104 HOH B O   1 
HETATM 1231 O O   . HOH H 2 .  ? 12.342  -6.315  -1.974  1.00 26.36  ? 105 HOH B O   1 
HETATM 1232 O O   . HOH H 2 .  ? 10.122  -4.046  -6.487  1.00 36.29  ? 106 HOH B O   1 
HETATM 1233 O O   . HOH H 2 .  ? 11.849  -2.671  3.566   1.00 27.84  ? 107 HOH B O   1 
HETATM 1234 O O   . HOH H 2 .  ? 13.571  5.800   -3.800  1.00 57.89  ? 108 HOH B O   1 
HETATM 1235 O O   . HOH H 2 .  ? 9.627   -9.914  -5.672  1.00 39.44  ? 109 HOH B O   1 
HETATM 1236 O O   . HOH H 2 .  ? 20.512  5.000   8.575   1.00 30.64  ? 110 HOH B O   1 
HETATM 1237 O O   . HOH H 2 .  ? 13.432  -3.876  -0.651  1.00 40.05  ? 111 HOH B O   1 
HETATM 1238 O O   . HOH H 2 .  ? 15.402  6.509   -1.942  1.00 46.67  ? 112 HOH B O   1 
HETATM 1239 O O   . HOH H 2 .  ? 12.530  -6.319  -4.553  1.00 52.05  ? 113 HOH B O   1 
HETATM 1240 O O   . HOH H 2 .  ? 12.664  -12.478 4.357   1.00 55.89  ? 114 HOH B O   1 
HETATM 1241 O O   . HOH H 2 .  ? 14.270  -3.602  1.573   1.00 45.75  ? 115 HOH B O   1 
HETATM 1242 O O   . HOH H 2 .  ? 16.095  -1.852  1.038   1.00 43.16  ? 116 HOH B O   1 
HETATM 1243 O O   . HOH H 2 .  ? 14.953  -16.540 -4.372  1.00 61.72  ? 117 HOH B O   1 
HETATM 1244 O O   . HOH H 2 .  ? 16.458  -13.506 -3.170  1.00 54.67  ? 118 HOH B O   1 
HETATM 1245 O O   . HOH H 2 .  ? -0.724  -3.339  0.241   1.00 34.71  ? 119 HOH B O   1 
HETATM 1246 O O   . HOH I 2 .  ? -10.781 -16.781 4.448   1.00 33.11  ? 101 HOH C O   1 
HETATM 1247 O O   . HOH I 2 .  ? -11.957 4.114   2.610   1.00 28.57  ? 102 HOH C O   1 
HETATM 1248 O O   . HOH I 2 .  ? -11.451 9.665   4.280   1.00 39.10  ? 103 HOH C O   1 
HETATM 1249 O O   . HOH I 2 .  ? -11.582 -0.134  6.862   1.00 52.22  ? 104 HOH C O   1 
HETATM 1250 O O   . HOH I 2 .  ? -15.623 13.817  -6.056  1.00 40.04  ? 105 HOH C O   1 
HETATM 1251 O O   . HOH I 2 .  ? -12.537 -5.843  6.819   1.00 39.47  ? 106 HOH C O   1 
HETATM 1252 O O   . HOH I 2 .  ? -14.313 -1.683  2.481   1.00 31.17  ? 107 HOH C O   1 
HETATM 1253 O O   . HOH I 2 .  ? -12.565 0.892   -3.328  1.00 30.65  ? 108 HOH C O   1 
HETATM 1254 O O   . HOH I 2 .  ? -9.483  10.772  -7.564  1.00 37.67  ? 109 HOH C O   1 
HETATM 1255 O O   . HOH I 2 .  ? -11.816 2.477   -5.432  1.00 36.99  ? 110 HOH C O   1 
HETATM 1256 O O   . HOH I 2 .  ? -0.048  1.825   0.049   1.00 37.26  ? 111 HOH C O   1 
HETATM 1257 O O   . HOH I 2 .  ? 0.265   4.124   0.112   1.00 31.00  ? 112 HOH C O   1 
HETATM 1258 O O   . HOH I 2 .  ? -10.134 3.631   5.665   1.00 37.17  ? 113 HOH C O   1 
HETATM 1259 O O   . HOH I 2 .  ? -9.622  3.311   -6.127  1.00 35.93  ? 114 HOH C O   1 
HETATM 1260 O O   . HOH I 2 .  ? 0.669   6.329   0.170   1.00 37.20  ? 115 HOH C O   1 
HETATM 1261 O O   . HOH I 2 .  ? -14.809 -11.643 6.728   1.00 40.93  ? 116 HOH C O   1 
HETATM 1262 O O   . HOH I 2 .  ? -14.344 2.396   2.547   1.00 45.29  ? 117 HOH C O   1 
HETATM 1263 O O   . HOH I 2 .  ? -14.592 0.511   0.855   1.00 35.54  ? 118 HOH C O   1 
HETATM 1264 O O   . HOH I 2 .  ? -0.385  -0.412  0.202   1.00 40.96  ? 119 HOH C O   1 
HETATM 1265 O O   . HOH I 2 .  ? -14.589 0.225   4.025   1.00 46.49  ? 120 HOH C O   1 
HETATM 1266 O O   . HOH I 2 .  ? -10.357 -17.570 7.372   1.00 36.91  ? 121 HOH C O   1 
HETATM 1267 O O   . HOH I 2 .  ? -12.398 8.539   -10.841 1.00 41.77  ? 122 HOH C O   1 
HETATM 1268 O O   . HOH J 2 .  ? -7.899  3.172   -9.430  1.00 26.82  ? 101 HOH D O   1 
HETATM 1269 O O   . HOH J 2 .  ? -8.270  9.107   -8.858  1.00 39.63  ? 102 HOH D O   1 
HETATM 1270 O O   . HOH J 2 .  ? -9.348  -2.912  -10.625 1.00 28.81  ? 103 HOH D O   1 
HETATM 1271 O O   . HOH J 2 .  ? -12.709 -6.379  -6.076  1.00 37.07  ? 104 HOH D O   1 
HETATM 1272 O O   . HOH J 2 .  ? -5.785  -12.898 -7.889  1.00 41.19  ? 105 HOH D O   1 
HETATM 1273 O O   . HOH J 2 .  ? -6.977  -13.325 -10.110 1.00 46.73  ? 106 HOH D O   1 
HETATM 1274 O O   . HOH J 2 .  ? -11.881 -0.423  -5.956  1.00 44.48  ? 107 HOH D O   1 
HETATM 1275 O O   . HOH J 2 .  ? 6.418   9.018   -12.977 1.00 46.94  ? 108 HOH D O   1 
HETATM 1276 O O   . HOH J 2 .  ? -5.966  6.650   -12.010 1.00 40.18  ? 109 HOH D O   1 
HETATM 1277 O O   . HOH J 2 .  ? -8.572  -0.626  -11.288 1.00 44.45  ? 110 HOH D O   1 
HETATM 1278 O O   . HOH J 2 .  ? 1.425   1.111   -15.962 1.00 48.96  ? 111 HOH D O   1 
HETATM 1279 O O   . HOH J 2 .  ? -15.379 -9.473  -0.850  1.00 43.01  ? 112 HOH D O   1 
HETATM 1280 O O   . HOH J 2 .  ? 5.693   5.733   -12.212 1.00 43.44  ? 113 HOH D O   1 
HETATM 1281 O O   . HOH J 2 .  ? -11.858 -1.508  -8.871  1.00 48.70  ? 114 HOH D O   1 
HETATM 1282 O O   . HOH J 2 .  ? 2.271   5.884   -15.808 1.00 42.97  ? 115 HOH D O   1 
HETATM 1283 O O   . HOH J 2 .  ? -10.225 -17.078 -3.537  1.00 46.59  ? 116 HOH D O   1 
HETATM 1284 O O   . HOH J 2 .  ? 7.915   9.330   -15.644 1.00 62.21  ? 117 HOH D O   1 
HETATM 1285 O O   . HOH J 2 .  ? -12.631 -17.338 -2.462  1.00 44.46  ? 118 HOH D O   1 
HETATM 1286 O O   . HOH J 2 .  ? -1.390  -6.951  0.316   1.00 31.91  ? 119 HOH D O   1 
HETATM 1287 O O   . HOH J 2 .  ? -2.094  -10.507 0.421   1.00 34.86  ? 120 HOH D O   1 
HETATM 1288 O O   . HOH K 2 .  ? 11.497  -0.587  5.256   1.00 42.34  ? 101 HOH E O   1 
HETATM 1289 O O   . HOH K 2 .  ? 9.870   0.631   6.232   1.00 41.10  ? 102 HOH E O   1 
HETATM 1290 O O   . HOH K 2 .  ? 8.747   0.600   8.623   1.00 30.35  ? 103 HOH E O   1 
HETATM 1291 O O   . HOH K 2 .  ? 5.991   6.022   12.648  1.00 36.69  ? 104 HOH E O   1 
HETATM 1292 O O   . HOH K 2 .  ? 2.919   0.817   15.548  1.00 40.62  ? 105 HOH E O   1 
HETATM 1293 O O   . HOH K 2 .  ? 8.045   -5.214  10.577  1.00 29.62  ? 106 HOH E O   1 
HETATM 1294 O O   . HOH K 2 .  ? 11.106  -3.821  6.055   1.00 38.17  ? 107 HOH E O   1 
HETATM 1295 O O   . HOH K 2 .  ? 4.777   -7.029  15.319  1.00 41.05  ? 108 HOH E O   1 
HETATM 1296 O O   . HOH K 2 .  ? 2.989   -0.495  13.020  1.00 43.01  ? 109 HOH E O   1 
HETATM 1297 O O   . HOH K 2 .  ? 10.394  6.048   9.175   1.00 39.27  ? 110 HOH E O   1 
HETATM 1298 O O   . HOH K 2 .  ? 10.533  -3.392  8.418   1.00 68.53  ? 111 HOH E O   1 
HETATM 1299 O O   . HOH K 2 .  ? 9.675   -0.590  10.674  1.00 38.06  ? 112 HOH E O   1 
HETATM 1300 O O   . HOH K 2 .  ? 0.307   2.312   12.179  1.00 47.62  ? 113 HOH E O   1 
HETATM 1301 O O   . HOH K 2 .  ? 3.696   -19.012 5.229   1.00 44.87  ? 114 HOH E O   1 
HETATM 1302 O O   . HOH K 2 .  ? -3.682  7.667   12.489  1.00 57.57  ? 115 HOH E O   1 
HETATM 1303 O O   . HOH K 2 .  ? 12.847  -0.452  10.418  1.00 56.83  ? 116 HOH E O   1 
HETATM 1304 O O   . HOH K 2 .  ? 1.153   8.863   -0.034  1.00 53.79  ? 117 HOH E O   1 
HETATM 1305 O O   . HOH L 2 .  ? -3.949  -24.075 0.865   1.00 34.83  ? 101 HOH F O   1 
HETATM 1306 O O   . HOH L 2 .  ? 2.628   -20.250 6.700   1.00 30.90  ? 102 HOH F O   1 
HETATM 1307 O O   . HOH L 2 .  ? -3.549  2.687   12.151  1.00 28.33  ? 103 HOH F O   1 
HETATM 1308 O O   . HOH L 2 .  ? -5.503  -3.140  13.281  1.00 29.86  ? 104 HOH F O   1 
HETATM 1309 O O   . HOH L 2 .  ? 0.265   -1.563  13.152  1.00 34.78  ? 105 HOH F O   1 
HETATM 1310 O O   . HOH L 2 .  ? 1.407   -4.216  14.724  1.00 44.67  ? 106 HOH F O   1 
HETATM 1311 O O   . HOH L 2 .  ? -2.980  -13.781 14.470  1.00 43.27  ? 107 HOH F O   1 
HETATM 1312 O O   . HOH L 2 .  ? -9.577  0.677   9.120   1.00 32.96  ? 108 HOH F O   1 
HETATM 1313 O O   . HOH L 2 .  ? -2.931  -16.387 0.642   1.00 37.35  ? 109 HOH F O   1 
HETATM 1314 O O   . HOH L 2 .  ? -3.352  -18.910 0.719   0.50 48.63  ? 110 HOH F O   1 
HETATM 1315 O O   . HOH L 2 .  ? 0.792   -13.481 9.318   1.00 45.48  ? 111 HOH F O   1 
HETATM 1316 O O   . HOH L 2 .  ? -4.400  -18.132 9.011   1.00 29.84  ? 112 HOH F O   1 
HETATM 1317 O O   . HOH L 2 .  ? 2.028   -14.066 11.467  1.00 43.69  ? 113 HOH F O   1 
HETATM 1318 O O   . HOH L 2 .  ? -6.731  5.605   16.540  1.00 44.69  ? 114 HOH F O   1 
# 
